data_8E6W
#
_entry.id   8E6W
#
loop_
_entity.id
_entity.type
_entity.pdbx_description
1 polymer 'lambda-tR1 rut RNA'
2 polymer 'Transcription termination factor Rho'
3 non-polymer "ADENOSINE-5'-DIPHOSPHATE"
4 non-polymer 'MAGNESIUM ION'
5 non-polymer 'BERYLLIUM TRIFLUORIDE ION'
#
loop_
_entity_poly.entity_id
_entity_poly.type
_entity_poly.pdbx_seq_one_letter_code
_entity_poly.pdbx_strand_id
1 'polyribonucleotide' UAACCCCGCUCUUACACAUUCCAGCCCUGAAAAAGGGCAUCAAAUUAAACCACACCUAUG 8
2 'polypeptide(L)'
;MNLTELKNTPVSELITLGENMGLENLARMRKQDIIFAILKQHAKSGEDIFGDGVLEILQDGFGFLRSADSSYLAGPDDIY
VSPSQIRRFNLRTGDTISGKIRPPKEGERYFALLKVNEVNFDKPENARNKILFENLTPLHANSRLRMERGNGSTEDLTAR
VLDLASPIGRGQRGLIVAPPKAGKTMLLQNIAQSIAYNHPDCVLMVLLIDERPEEVTEMQRLVKGEVVASTFDEPASRHV
QVAEMVIEKAKRLVEHKKDVIILLDSITRLARAYNTVVPASGKVLTGGVDANALHRPKRFFGAARNVEEGGSLTIIATAL
IDTGSKMDEVIYEEFKGTGNMELHLSRKIAEKRVFPAIDYNRSGTRKEELLTTQEELQKMWILRKIIHPMGEIDAMEFLI
NKLAMTKTNDDFFEMMKRS
;
e,f,c,b,a,d
#
# COMPACT_ATOMS: atom_id res chain seq x y z
N MET B 1 35.46 2.03 52.59
CA MET B 1 34.02 1.82 52.44
C MET B 1 33.53 2.33 51.08
N ASN B 2 33.58 1.47 50.08
CA ASN B 2 33.15 1.80 48.73
C ASN B 2 31.99 0.89 48.32
N LEU B 3 31.08 1.44 47.50
CA LEU B 3 29.90 0.68 47.11
C LEU B 3 30.28 -0.47 46.17
N THR B 4 31.13 -0.19 45.18
CA THR B 4 31.52 -1.22 44.21
C THR B 4 32.31 -2.34 44.89
N GLU B 5 33.10 -2.01 45.91
CA GLU B 5 33.85 -3.05 46.62
C GLU B 5 32.90 -4.02 47.32
N LEU B 6 31.84 -3.50 47.94
CA LEU B 6 30.86 -4.37 48.57
C LEU B 6 30.00 -5.10 47.54
N LYS B 7 29.81 -4.51 46.36
CA LYS B 7 29.08 -5.18 45.29
C LYS B 7 29.86 -6.33 44.69
N ASN B 8 31.20 -6.23 44.66
CA ASN B 8 32.02 -7.29 44.10
C ASN B 8 32.20 -8.45 45.07
N THR B 9 32.00 -8.22 46.35
CA THR B 9 32.15 -9.29 47.34
C THR B 9 31.05 -10.33 47.16
N PRO B 10 31.35 -11.59 47.46
CA PRO B 10 30.33 -12.64 47.33
C PRO B 10 29.27 -12.55 48.41
N VAL B 11 28.24 -13.39 48.27
CA VAL B 11 27.10 -13.35 49.19
C VAL B 11 27.49 -13.94 50.53
N SER B 12 28.29 -15.01 50.53
CA SER B 12 28.62 -15.71 51.76
C SER B 12 29.43 -14.83 52.70
N GLU B 13 30.43 -14.13 52.17
CA GLU B 13 31.25 -13.25 53.00
C GLU B 13 30.43 -12.07 53.54
N LEU B 14 29.51 -11.54 52.74
CA LEU B 14 28.66 -10.46 53.22
C LEU B 14 27.72 -10.94 54.32
N ILE B 15 27.17 -12.15 54.18
CA ILE B 15 26.32 -12.71 55.23
C ILE B 15 27.12 -12.90 56.50
N THR B 16 28.34 -13.41 56.37
CA THR B 16 29.19 -13.62 57.54
C THR B 16 29.52 -12.30 58.23
N LEU B 17 29.85 -11.28 57.45
CA LEU B 17 30.16 -9.96 58.01
C LEU B 17 28.94 -9.37 58.72
N GLY B 18 27.76 -9.49 58.10
CA GLY B 18 26.56 -8.99 58.73
C GLY B 18 26.21 -9.71 60.01
N GLU B 19 26.41 -11.03 60.05
CA GLU B 19 26.18 -11.78 61.27
C GLU B 19 27.18 -11.41 62.35
N ASN B 20 28.43 -11.12 61.96
CA ASN B 20 29.40 -10.65 62.94
C ASN B 20 29.08 -9.27 63.46
N MET B 21 28.48 -8.41 62.63
CA MET B 21 28.12 -7.07 63.07
C MET B 21 26.94 -7.09 64.03
N GLY B 22 26.22 -8.20 64.12
CA GLY B 22 25.11 -8.32 65.05
C GLY B 22 23.84 -7.64 64.56
N LEU B 23 23.30 -8.11 63.45
CA LEU B 23 22.06 -7.58 62.88
C LEU B 23 21.07 -8.71 62.69
N GLU B 24 19.96 -8.40 62.02
CA GLU B 24 18.94 -9.41 61.74
C GLU B 24 19.50 -10.46 60.80
N ASN B 25 18.88 -11.65 60.82
CA ASN B 25 19.30 -12.77 60.00
C ASN B 25 19.37 -12.38 58.54
N LEU B 26 20.58 -12.47 57.97
CA LEU B 26 20.82 -12.07 56.59
C LEU B 26 20.75 -13.21 55.60
N ALA B 27 20.57 -14.44 56.07
CA ALA B 27 20.45 -15.57 55.15
C ALA B 27 19.21 -15.45 54.28
N ARG B 28 18.07 -15.07 54.87
CA ARG B 28 16.84 -14.82 54.14
C ARG B 28 16.72 -13.34 53.78
N MET B 29 17.75 -12.79 53.15
CA MET B 29 17.77 -11.38 52.79
C MET B 29 18.49 -11.21 51.45
N ARG B 30 18.12 -10.16 50.73
CA ARG B 30 18.77 -9.86 49.46
C ARG B 30 20.16 -9.28 49.70
N LYS B 31 21.04 -9.47 48.72
CA LYS B 31 22.41 -8.96 48.83
C LYS B 31 22.42 -7.45 48.94
N GLN B 32 21.55 -6.77 48.20
CA GLN B 32 21.48 -5.32 48.28
C GLN B 32 21.01 -4.87 49.66
N ASP B 33 20.03 -5.56 50.23
CA ASP B 33 19.58 -5.24 51.59
C ASP B 33 20.68 -5.52 52.61
N ILE B 34 21.46 -6.58 52.39
CA ILE B 34 22.59 -6.88 53.28
C ILE B 34 23.60 -5.75 53.23
N ILE B 35 23.94 -5.28 52.02
CA ILE B 35 24.89 -4.19 51.89
C ILE B 35 24.35 -2.92 52.53
N PHE B 36 23.05 -2.66 52.36
CA PHE B 36 22.44 -1.49 52.96
C PHE B 36 22.51 -1.53 54.48
N ALA B 37 22.19 -2.69 55.06
CA ALA B 37 22.26 -2.83 56.51
C ALA B 37 23.69 -2.71 57.03
N ILE B 38 24.65 -3.27 56.28
CA ILE B 38 26.05 -3.15 56.68
C ILE B 38 26.49 -1.69 56.64
N LEU B 39 26.09 -0.95 55.62
CA LEU B 39 26.44 0.46 55.53
C LEU B 39 25.81 1.25 56.67
N LYS B 40 24.54 0.95 56.99
CA LYS B 40 23.89 1.61 58.11
C LYS B 40 24.64 1.35 59.42
N GLN B 41 24.97 0.08 59.68
CA GLN B 41 25.65 -0.26 60.92
C GLN B 41 27.04 0.34 60.99
N HIS B 42 27.71 0.46 59.85
CA HIS B 42 29.05 1.05 59.84
C HIS B 42 29.00 2.56 59.99
N ALA B 43 27.95 3.20 59.49
CA ALA B 43 27.79 4.63 59.68
C ALA B 43 27.28 5.01 61.06
N LYS B 44 26.61 4.08 61.75
CA LYS B 44 26.21 4.34 63.12
C LYS B 44 27.42 4.49 64.04
N SER B 45 28.56 3.89 63.67
CA SER B 45 29.78 4.02 64.45
C SER B 45 30.50 5.34 64.22
N GLY B 46 30.08 6.11 63.22
CA GLY B 46 30.69 7.40 62.93
C GLY B 46 31.62 7.43 61.74
N GLU B 47 31.91 6.28 61.12
CA GLU B 47 32.81 6.25 59.98
C GLU B 47 32.11 6.79 58.73
N ASP B 48 32.92 7.15 57.74
CA ASP B 48 32.42 7.71 56.50
C ASP B 48 32.19 6.62 55.47
N ILE B 49 31.25 6.88 54.56
CA ILE B 49 30.92 5.97 53.47
C ILE B 49 31.11 6.69 52.15
N PHE B 50 31.69 5.98 51.18
CA PHE B 50 31.97 6.54 49.86
C PHE B 50 31.25 5.73 48.80
N GLY B 51 30.87 6.40 47.71
CA GLY B 51 30.19 5.77 46.60
C GLY B 51 30.56 6.44 45.30
N ASP B 52 30.03 5.90 44.21
CA ASP B 52 30.30 6.43 42.88
C ASP B 52 29.21 5.94 41.93
N GLY B 53 29.18 6.53 40.75
CA GLY B 53 28.20 6.15 39.74
C GLY B 53 28.03 7.24 38.72
N VAL B 54 27.27 6.92 37.68
CA VAL B 54 26.99 7.85 36.59
C VAL B 54 25.73 8.64 36.93
N LEU B 55 25.80 9.95 36.73
CA LEU B 55 24.69 10.83 37.10
C LEU B 55 23.58 10.77 36.05
N GLU B 56 22.34 10.72 36.52
CA GLU B 56 21.14 10.72 35.66
C GLU B 56 20.21 11.80 36.19
N ILE B 57 20.32 13.00 35.63
CA ILE B 57 19.48 14.11 36.08
C ILE B 57 18.05 13.90 35.61
N LEU B 58 17.11 13.96 36.54
CA LEU B 58 15.70 13.80 36.21
C LEU B 58 15.13 15.10 35.66
N GLN B 59 13.88 15.03 35.20
CA GLN B 59 13.23 16.20 34.63
C GLN B 59 12.88 17.23 35.70
N ASP B 60 12.64 16.79 36.93
CA ASP B 60 12.28 17.73 37.99
C ASP B 60 13.46 18.60 38.40
N GLY B 61 14.66 18.02 38.44
CA GLY B 61 15.84 18.76 38.80
C GLY B 61 16.84 17.98 39.63
N PHE B 62 16.39 16.90 40.25
CA PHE B 62 17.25 16.04 41.05
C PHE B 62 17.82 14.93 40.16
N GLY B 63 18.53 13.99 40.77
CA GLY B 63 19.13 12.91 40.00
C GLY B 63 19.64 11.82 40.90
N PHE B 64 20.10 10.74 40.26
CA PHE B 64 20.66 9.59 40.96
C PHE B 64 21.97 9.19 40.32
N LEU B 65 22.71 8.31 41.00
CA LEU B 65 23.98 7.78 40.52
C LEU B 65 23.76 6.31 40.18
N ARG B 66 23.50 6.04 38.90
CA ARG B 66 23.28 4.67 38.45
C ARG B 66 24.58 3.86 38.52
N SER B 67 24.43 2.54 38.54
CA SER B 67 25.55 1.62 38.59
C SER B 67 25.69 0.90 37.26
N ALA B 68 26.93 0.55 36.91
CA ALA B 68 27.20 -0.08 35.62
C ALA B 68 26.91 -1.58 35.65
N ASP B 69 27.01 -2.22 36.81
CA ASP B 69 26.78 -3.66 36.90
C ASP B 69 25.31 -4.02 36.73
N SER B 70 24.40 -3.06 36.87
CA SER B 70 22.97 -3.29 36.72
C SER B 70 22.41 -2.69 35.44
N SER B 71 23.28 -2.36 34.49
CA SER B 71 22.88 -1.78 33.20
C SER B 71 22.07 -0.49 33.40
N TYR B 72 22.49 0.31 34.38
CA TYR B 72 21.88 1.61 34.67
C TYR B 72 20.39 1.47 34.97
N LEU B 73 20.06 0.45 35.76
CA LEU B 73 18.69 0.21 36.17
C LEU B 73 18.42 0.88 37.52
N ALA B 74 17.18 1.31 37.71
CA ALA B 74 16.79 1.98 38.95
C ALA B 74 16.91 1.03 40.14
N GLY B 75 17.85 1.32 41.02
CA GLY B 75 18.08 0.48 42.18
C GLY B 75 17.82 1.21 43.49
N PRO B 76 17.59 0.44 44.55
CA PRO B 76 17.37 1.09 45.86
C PRO B 76 18.61 1.74 46.42
N ASP B 77 19.80 1.33 45.99
CA ASP B 77 21.06 1.86 46.50
C ASP B 77 21.57 3.04 45.68
N ASP B 78 20.70 3.72 44.94
CA ASP B 78 21.11 4.88 44.17
C ASP B 78 21.35 6.06 45.10
N ILE B 79 22.38 6.84 44.78
CA ILE B 79 22.75 7.99 45.60
C ILE B 79 21.98 9.22 45.10
N TYR B 80 21.20 9.81 45.99
CA TYR B 80 20.45 11.01 45.64
C TYR B 80 21.37 12.21 45.49
N VAL B 81 21.14 13.00 44.45
CA VAL B 81 21.93 14.20 44.17
C VAL B 81 20.98 15.38 44.17
N SER B 82 21.13 16.27 45.15
CA SER B 82 20.26 17.42 45.27
C SER B 82 20.49 18.38 44.09
N PRO B 83 19.44 19.10 43.66
CA PRO B 83 19.64 20.07 42.57
C PRO B 83 20.53 21.24 42.96
N SER B 84 20.65 21.52 44.26
CA SER B 84 21.52 22.61 44.71
C SER B 84 22.96 22.33 44.32
N GLN B 85 23.45 21.11 44.58
CA GLN B 85 24.81 20.76 44.19
C GLN B 85 24.96 20.73 42.67
N ILE B 86 23.90 20.32 41.97
CA ILE B 86 23.95 20.31 40.50
C ILE B 86 24.14 21.73 39.97
N ARG B 87 23.44 22.68 40.58
CA ARG B 87 23.47 24.11 40.21
C ARG B 87 24.79 24.74 40.68
N ARG B 88 25.42 24.18 41.71
CA ARG B 88 26.68 24.71 42.29
C ARG B 88 27.90 24.23 41.50
N PHE B 89 27.84 23.01 40.94
CA PHE B 89 28.96 22.44 40.21
C PHE B 89 28.67 22.28 38.72
N ASN B 90 27.50 22.72 38.24
CA ASN B 90 27.12 22.63 36.84
C ASN B 90 27.21 21.19 36.34
N LEU B 91 26.59 20.28 37.09
CA LEU B 91 26.59 18.87 36.73
C LEU B 91 25.54 18.58 35.66
N ARG B 92 25.86 17.62 34.80
CA ARG B 92 24.96 17.21 33.73
C ARG B 92 24.89 15.69 33.69
N THR B 93 23.94 15.17 32.92
CA THR B 93 23.77 13.73 32.79
C THR B 93 24.98 13.11 32.13
N GLY B 94 25.61 12.17 32.84
CA GLY B 94 26.79 11.48 32.36
C GLY B 94 28.05 11.75 33.16
N ASP B 95 28.06 12.79 33.98
CA ASP B 95 29.24 13.13 34.78
C ASP B 95 29.46 12.06 35.85
N THR B 96 30.64 11.45 35.86
CA THR B 96 30.99 10.48 36.89
C THR B 96 31.31 11.22 38.18
N ILE B 97 30.57 10.92 39.24
CA ILE B 97 30.72 11.59 40.53
C ILE B 97 31.13 10.55 41.57
N SER B 98 32.15 10.87 42.35
CA SER B 98 32.64 9.99 43.41
C SER B 98 32.89 10.85 44.65
N GLY B 99 32.09 10.63 45.69
CA GLY B 99 32.24 11.41 46.91
C GLY B 99 31.65 10.70 48.10
N LYS B 100 31.74 11.35 49.25
CA LYS B 100 31.23 10.78 50.48
C LYS B 100 29.70 10.75 50.46
N ILE B 101 29.13 9.66 50.97
CA ILE B 101 27.69 9.48 51.03
C ILE B 101 27.30 9.12 52.46
N ARG B 102 26.01 9.22 52.74
CA ARG B 102 25.45 8.92 54.05
C ARG B 102 24.17 8.12 53.88
N PRO B 103 23.88 7.21 54.81
CA PRO B 103 22.63 6.44 54.73
C PRO B 103 21.43 7.35 54.88
N PRO B 104 20.27 6.96 54.36
CA PRO B 104 19.08 7.80 54.47
C PRO B 104 18.56 7.85 55.90
N LYS B 105 18.16 9.05 56.32
CA LYS B 105 17.62 9.25 57.66
C LYS B 105 16.15 8.84 57.69
N GLU B 106 15.46 9.18 58.77
CA GLU B 106 14.04 8.86 58.89
C GLU B 106 13.24 9.70 57.89
N GLY B 107 12.51 9.02 57.00
CA GLY B 107 11.76 9.69 55.97
C GLY B 107 12.46 9.78 54.63
N GLU B 108 13.66 9.21 54.50
CA GLU B 108 14.39 9.20 53.25
C GLU B 108 14.56 7.77 52.76
N ARG B 109 14.81 7.63 51.46
CA ARG B 109 14.92 6.31 50.84
C ARG B 109 16.21 6.10 50.07
N TYR B 110 17.06 7.11 49.93
CA TYR B 110 18.27 7.00 49.14
C TYR B 110 19.41 7.73 49.84
N PHE B 111 20.65 7.34 49.49
CA PHE B 111 21.82 7.96 50.07
C PHE B 111 21.97 9.38 49.55
N ALA B 112 22.46 10.27 50.42
CA ALA B 112 22.68 11.66 50.07
C ALA B 112 24.16 11.93 49.83
N LEU B 113 24.44 12.93 49.02
CA LEU B 113 25.81 13.31 48.68
C LEU B 113 26.19 14.56 49.46
N LEU B 114 27.28 14.46 50.24
CA LEU B 114 27.75 15.58 51.05
C LEU B 114 28.83 16.38 50.33
N LYS B 115 29.92 15.72 49.95
CA LYS B 115 31.05 16.39 49.31
C LYS B 115 31.54 15.53 48.14
N VAL B 116 31.69 16.16 46.98
CA VAL B 116 32.17 15.47 45.79
C VAL B 116 33.70 15.54 45.78
N ASN B 117 34.34 14.39 45.57
CA ASN B 117 35.80 14.31 45.61
C ASN B 117 36.42 14.29 44.22
N GLU B 118 35.81 13.57 43.27
CA GLU B 118 36.38 13.42 41.94
C GLU B 118 35.27 13.46 40.90
N VAL B 119 35.47 14.24 39.85
CA VAL B 119 34.50 14.40 38.77
C VAL B 119 35.11 13.90 37.48
N ASN B 120 34.45 12.94 36.85
CA ASN B 120 34.90 12.37 35.57
C ASN B 120 36.32 11.83 35.68
N PHE B 121 36.63 11.20 36.81
CA PHE B 121 37.96 10.64 37.08
C PHE B 121 39.04 11.72 36.96
N ASP B 122 38.71 12.92 37.42
CA ASP B 122 39.62 14.05 37.34
C ASP B 122 39.24 15.06 38.42
N LYS B 123 40.08 16.08 38.58
CA LYS B 123 39.82 17.10 39.57
C LYS B 123 38.64 17.97 39.13
N PRO B 124 37.82 18.44 40.08
CA PRO B 124 36.71 19.34 39.70
C PRO B 124 37.20 20.65 39.12
N GLU B 125 38.41 21.09 39.44
CA GLU B 125 38.93 22.33 38.89
C GLU B 125 39.20 22.20 37.38
N ASN B 126 39.43 20.98 36.90
CA ASN B 126 39.58 20.77 35.47
C ASN B 126 38.26 20.52 34.77
N ALA B 127 37.22 20.14 35.50
CA ALA B 127 35.90 19.89 34.92
C ALA B 127 35.04 21.14 34.90
N ARG B 128 35.27 22.07 35.81
CA ARG B 128 34.49 23.31 35.83
C ARG B 128 34.73 24.13 34.57
N ASN B 129 35.93 24.07 34.01
CA ASN B 129 36.27 24.77 32.78
C ASN B 129 36.47 23.72 31.68
N LYS B 130 35.50 23.60 30.79
CA LYS B 130 35.55 22.61 29.73
C LYS B 130 34.70 23.07 28.56
N ILE B 131 35.00 22.53 27.38
CA ILE B 131 34.28 22.84 26.16
C ILE B 131 33.24 21.76 25.92
N LEU B 132 32.02 22.18 25.59
CA LEU B 132 30.94 21.23 25.36
C LEU B 132 31.21 20.38 24.13
N PHE B 133 30.55 19.23 24.08
CA PHE B 133 30.73 18.32 22.94
C PHE B 133 30.12 18.88 21.67
N GLU B 134 29.08 19.71 21.79
CA GLU B 134 28.44 20.30 20.62
C GLU B 134 29.29 21.37 19.94
N ASN B 135 30.36 21.82 20.59
CA ASN B 135 31.22 22.86 20.03
C ASN B 135 32.52 22.32 19.46
N LEU B 136 32.83 21.05 19.66
CA LEU B 136 34.08 20.48 19.15
C LEU B 136 34.03 20.38 17.63
N THR B 137 35.15 20.68 17.00
CA THR B 137 35.23 20.67 15.55
C THR B 137 35.37 19.24 15.03
N PRO B 138 34.43 18.75 14.23
CA PRO B 138 34.56 17.38 13.71
C PRO B 138 35.68 17.29 12.67
N LEU B 139 36.15 16.06 12.47
CA LEU B 139 37.18 15.78 11.48
C LEU B 139 37.02 14.33 11.01
N HIS B 140 37.73 14.00 9.94
CA HIS B 140 37.72 12.64 9.42
C HIS B 140 38.65 11.76 10.24
N ALA B 141 38.55 10.45 10.01
CA ALA B 141 39.41 9.49 10.70
C ALA B 141 40.86 9.69 10.30
N ASN B 142 41.69 10.06 11.28
CA ASN B 142 43.11 10.29 11.05
C ASN B 142 43.97 9.16 11.59
N SER B 143 43.80 8.79 12.85
CA SER B 143 44.57 7.71 13.43
C SER B 143 44.07 6.35 12.96
N ARG B 144 44.99 5.45 12.67
CA ARG B 144 44.66 4.13 12.18
C ARG B 144 44.47 3.17 13.35
N LEU B 145 43.29 2.55 13.43
CA LEU B 145 43.00 1.53 14.44
C LEU B 145 43.09 0.16 13.76
N ARG B 146 44.30 -0.36 13.68
CA ARG B 146 44.53 -1.65 13.02
C ARG B 146 43.91 -2.77 13.84
N MET B 147 43.19 -3.67 13.16
CA MET B 147 42.49 -4.76 13.79
C MET B 147 43.24 -6.09 13.70
N GLU B 148 44.35 -6.13 12.97
CA GLU B 148 45.09 -7.37 12.79
C GLU B 148 45.79 -7.76 14.09
N ARG B 149 45.62 -9.02 14.50
CA ARG B 149 46.27 -9.52 15.70
C ARG B 149 47.78 -9.56 15.54
N GLY B 150 48.26 -10.29 14.54
CA GLY B 150 49.68 -10.45 14.32
C GLY B 150 50.28 -11.68 14.95
N ASN B 151 49.52 -12.44 15.74
CA ASN B 151 50.02 -13.64 16.39
C ASN B 151 49.94 -14.88 15.51
N GLY B 152 49.46 -14.74 14.27
CA GLY B 152 49.37 -15.88 13.39
C GLY B 152 48.31 -16.89 13.75
N SER B 153 47.29 -16.47 14.49
CA SER B 153 46.21 -17.38 14.89
C SER B 153 45.26 -17.61 13.73
N THR B 154 44.53 -18.73 13.80
CA THR B 154 43.56 -19.05 12.75
C THR B 154 42.37 -18.09 12.77
N GLU B 155 42.06 -17.52 13.94
CA GLU B 155 40.96 -16.57 14.02
C GLU B 155 41.33 -15.19 13.49
N ASP B 156 42.63 -14.94 13.27
CA ASP B 156 43.07 -13.66 12.73
C ASP B 156 42.68 -13.46 11.27
N LEU B 157 42.18 -14.51 10.60
CA LEU B 157 41.77 -14.37 9.21
C LEU B 157 40.61 -13.38 9.07
N THR B 158 39.68 -13.39 10.03
CA THR B 158 38.58 -12.45 9.99
C THR B 158 39.07 -11.01 10.10
N ALA B 159 40.00 -10.76 11.03
CA ALA B 159 40.54 -9.41 11.19
C ALA B 159 41.32 -8.99 9.96
N ARG B 160 42.05 -9.93 9.35
CA ARG B 160 42.80 -9.60 8.13
C ARG B 160 41.86 -9.25 6.98
N VAL B 161 40.79 -10.01 6.82
CA VAL B 161 39.81 -9.70 5.78
C VAL B 161 39.13 -8.37 6.04
N LEU B 162 38.85 -8.08 7.32
CA LEU B 162 38.24 -6.80 7.66
C LEU B 162 39.17 -5.64 7.35
N ASP B 163 40.46 -5.80 7.63
CA ASP B 163 41.43 -4.75 7.33
C ASP B 163 41.59 -4.57 5.82
N LEU B 164 41.57 -5.67 5.06
CA LEU B 164 41.68 -5.56 3.62
C LEU B 164 40.41 -5.01 2.98
N ALA B 165 39.27 -5.14 3.66
CA ALA B 165 38.01 -4.67 3.08
C ALA B 165 37.68 -3.25 3.53
N SER B 166 37.78 -2.99 4.82
CA SER B 166 37.38 -1.68 5.37
C SER B 166 38.20 -1.40 6.63
N PRO B 167 39.32 -0.69 6.49
CA PRO B 167 40.06 -0.29 7.68
C PRO B 167 39.27 0.70 8.52
N ILE B 168 39.44 0.59 9.84
CA ILE B 168 38.68 1.37 10.80
C ILE B 168 39.64 2.30 11.54
N GLY B 169 39.26 3.57 11.65
CA GLY B 169 40.04 4.56 12.37
C GLY B 169 39.24 5.18 13.50
N ARG B 170 39.88 6.10 14.22
CA ARG B 170 39.24 6.78 15.33
C ARG B 170 38.18 7.75 14.80
N GLY B 171 37.00 7.71 15.42
CA GLY B 171 35.90 8.56 14.99
C GLY B 171 35.09 8.03 13.84
N GLN B 172 35.31 6.78 13.43
CA GLN B 172 34.59 6.22 12.30
C GLN B 172 33.12 5.95 12.68
N ARG B 173 32.24 6.11 11.69
CA ARG B 173 30.80 5.90 11.85
C ARG B 173 30.35 4.94 10.75
N GLY B 174 30.43 3.64 11.02
CA GLY B 174 30.14 2.62 10.06
C GLY B 174 28.86 1.85 10.35
N LEU B 175 28.60 0.89 9.47
CA LEU B 175 27.41 0.04 9.57
C LEU B 175 27.77 -1.38 9.15
N ILE B 176 27.28 -2.35 9.92
CA ILE B 176 27.48 -3.76 9.60
C ILE B 176 26.13 -4.30 9.12
N VAL B 177 25.93 -4.27 7.81
CA VAL B 177 24.69 -4.73 7.20
C VAL B 177 24.80 -6.23 6.94
N ALA B 178 23.83 -6.99 7.46
CA ALA B 178 23.86 -8.43 7.34
C ALA B 178 22.48 -8.99 7.60
N PRO B 179 22.00 -9.92 6.80
CA PRO B 179 20.74 -10.61 7.09
C PRO B 179 20.88 -11.49 8.32
N PRO B 180 19.77 -11.93 8.92
CA PRO B 180 19.87 -12.81 10.09
C PRO B 180 20.50 -14.14 9.74
N LYS B 181 21.03 -14.80 10.77
CA LYS B 181 21.69 -16.09 10.65
C LYS B 181 22.88 -16.02 9.69
N ALA B 182 23.67 -14.95 9.79
CA ALA B 182 24.84 -14.77 8.94
C ALA B 182 26.16 -14.93 9.70
N GLY B 183 26.17 -14.67 10.99
CA GLY B 183 27.40 -14.75 11.77
C GLY B 183 27.79 -13.44 12.40
N LYS B 184 26.78 -12.60 12.68
CA LYS B 184 27.05 -11.29 13.27
C LYS B 184 27.63 -11.43 14.67
N THR B 185 27.21 -12.45 15.41
CA THR B 185 27.67 -12.61 16.78
C THR B 185 29.16 -12.91 16.82
N MET B 186 29.61 -13.90 16.05
CA MET B 186 31.02 -14.25 16.02
C MET B 186 31.87 -13.09 15.49
N LEU B 187 31.35 -12.38 14.48
CA LEU B 187 32.09 -11.25 13.94
C LEU B 187 32.24 -10.14 14.97
N LEU B 188 31.18 -9.84 15.72
CA LEU B 188 31.26 -8.82 16.76
C LEU B 188 32.20 -9.25 17.87
N GLN B 189 32.17 -10.54 18.24
CA GLN B 189 33.09 -11.05 19.26
C GLN B 189 34.53 -10.90 18.80
N ASN B 190 34.81 -11.24 17.54
CA ASN B 190 36.16 -11.12 17.03
C ASN B 190 36.61 -9.66 16.99
N ILE B 191 35.71 -8.75 16.59
CA ILE B 191 36.05 -7.34 16.55
C ILE B 191 36.36 -6.84 17.96
N ALA B 192 35.53 -7.21 18.94
CA ALA B 192 35.76 -6.76 20.30
C ALA B 192 37.07 -7.31 20.86
N GLN B 193 37.37 -8.58 20.59
CA GLN B 193 38.61 -9.16 21.07
C GLN B 193 39.82 -8.51 20.42
N SER B 194 39.74 -8.23 19.12
CA SER B 194 40.85 -7.55 18.44
C SER B 194 41.04 -6.14 18.95
N ILE B 195 39.95 -5.44 19.27
CA ILE B 195 40.07 -4.09 19.82
C ILE B 195 40.70 -4.15 21.20
N ALA B 196 40.28 -5.10 22.04
CA ALA B 196 40.83 -5.21 23.38
C ALA B 196 42.29 -5.66 23.36
N TYR B 197 42.69 -6.41 22.35
CA TYR B 197 44.07 -6.89 22.26
C TYR B 197 45.02 -5.87 21.67
N ASN B 198 44.63 -5.25 20.55
CA ASN B 198 45.52 -4.32 19.86
C ASN B 198 45.54 -2.94 20.53
N HIS B 199 44.37 -2.43 20.92
CA HIS B 199 44.25 -1.10 21.51
C HIS B 199 43.57 -1.22 22.88
N PRO B 200 44.31 -1.64 23.90
CA PRO B 200 43.72 -1.75 25.24
C PRO B 200 43.48 -0.40 25.93
N ASP B 201 44.06 0.69 25.40
CA ASP B 201 43.90 2.00 26.02
C ASP B 201 42.54 2.62 25.74
N CYS B 202 41.86 2.21 24.67
CA CYS B 202 40.58 2.78 24.32
C CYS B 202 39.48 2.23 25.22
N VAL B 203 38.47 3.06 25.47
CA VAL B 203 37.33 2.66 26.31
C VAL B 203 36.32 1.95 25.42
N LEU B 204 36.19 0.63 25.62
CA LEU B 204 35.29 -0.20 24.83
C LEU B 204 33.96 -0.35 25.56
N MET B 205 32.87 -0.07 24.85
CA MET B 205 31.51 -0.19 25.39
C MET B 205 30.66 -0.94 24.39
N VAL B 206 30.09 -2.06 24.81
CA VAL B 206 29.26 -2.90 23.96
C VAL B 206 27.81 -2.74 24.42
N LEU B 207 26.96 -2.25 23.52
CA LEU B 207 25.55 -2.03 23.80
C LEU B 207 24.73 -3.09 23.08
N LEU B 208 23.96 -3.87 23.85
CA LEU B 208 23.11 -4.93 23.30
C LEU B 208 21.69 -4.69 23.79
N ILE B 209 20.84 -4.15 22.92
CA ILE B 209 19.47 -3.80 23.25
C ILE B 209 18.54 -4.85 22.62
N ASP B 210 17.61 -5.35 23.43
CA ASP B 210 16.58 -6.28 22.97
C ASP B 210 17.21 -7.57 22.42
N GLU B 211 18.06 -8.19 23.24
CA GLU B 211 18.73 -9.44 22.82
C GLU B 211 18.39 -10.55 23.82
N ARG B 212 18.64 -11.80 23.46
CA ARG B 212 18.36 -12.94 24.38
C ARG B 212 19.44 -12.94 25.47
N PRO B 213 19.06 -13.03 26.75
CA PRO B 213 20.04 -12.91 27.85
C PRO B 213 21.23 -13.89 27.74
N GLU B 214 21.00 -15.17 27.43
CA GLU B 214 22.15 -16.04 27.23
C GLU B 214 23.24 -15.35 26.42
N GLU B 215 22.88 -14.67 25.34
CA GLU B 215 23.88 -13.93 24.57
C GLU B 215 24.47 -12.78 25.39
N VAL B 216 23.65 -12.15 26.25
CA VAL B 216 24.16 -11.07 27.10
C VAL B 216 25.22 -11.59 28.06
N THR B 217 24.92 -12.68 28.76
CA THR B 217 25.87 -13.21 29.74
C THR B 217 27.07 -13.85 29.04
N GLU B 218 26.89 -14.25 27.78
CA GLU B 218 28.04 -14.74 27.00
C GLU B 218 28.97 -13.60 26.65
N MET B 219 28.43 -12.51 26.12
CA MET B 219 29.26 -11.36 25.76
C MET B 219 29.91 -10.74 26.98
N GLN B 220 29.22 -10.76 28.12
CA GLN B 220 29.78 -10.16 29.33
C GLN B 220 30.98 -10.93 29.84
N ARG B 221 31.00 -12.25 29.63
CA ARG B 221 32.09 -13.09 30.11
C ARG B 221 33.11 -13.42 29.02
N LEU B 222 33.04 -12.74 27.87
CA LEU B 222 33.94 -13.01 26.76
C LEU B 222 34.83 -11.83 26.40
N VAL B 223 34.29 -10.62 26.37
CA VAL B 223 35.05 -9.45 25.97
C VAL B 223 35.70 -8.83 27.20
N LYS B 224 36.82 -8.14 26.98
CA LYS B 224 37.53 -7.47 28.05
C LYS B 224 37.17 -5.98 28.06
N GLY B 225 36.01 -5.71 28.60
CA GLY B 225 35.53 -4.34 28.67
C GLY B 225 34.20 -4.24 29.39
N GLU B 226 33.54 -3.11 29.18
CA GLU B 226 32.24 -2.84 29.80
C GLU B 226 31.12 -3.32 28.87
N VAL B 227 30.12 -3.97 29.46
CA VAL B 227 28.99 -4.50 28.73
C VAL B 227 27.71 -3.99 29.36
N VAL B 228 27.00 -3.11 28.66
CA VAL B 228 25.70 -2.61 29.09
C VAL B 228 24.65 -3.12 28.11
N ALA B 229 23.74 -3.95 28.62
CA ALA B 229 22.76 -4.61 27.77
C ALA B 229 21.37 -4.49 28.40
N SER B 230 20.36 -4.75 27.57
CA SER B 230 18.96 -4.70 28.00
C SER B 230 18.20 -5.76 27.21
N THR B 231 17.83 -6.85 27.89
CA THR B 231 17.16 -7.96 27.25
C THR B 231 15.77 -7.55 26.77
N PHE B 232 15.16 -8.43 25.97
CA PHE B 232 13.83 -8.17 25.42
C PHE B 232 12.74 -8.17 26.48
N ASP B 233 13.00 -8.73 27.67
CA ASP B 233 12.01 -8.73 28.73
C ASP B 233 11.74 -7.34 29.29
N GLU B 234 12.53 -6.34 28.91
CA GLU B 234 12.33 -4.98 29.39
C GLU B 234 11.60 -4.15 28.34
N PRO B 235 10.81 -3.17 28.77
CA PRO B 235 10.08 -2.33 27.81
C PRO B 235 11.03 -1.43 27.03
N ALA B 236 10.48 -0.80 26.00
CA ALA B 236 11.28 0.08 25.16
C ALA B 236 11.73 1.32 25.90
N SER B 237 11.03 1.69 26.98
CA SER B 237 11.42 2.84 27.77
C SER B 237 12.81 2.63 28.39
N ARG B 238 13.06 1.43 28.92
CA ARG B 238 14.38 1.14 29.48
C ARG B 238 15.44 1.13 28.38
N HIS B 239 15.07 0.67 27.18
CA HIS B 239 16.00 0.72 26.06
C HIS B 239 16.41 2.15 25.75
N VAL B 240 15.42 3.05 25.66
CA VAL B 240 15.71 4.46 25.39
C VAL B 240 16.56 5.05 26.50
N GLN B 241 16.23 4.73 27.75
CA GLN B 241 16.98 5.27 28.87
C GLN B 241 18.44 4.80 28.85
N VAL B 242 18.65 3.52 28.56
CA VAL B 242 20.01 2.97 28.49
C VAL B 242 20.79 3.61 27.36
N ALA B 243 20.15 3.77 26.19
CA ALA B 243 20.83 4.41 25.07
C ALA B 243 21.22 5.84 25.40
N GLU B 244 20.31 6.58 26.03
CA GLU B 244 20.61 7.96 26.41
C GLU B 244 21.75 8.02 27.42
N MET B 245 21.73 7.17 28.44
CA MET B 245 22.79 7.16 29.43
C MET B 245 24.13 6.83 28.79
N VAL B 246 24.15 5.83 27.89
CA VAL B 246 25.40 5.43 27.25
C VAL B 246 25.94 6.56 26.38
N ILE B 247 25.08 7.19 25.59
CA ILE B 247 25.58 8.25 24.71
C ILE B 247 26.01 9.47 25.51
N GLU B 248 25.34 9.76 26.62
CA GLU B 248 25.74 10.89 27.46
C GLU B 248 27.09 10.61 28.12
N LYS B 249 27.29 9.39 28.62
CA LYS B 249 28.58 9.03 29.19
C LYS B 249 29.67 9.09 28.15
N ALA B 250 29.38 8.65 26.92
CA ALA B 250 30.37 8.72 25.85
C ALA B 250 30.74 10.17 25.54
N LYS B 251 29.74 11.05 25.48
CA LYS B 251 30.02 12.46 25.23
C LYS B 251 30.84 13.07 26.35
N ARG B 252 30.50 12.75 27.60
CA ARG B 252 31.25 13.29 28.73
C ARG B 252 32.69 12.79 28.74
N LEU B 253 32.91 11.54 28.31
CA LEU B 253 34.27 11.02 28.22
C LEU B 253 35.04 11.69 27.09
N VAL B 254 34.41 11.87 25.93
CA VAL B 254 35.08 12.52 24.81
C VAL B 254 35.43 13.96 25.16
N GLU B 255 34.59 14.61 25.97
CA GLU B 255 34.89 15.98 26.40
C GLU B 255 36.18 16.06 27.20
N HIS B 256 36.62 14.96 27.80
CA HIS B 256 37.89 14.90 28.51
C HIS B 256 39.00 14.27 27.68
N LYS B 257 38.89 14.34 26.35
CA LYS B 257 39.89 13.83 25.43
C LYS B 257 40.14 12.33 25.62
N LYS B 258 39.05 11.56 25.63
CA LYS B 258 39.12 10.12 25.74
C LYS B 258 38.65 9.47 24.44
N ASP B 259 39.18 8.28 24.17
CA ASP B 259 38.85 7.52 22.96
C ASP B 259 37.77 6.49 23.33
N VAL B 260 36.53 6.81 22.97
CA VAL B 260 35.39 5.94 23.28
C VAL B 260 35.05 5.13 22.04
N ILE B 261 34.77 3.85 22.25
CA ILE B 261 34.38 2.93 21.18
C ILE B 261 33.07 2.27 21.58
N ILE B 262 32.04 2.42 20.76
CA ILE B 262 30.72 1.87 21.01
C ILE B 262 30.40 0.86 19.92
N LEU B 263 30.22 -0.39 20.32
CA LEU B 263 29.87 -1.47 19.39
C LEU B 263 28.38 -1.76 19.54
N LEU B 264 27.58 -1.08 18.74
CA LEU B 264 26.13 -1.26 18.77
C LEU B 264 25.73 -2.45 17.91
N ASP B 265 24.80 -3.26 18.42
CA ASP B 265 24.31 -4.43 17.71
C ASP B 265 22.79 -4.40 17.52
N SER B 266 22.15 -3.28 17.80
CA SER B 266 20.70 -3.21 17.80
C SER B 266 20.15 -1.89 17.27
N ILE B 267 20.82 -1.27 16.29
CA ILE B 267 20.36 0.00 15.73
C ILE B 267 18.93 -0.14 15.23
N THR B 268 18.61 -1.28 14.60
CA THR B 268 17.25 -1.56 14.16
C THR B 268 16.30 -1.69 15.35
N ARG B 269 16.74 -2.43 16.38
CA ARG B 269 15.93 -2.58 17.58
C ARG B 269 15.76 -1.25 18.31
N LEU B 270 16.81 -0.42 18.31
CA LEU B 270 16.71 0.89 18.92
C LEU B 270 15.73 1.78 18.18
N ALA B 271 15.74 1.72 16.84
CA ALA B 271 14.77 2.49 16.06
C ALA B 271 13.36 1.98 16.30
N ARG B 272 13.19 0.66 16.43
CA ARG B 272 11.87 0.12 16.76
C ARG B 272 11.40 0.60 18.13
N ALA B 273 12.30 0.63 19.10
CA ALA B 273 11.95 1.11 20.44
C ALA B 273 11.55 2.58 20.40
N TYR B 274 12.29 3.39 19.65
CA TYR B 274 11.95 4.82 19.55
C TYR B 274 10.62 5.02 18.82
N ASN B 275 10.35 4.20 17.81
CA ASN B 275 9.06 4.27 17.13
C ASN B 275 7.92 3.79 18.00
N THR B 276 8.21 2.93 18.98
CA THR B 276 7.18 2.47 19.90
C THR B 276 6.90 3.48 21.00
N VAL B 277 7.94 4.18 21.49
CA VAL B 277 7.77 5.12 22.60
C VAL B 277 7.30 6.49 22.15
N VAL B 278 7.29 6.77 20.86
CA VAL B 278 6.87 8.09 20.36
C VAL B 278 5.34 8.13 20.32
N PRO B 279 4.72 9.21 20.79
CA PRO B 279 3.26 9.30 20.74
C PRO B 279 2.76 9.33 19.30
N ALA B 280 1.59 8.73 19.07
CA ALA B 280 1.01 8.69 17.75
C ALA B 280 0.56 10.09 17.32
N SER B 281 0.88 10.44 16.08
CA SER B 281 0.54 11.74 15.52
C SER B 281 -0.49 11.66 14.39
N GLY B 282 -1.09 10.48 14.20
CA GLY B 282 -2.07 10.31 13.14
C GLY B 282 -1.52 10.26 11.74
N LYS B 283 -0.19 10.19 11.58
CA LYS B 283 0.44 10.13 10.28
C LYS B 283 1.47 9.01 10.29
N VAL B 284 1.23 7.97 9.48
CA VAL B 284 2.09 6.80 9.41
C VAL B 284 2.65 6.70 8.00
N LEU B 285 3.96 6.53 7.89
CA LEU B 285 4.61 6.40 6.60
C LEU B 285 4.57 4.95 6.12
N THR B 286 5.22 4.71 4.98
CA THR B 286 5.25 3.38 4.41
C THR B 286 6.06 2.44 5.30
N GLY B 287 5.44 1.32 5.68
CA GLY B 287 6.09 0.33 6.52
C GLY B 287 5.79 0.43 8.00
N GLY B 288 5.06 1.45 8.43
CA GLY B 288 4.75 1.61 9.83
C GLY B 288 5.76 2.42 10.62
N VAL B 289 6.41 3.39 9.98
CA VAL B 289 7.41 4.22 10.62
C VAL B 289 6.85 5.62 10.81
N ASP B 290 6.98 6.16 12.01
CA ASP B 290 6.51 7.51 12.29
C ASP B 290 7.45 8.53 11.67
N ALA B 291 6.93 9.72 11.38
CA ALA B 291 7.73 10.75 10.74
C ALA B 291 8.81 11.29 11.66
N ASN B 292 8.56 11.31 12.98
CA ASN B 292 9.49 11.83 13.96
C ASN B 292 10.09 10.73 14.83
N ALA B 293 10.04 9.48 14.37
CA ALA B 293 10.57 8.38 15.17
C ALA B 293 12.06 8.14 14.91
N LEU B 294 12.52 8.40 13.68
CA LEU B 294 13.90 8.16 13.30
C LEU B 294 14.84 9.29 13.68
N HIS B 295 14.32 10.38 14.24
CA HIS B 295 15.17 11.53 14.57
C HIS B 295 16.12 11.20 15.72
N ARG B 296 15.61 10.56 16.77
CA ARG B 296 16.46 10.19 17.90
C ARG B 296 17.53 9.18 17.52
N PRO B 297 17.23 8.09 16.80
CA PRO B 297 18.33 7.22 16.33
C PRO B 297 19.26 7.93 15.37
N LYS B 298 18.74 8.85 14.56
CA LYS B 298 19.60 9.62 13.67
C LYS B 298 20.64 10.41 14.46
N ARG B 299 20.20 11.10 15.52
CA ARG B 299 21.15 11.84 16.35
C ARG B 299 22.09 10.91 17.10
N PHE B 300 21.58 9.78 17.61
CA PHE B 300 22.44 8.84 18.31
C PHE B 300 23.54 8.32 17.39
N PHE B 301 23.21 8.10 16.11
CA PHE B 301 24.21 7.63 15.17
C PHE B 301 25.19 8.74 14.81
N GLY B 302 24.67 9.94 14.53
CA GLY B 302 25.51 11.06 14.15
C GLY B 302 26.35 11.63 15.28
N ALA B 303 26.11 11.20 16.52
CA ALA B 303 26.94 11.67 17.63
C ALA B 303 28.40 11.28 17.43
N ALA B 304 28.65 10.17 16.76
CA ALA B 304 30.02 9.73 16.50
C ALA B 304 30.75 10.73 15.61
N ARG B 305 31.93 11.14 16.05
CA ARG B 305 32.74 12.12 15.32
C ARG B 305 34.15 12.10 15.88
N ASN B 306 35.10 12.59 15.09
CA ASN B 306 36.49 12.71 15.49
C ASN B 306 36.77 14.14 15.91
N VAL B 307 37.37 14.32 17.08
CA VAL B 307 37.63 15.64 17.65
C VAL B 307 39.07 16.02 17.38
N GLU B 308 39.29 17.25 16.92
CA GLU B 308 40.64 17.73 16.66
C GLU B 308 41.37 18.10 17.95
N GLU B 309 40.65 18.65 18.94
CA GLU B 309 41.29 19.02 20.19
C GLU B 309 41.76 17.81 20.98
N GLY B 310 41.09 16.66 20.81
CA GLY B 310 41.48 15.46 21.52
C GLY B 310 40.34 14.48 21.69
N GLY B 311 40.66 13.19 21.62
CA GLY B 311 39.64 12.16 21.76
C GLY B 311 38.90 11.88 20.47
N SER B 312 38.05 10.87 20.54
CA SER B 312 37.25 10.46 19.38
C SER B 312 36.09 9.60 19.89
N LEU B 313 35.12 9.40 19.01
CA LEU B 313 33.94 8.59 19.32
C LEU B 313 33.62 7.72 18.12
N THR B 314 33.77 6.41 18.28
CA THR B 314 33.52 5.44 17.21
C THR B 314 32.27 4.64 17.55
N ILE B 315 31.35 4.57 16.58
CA ILE B 315 30.10 3.85 16.73
C ILE B 315 29.96 2.89 15.55
N ILE B 316 29.97 1.60 15.82
CA ILE B 316 29.82 0.56 14.81
C ILE B 316 28.50 -0.14 15.08
N ALA B 317 27.48 0.17 14.30
CA ALA B 317 26.15 -0.39 14.47
C ALA B 317 25.90 -1.47 13.41
N THR B 318 25.20 -2.53 13.81
CA THR B 318 24.87 -3.64 12.93
C THR B 318 23.39 -3.55 12.57
N ALA B 319 23.11 -3.28 11.30
CA ALA B 319 21.74 -3.15 10.82
C ALA B 319 21.22 -4.49 10.34
N LEU B 320 19.91 -4.68 10.48
CA LEU B 320 19.24 -5.91 10.09
C LEU B 320 18.45 -5.70 8.79
N ILE B 321 18.62 -6.62 7.85
CA ILE B 321 17.91 -6.59 6.57
C ILE B 321 17.33 -7.98 6.30
N ASP B 322 16.37 -8.01 5.38
CA ASP B 322 15.74 -9.26 4.96
C ASP B 322 15.12 -10.00 6.14
N THR B 323 14.56 -9.23 7.07
CA THR B 323 13.92 -9.79 8.27
C THR B 323 12.43 -10.05 8.07
N GLY B 324 11.90 -9.82 6.87
CA GLY B 324 10.49 -10.02 6.60
C GLY B 324 9.59 -8.86 6.99
N SER B 325 10.12 -7.84 7.65
CA SER B 325 9.35 -6.67 8.07
C SER B 325 9.77 -5.47 7.21
N LYS B 326 8.78 -4.79 6.65
CA LYS B 326 9.08 -3.63 5.81
C LYS B 326 9.60 -2.45 6.64
N MET B 327 9.26 -2.41 7.92
CA MET B 327 9.75 -1.32 8.77
C MET B 327 11.27 -1.35 8.89
N ASP B 328 11.84 -2.54 9.12
CA ASP B 328 13.29 -2.66 9.17
C ASP B 328 13.93 -2.32 7.84
N GLU B 329 13.28 -2.67 6.72
CA GLU B 329 13.81 -2.31 5.41
C GLU B 329 13.83 -0.80 5.23
N VAL B 330 12.77 -0.12 5.64
CA VAL B 330 12.73 1.34 5.53
C VAL B 330 13.80 1.96 6.43
N ILE B 331 13.98 1.42 7.63
CA ILE B 331 15.00 1.94 8.55
C ILE B 331 16.39 1.78 7.94
N TYR B 332 16.75 0.51 7.73
CA TYR B 332 18.14 0.18 7.33
C TYR B 332 18.68 1.17 6.30
N GLU B 333 17.95 1.33 5.21
CA GLU B 333 18.51 2.18 4.12
C GLU B 333 18.30 3.66 4.47
N GLU B 334 17.20 4.03 5.13
CA GLU B 334 17.09 5.44 5.56
C GLU B 334 18.43 5.75 6.23
N PHE B 335 18.99 4.75 6.93
CA PHE B 335 20.30 4.86 7.55
C PHE B 335 21.45 4.54 6.60
N LYS B 336 21.15 3.91 5.46
CA LYS B 336 22.23 3.50 4.53
C LYS B 336 23.10 4.73 4.27
N GLY B 337 22.49 5.85 3.89
CA GLY B 337 23.26 7.10 3.73
C GLY B 337 23.91 7.47 5.04
N THR B 338 23.18 7.33 6.15
CA THR B 338 23.76 7.60 7.49
C THR B 338 24.85 6.56 7.79
N GLY B 339 26.05 6.78 7.27
CA GLY B 339 27.17 5.83 7.50
C GLY B 339 28.18 5.90 6.38
N ASN B 340 29.42 6.28 6.71
CA ASN B 340 30.47 6.32 5.70
C ASN B 340 31.25 5.01 5.62
N MET B 341 30.65 3.89 6.04
CA MET B 341 31.30 2.59 5.96
C MET B 341 30.24 1.52 6.00
N GLU B 342 30.23 0.64 4.99
CA GLU B 342 29.27 -0.46 4.92
C GLU B 342 30.03 -1.77 4.74
N LEU B 343 29.83 -2.70 5.66
CA LEU B 343 30.44 -4.02 5.61
C LEU B 343 29.31 -5.04 5.44
N HIS B 344 29.01 -5.38 4.19
CA HIS B 344 27.90 -6.27 3.89
C HIS B 344 28.32 -7.72 4.05
N LEU B 345 27.40 -8.55 4.54
CA LEU B 345 27.60 -9.98 4.69
C LEU B 345 26.57 -10.71 3.84
N SER B 346 27.00 -11.76 3.16
CA SER B 346 26.17 -12.50 2.22
C SER B 346 25.62 -13.75 2.90
N ARG B 347 24.30 -13.94 2.79
CA ARG B 347 23.68 -15.14 3.34
C ARG B 347 24.02 -16.36 2.51
N LYS B 348 24.19 -16.19 1.19
CA LYS B 348 24.52 -17.31 0.33
C LYS B 348 25.87 -17.90 0.69
N ILE B 349 26.84 -17.05 1.07
CA ILE B 349 28.14 -17.55 1.49
C ILE B 349 28.06 -18.18 2.87
N ALA B 350 27.20 -17.66 3.74
CA ALA B 350 27.06 -18.24 5.08
C ALA B 350 26.40 -19.61 5.03
N GLU B 351 25.51 -19.82 4.06
CA GLU B 351 24.87 -21.13 3.91
C GLU B 351 25.86 -22.20 3.48
N LYS B 352 26.94 -21.82 2.80
CA LYS B 352 27.98 -22.75 2.39
C LYS B 352 29.00 -23.01 3.51
N ARG B 353 28.75 -22.49 4.71
CA ARG B 353 29.64 -22.67 5.85
C ARG B 353 31.04 -22.16 5.55
N VAL B 354 31.13 -21.03 4.87
CA VAL B 354 32.40 -20.38 4.55
C VAL B 354 32.51 -19.14 5.43
N PHE B 355 33.24 -19.28 6.52
CA PHE B 355 33.41 -18.19 7.48
C PHE B 355 34.78 -17.55 7.32
N PRO B 356 34.87 -16.21 7.28
CA PRO B 356 33.72 -15.31 7.37
C PRO B 356 33.00 -15.12 6.04
N ALA B 357 31.70 -14.85 6.10
CA ALA B 357 30.89 -14.63 4.90
C ALA B 357 30.73 -13.12 4.71
N ILE B 358 31.78 -12.51 4.15
CA ILE B 358 31.84 -11.07 3.95
C ILE B 358 31.71 -10.77 2.46
N ASP B 359 30.85 -9.81 2.13
CA ASP B 359 30.69 -9.35 0.75
C ASP B 359 31.79 -8.32 0.48
N TYR B 360 32.90 -8.79 -0.10
CA TYR B 360 34.05 -7.91 -0.32
C TYR B 360 33.74 -6.87 -1.41
N ASN B 361 32.84 -7.20 -2.34
CA ASN B 361 32.57 -6.30 -3.44
C ASN B 361 31.88 -5.02 -2.97
N ARG B 362 30.81 -5.16 -2.20
CA ARG B 362 30.05 -3.98 -1.77
C ARG B 362 30.68 -3.28 -0.56
N SER B 363 31.68 -3.90 0.07
CA SER B 363 32.34 -3.25 1.19
C SER B 363 33.27 -2.15 0.70
N GLY B 364 33.74 -1.34 1.63
CA GLY B 364 34.63 -0.24 1.31
C GLY B 364 34.57 0.84 2.36
N THR B 365 35.53 1.76 2.27
CA THR B 365 35.63 2.88 3.18
C THR B 365 35.97 4.15 2.41
N ARG B 366 35.26 5.23 2.71
CA ARG B 366 35.51 6.51 2.06
C ARG B 366 36.70 7.20 2.71
N LYS B 367 37.49 7.90 1.90
CA LYS B 367 38.70 8.58 2.35
C LYS B 367 39.67 7.59 3.03
N GLU B 368 39.82 6.42 2.41
CA GLU B 368 40.69 5.39 2.95
C GLU B 368 42.17 5.75 2.85
N GLU B 369 42.51 6.74 2.02
CA GLU B 369 43.91 7.14 1.88
C GLU B 369 44.43 7.83 3.13
N LEU B 370 43.56 8.29 4.01
CA LEU B 370 43.97 8.94 5.25
C LEU B 370 44.36 7.96 6.34
N LEU B 371 44.13 6.65 6.13
CA LEU B 371 44.47 5.63 7.11
C LEU B 371 45.48 4.61 6.59
N THR B 372 45.83 4.67 5.31
CA THR B 372 46.77 3.73 4.73
C THR B 372 47.83 4.49 3.93
N THR B 373 48.97 3.85 3.75
CA THR B 373 50.05 4.46 2.99
C THR B 373 49.76 4.37 1.49
N GLN B 374 50.68 4.95 0.69
CA GLN B 374 50.49 4.95 -0.76
C GLN B 374 50.61 3.54 -1.33
N GLU B 375 51.67 2.81 -0.96
CA GLU B 375 51.84 1.45 -1.49
C GLU B 375 50.75 0.51 -0.98
N GLU B 376 50.33 0.68 0.27
CA GLU B 376 49.24 -0.14 0.79
C GLU B 376 47.94 0.14 0.06
N LEU B 377 47.65 1.40 -0.22
CA LEU B 377 46.44 1.74 -0.97
C LEU B 377 46.50 1.20 -2.39
N GLN B 378 47.68 1.26 -3.02
CA GLN B 378 47.82 0.71 -4.37
C GLN B 378 47.63 -0.79 -4.38
N LYS B 379 48.19 -1.49 -3.39
CA LYS B 379 48.00 -2.93 -3.29
C LYS B 379 46.55 -3.30 -3.03
N MET B 380 45.85 -2.53 -2.19
CA MET B 380 44.43 -2.78 -1.97
C MET B 380 43.63 -2.54 -3.23
N TRP B 381 43.97 -1.49 -3.99
CA TRP B 381 43.27 -1.24 -5.25
C TRP B 381 43.50 -2.37 -6.24
N ILE B 382 44.72 -2.87 -6.33
CA ILE B 382 45.01 -3.99 -7.24
C ILE B 382 44.25 -5.23 -6.79
N LEU B 383 44.20 -5.49 -5.48
CA LEU B 383 43.48 -6.65 -4.99
C LEU B 383 41.98 -6.54 -5.28
N ARG B 384 41.43 -5.34 -5.16
CA ARG B 384 40.02 -5.15 -5.48
C ARG B 384 39.76 -5.32 -6.96
N LYS B 385 40.66 -4.82 -7.81
CA LYS B 385 40.49 -4.97 -9.24
C LYS B 385 40.63 -6.43 -9.68
N ILE B 386 41.41 -7.22 -8.95
CA ILE B 386 41.53 -8.63 -9.27
C ILE B 386 40.33 -9.41 -8.75
N ILE B 387 39.81 -9.03 -7.58
CA ILE B 387 38.71 -9.76 -6.96
C ILE B 387 37.38 -9.46 -7.64
N HIS B 388 37.20 -8.22 -8.12
CA HIS B 388 35.92 -7.79 -8.68
C HIS B 388 35.37 -8.70 -9.78
N PRO B 389 36.15 -9.15 -10.77
CA PRO B 389 35.57 -10.02 -11.81
C PRO B 389 35.05 -11.34 -11.26
N MET B 390 35.72 -11.93 -10.29
CA MET B 390 35.30 -13.23 -9.77
C MET B 390 34.01 -13.09 -8.95
N GLY B 391 33.30 -14.22 -8.83
CA GLY B 391 32.09 -14.24 -8.04
C GLY B 391 32.37 -14.13 -6.56
N GLU B 392 31.29 -13.89 -5.80
CA GLU B 392 31.43 -13.67 -4.36
C GLU B 392 32.03 -14.90 -3.67
N ILE B 393 31.41 -16.06 -3.88
CA ILE B 393 31.90 -17.28 -3.23
C ILE B 393 33.30 -17.64 -3.72
N ASP B 394 33.53 -17.50 -5.03
CA ASP B 394 34.85 -17.79 -5.59
C ASP B 394 35.90 -16.82 -5.05
N ALA B 395 35.57 -15.54 -4.95
CA ALA B 395 36.52 -14.57 -4.42
C ALA B 395 36.82 -14.85 -2.95
N MET B 396 35.80 -15.22 -2.18
CA MET B 396 36.03 -15.54 -0.77
C MET B 396 36.92 -16.77 -0.62
N GLU B 397 36.66 -17.80 -1.42
CA GLU B 397 37.50 -19.00 -1.37
C GLU B 397 38.94 -18.68 -1.76
N PHE B 398 39.12 -17.87 -2.81
CA PHE B 398 40.46 -17.47 -3.23
C PHE B 398 41.17 -16.70 -2.13
N LEU B 399 40.48 -15.75 -1.50
CA LEU B 399 41.09 -14.95 -0.44
C LEU B 399 41.46 -15.82 0.75
N ILE B 400 40.58 -16.76 1.12
CA ILE B 400 40.89 -17.63 2.26
C ILE B 400 42.09 -18.52 1.94
N ASN B 401 42.12 -19.10 0.74
CA ASN B 401 43.22 -19.99 0.38
C ASN B 401 44.54 -19.23 0.27
N LYS B 402 44.48 -17.95 -0.10
CA LYS B 402 45.71 -17.17 -0.21
C LYS B 402 46.17 -16.62 1.13
N LEU B 403 45.24 -16.35 2.05
CA LEU B 403 45.63 -15.88 3.38
C LEU B 403 46.05 -17.02 4.29
N ALA B 404 45.60 -18.25 4.00
CA ALA B 404 46.02 -19.39 4.81
C ALA B 404 47.48 -19.76 4.57
N MET B 405 48.05 -19.34 3.44
CA MET B 405 49.44 -19.70 3.14
C MET B 405 50.44 -18.94 3.99
N THR B 406 50.13 -17.68 4.34
CA THR B 406 51.04 -16.83 5.10
C THR B 406 50.36 -16.34 6.36
N LYS B 407 51.12 -15.62 7.18
CA LYS B 407 50.62 -15.07 8.43
C LYS B 407 50.22 -13.60 8.30
N THR B 408 51.00 -12.82 7.56
CA THR B 408 50.75 -11.40 7.39
C THR B 408 50.29 -11.11 5.97
N ASN B 409 49.51 -10.04 5.82
CA ASN B 409 48.99 -9.67 4.51
C ASN B 409 50.07 -9.05 3.64
N ASP B 410 51.16 -8.57 4.24
CA ASP B 410 52.25 -8.00 3.46
C ASP B 410 52.90 -9.05 2.57
N ASP B 411 53.08 -10.26 3.09
CA ASP B 411 53.62 -11.35 2.28
C ASP B 411 52.69 -11.70 1.13
N PHE B 412 51.38 -11.71 1.37
CA PHE B 412 50.42 -11.97 0.31
C PHE B 412 50.50 -10.90 -0.78
N PHE B 413 50.56 -9.62 -0.37
CA PHE B 413 50.67 -8.54 -1.34
C PHE B 413 51.98 -8.63 -2.13
N GLU B 414 53.06 -9.02 -1.47
CA GLU B 414 54.33 -9.16 -2.17
C GLU B 414 54.33 -10.34 -3.14
N MET B 415 53.61 -11.41 -2.80
CA MET B 415 53.54 -12.57 -3.69
C MET B 415 52.56 -12.34 -4.83
N MET B 416 51.59 -11.43 -4.67
CA MET B 416 50.65 -11.15 -5.75
C MET B 416 51.35 -10.49 -6.93
N LYS B 417 52.36 -9.66 -6.67
CA LYS B 417 53.11 -9.00 -7.73
C LYS B 417 54.06 -9.97 -8.42
N MET C 1 -8.95 -39.61 48.86
CA MET C 1 -9.88 -38.67 48.25
C MET C 1 -9.13 -37.59 47.47
N ASN C 2 -8.85 -37.87 46.20
CA ASN C 2 -8.15 -36.95 45.31
C ASN C 2 -9.05 -36.56 44.15
N LEU C 3 -8.89 -35.33 43.68
CA LEU C 3 -9.73 -34.83 42.59
C LEU C 3 -9.42 -35.55 41.28
N THR C 4 -8.12 -35.69 40.95
CA THR C 4 -7.74 -36.34 39.70
C THR C 4 -8.16 -37.80 39.68
N GLU C 5 -8.14 -38.47 40.83
CA GLU C 5 -8.57 -39.87 40.88
C GLU C 5 -10.04 -40.01 40.53
N LEU C 6 -10.88 -39.09 41.03
CA LEU C 6 -12.30 -39.12 40.68
C LEU C 6 -12.53 -38.66 39.25
N LYS C 7 -11.65 -37.80 38.72
CA LYS C 7 -11.77 -37.38 37.33
C LYS C 7 -11.39 -38.48 36.36
N ASN C 8 -10.47 -39.38 36.76
CA ASN C 8 -10.07 -40.47 35.86
C ASN C 8 -11.08 -41.61 35.88
N THR C 9 -11.91 -41.70 36.92
CA THR C 9 -12.90 -42.77 36.99
C THR C 9 -13.96 -42.59 35.91
N PRO C 10 -14.53 -43.68 35.40
CA PRO C 10 -15.57 -43.56 34.37
C PRO C 10 -16.87 -43.05 34.95
N VAL C 11 -17.83 -42.80 34.04
CA VAL C 11 -19.11 -42.23 34.43
C VAL C 11 -19.96 -43.28 35.14
N SER C 12 -19.92 -44.52 34.66
CA SER C 12 -20.79 -45.56 35.20
C SER C 12 -20.45 -45.86 36.66
N GLU C 13 -19.17 -46.00 36.97
CA GLU C 13 -18.77 -46.28 38.34
C GLU C 13 -19.10 -45.11 39.27
N LEU C 14 -18.96 -43.88 38.79
CA LEU C 14 -19.32 -42.73 39.62
C LEU C 14 -20.82 -42.68 39.87
N ILE C 15 -21.63 -42.99 38.85
CA ILE C 15 -23.07 -43.04 39.04
C ILE C 15 -23.45 -44.12 40.04
N THR C 16 -22.79 -45.29 39.94
CA THR C 16 -23.07 -46.37 40.88
C THR C 16 -22.70 -45.98 42.31
N LEU C 17 -21.53 -45.35 42.47
CA LEU C 17 -21.10 -44.91 43.80
C LEU C 17 -22.06 -43.88 44.37
N GLY C 18 -22.49 -42.92 43.54
CA GLY C 18 -23.43 -41.92 44.02
C GLY C 18 -24.77 -42.50 44.39
N GLU C 19 -25.25 -43.49 43.63
CA GLU C 19 -26.51 -44.14 43.98
C GLU C 19 -26.36 -44.96 45.27
N ASN C 20 -25.19 -45.56 45.49
CA ASN C 20 -24.96 -46.26 46.74
C ASN C 20 -24.86 -45.31 47.93
N MET C 21 -24.36 -44.09 47.70
CA MET C 21 -24.26 -43.12 48.79
C MET C 21 -25.62 -42.57 49.18
N GLY C 22 -26.64 -42.78 48.35
CA GLY C 22 -27.97 -42.32 48.66
C GLY C 22 -28.19 -40.84 48.42
N LEU C 23 -28.07 -40.42 47.16
CA LEU C 23 -28.26 -39.02 46.76
C LEU C 23 -29.30 -38.95 45.66
N GLU C 24 -29.47 -37.76 45.09
CA GLU C 24 -30.39 -37.58 43.98
C GLU C 24 -29.93 -38.36 42.76
N ASN C 25 -30.87 -38.67 41.87
CA ASN C 25 -30.60 -39.43 40.66
C ASN C 25 -29.46 -38.80 39.86
N LEU C 26 -28.37 -39.56 39.71
CA LEU C 26 -27.17 -39.07 39.03
C LEU C 26 -27.12 -39.46 37.55
N ALA C 27 -28.09 -40.23 37.06
CA ALA C 27 -28.09 -40.58 35.65
C ALA C 27 -28.29 -39.35 34.78
N ARG C 28 -29.22 -38.48 35.16
CA ARG C 28 -29.44 -37.21 34.46
C ARG C 28 -28.65 -36.09 35.12
N MET C 29 -27.34 -36.30 35.28
CA MET C 29 -26.47 -35.33 35.91
C MET C 29 -25.10 -35.35 35.24
N ARG C 30 -24.42 -34.21 35.28
CA ARG C 30 -23.09 -34.10 34.72
C ARG C 30 -22.08 -34.82 35.62
N LYS C 31 -20.99 -35.29 35.01
CA LYS C 31 -19.95 -35.99 35.77
C LYS C 31 -19.33 -35.08 36.82
N GLN C 32 -19.12 -33.80 36.49
CA GLN C 32 -18.57 -32.86 37.46
C GLN C 32 -19.53 -32.65 38.63
N ASP C 33 -20.83 -32.55 38.35
CA ASP C 33 -21.80 -32.43 39.42
C ASP C 33 -21.86 -33.70 40.27
N ILE C 34 -21.70 -34.87 39.63
CA ILE C 34 -21.65 -36.12 40.38
C ILE C 34 -20.47 -36.13 41.33
N ILE C 35 -19.29 -35.73 40.83
CA ILE C 35 -18.10 -35.69 41.68
C ILE C 35 -18.29 -34.69 42.81
N PHE C 36 -18.90 -33.55 42.52
CA PHE C 36 -19.14 -32.54 43.54
C PHE C 36 -20.06 -33.06 44.64
N ALA C 37 -21.14 -33.75 44.25
CA ALA C 37 -22.07 -34.30 45.22
C ALA C 37 -21.41 -35.41 46.04
N ILE C 38 -20.57 -36.23 45.40
CA ILE C 38 -19.87 -37.29 46.12
C ILE C 38 -18.91 -36.69 47.14
N LEU C 39 -18.20 -35.62 46.75
CA LEU C 39 -17.29 -34.97 47.68
C LEU C 39 -18.05 -34.35 48.85
N LYS C 40 -19.19 -33.72 48.57
CA LYS C 40 -20.02 -33.17 49.64
C LYS C 40 -20.46 -34.25 50.61
N GLN C 41 -20.98 -35.37 50.08
CA GLN C 41 -21.47 -36.44 50.93
C GLN C 41 -20.34 -37.08 51.74
N HIS C 42 -19.14 -37.15 51.14
CA HIS C 42 -18.01 -37.75 51.86
C HIS C 42 -17.47 -36.82 52.93
N ALA C 43 -17.55 -35.49 52.70
CA ALA C 43 -17.12 -34.54 53.70
C ALA C 43 -18.15 -34.35 54.81
N LYS C 44 -19.42 -34.65 54.55
CA LYS C 44 -20.42 -34.61 55.62
C LYS C 44 -20.14 -35.66 56.68
N SER C 45 -19.44 -36.74 56.32
CA SER C 45 -19.08 -37.77 57.29
C SER C 45 -17.89 -37.40 58.15
N GLY C 46 -17.18 -36.31 57.80
CA GLY C 46 -16.05 -35.87 58.58
C GLY C 46 -14.68 -36.17 57.97
N GLU C 47 -14.64 -36.91 56.86
CA GLU C 47 -13.36 -37.24 56.25
C GLU C 47 -12.79 -36.04 55.50
N ASP C 48 -11.49 -36.11 55.22
CA ASP C 48 -10.80 -35.01 54.55
C ASP C 48 -10.80 -35.23 53.04
N ILE C 49 -10.71 -34.12 52.30
CA ILE C 49 -10.66 -34.14 50.84
C ILE C 49 -9.39 -33.43 50.39
N PHE C 50 -8.74 -34.00 49.39
CA PHE C 50 -7.50 -33.47 48.86
C PHE C 50 -7.65 -33.14 47.38
N GLY C 51 -6.91 -32.13 46.93
CA GLY C 51 -6.96 -31.70 45.55
C GLY C 51 -5.61 -31.16 45.12
N ASP C 52 -5.52 -30.80 43.84
CA ASP C 52 -4.28 -30.27 43.28
C ASP C 52 -4.62 -29.50 42.02
N GLY C 53 -3.63 -28.77 41.51
CA GLY C 53 -3.81 -28.00 40.30
C GLY C 53 -2.79 -26.89 40.21
N VAL C 54 -2.78 -26.24 39.05
CA VAL C 54 -1.86 -25.13 38.78
C VAL C 54 -2.54 -23.83 39.21
N LEU C 55 -1.79 -23.00 39.92
CA LEU C 55 -2.33 -21.76 40.46
C LEU C 55 -2.41 -20.69 39.37
N GLU C 56 -3.53 -19.96 39.35
CA GLU C 56 -3.77 -18.85 38.44
C GLU C 56 -4.22 -17.65 39.27
N ILE C 57 -3.26 -16.80 39.65
CA ILE C 57 -3.58 -15.65 40.47
C ILE C 57 -4.30 -14.60 39.62
N LEU C 58 -5.47 -14.17 40.10
CA LEU C 58 -6.24 -13.16 39.39
C LEU C 58 -5.69 -11.76 39.68
N GLN C 59 -6.23 -10.78 38.98
CA GLN C 59 -5.78 -9.40 39.15
C GLN C 59 -6.19 -8.82 40.49
N ASP C 60 -7.32 -9.28 41.05
CA ASP C 60 -7.79 -8.74 42.32
C ASP C 60 -6.89 -9.18 43.47
N GLY C 61 -6.40 -10.41 43.43
CA GLY C 61 -5.53 -10.90 44.49
C GLY C 61 -5.75 -12.37 44.83
N PHE C 62 -6.92 -12.90 44.49
CA PHE C 62 -7.23 -14.30 44.74
C PHE C 62 -6.82 -15.14 43.54
N GLY C 63 -7.16 -16.42 43.56
CA GLY C 63 -6.78 -17.29 42.46
C GLY C 63 -7.50 -18.62 42.55
N PHE C 64 -7.29 -19.44 41.52
CA PHE C 64 -7.88 -20.77 41.44
C PHE C 64 -6.81 -21.78 41.05
N LEU C 65 -7.16 -23.06 41.17
CA LEU C 65 -6.28 -24.16 40.82
C LEU C 65 -6.87 -24.84 39.57
N ARG C 66 -6.36 -24.44 38.41
CA ARG C 66 -6.84 -25.01 37.15
C ARG C 66 -6.40 -26.46 37.02
N SER C 67 -7.11 -27.19 36.16
CA SER C 67 -6.83 -28.60 35.89
C SER C 67 -6.24 -28.76 34.50
N ALA C 68 -5.38 -29.76 34.35
CA ALA C 68 -4.70 -29.98 33.07
C ALA C 68 -5.57 -30.70 32.06
N ASP C 69 -6.51 -31.53 32.53
CA ASP C 69 -7.35 -32.29 31.61
C ASP C 69 -8.36 -31.40 30.88
N SER C 70 -8.60 -30.19 31.37
CA SER C 70 -9.53 -29.27 30.74
C SER C 70 -8.83 -28.10 30.04
N SER C 71 -7.52 -28.23 29.79
CA SER C 71 -6.73 -27.21 29.13
C SER C 71 -6.79 -25.88 29.89
N TYR C 72 -6.77 -25.97 31.21
CA TYR C 72 -6.76 -24.80 32.10
C TYR C 72 -7.97 -23.90 31.84
N LEU C 73 -9.13 -24.54 31.68
CA LEU C 73 -10.38 -23.82 31.47
C LEU C 73 -11.09 -23.60 32.81
N ALA C 74 -11.80 -22.49 32.91
CA ALA C 74 -12.53 -22.16 34.13
C ALA C 74 -13.61 -23.18 34.42
N GLY C 75 -13.44 -23.95 35.49
CA GLY C 75 -14.37 -24.98 35.86
C GLY C 75 -15.02 -24.72 37.19
N PRO C 76 -16.18 -25.35 37.43
CA PRO C 76 -16.85 -25.18 38.73
C PRO C 76 -16.10 -25.82 39.88
N ASP C 77 -15.25 -26.82 39.60
CA ASP C 77 -14.52 -27.54 40.64
C ASP C 77 -13.15 -26.94 40.92
N ASP C 78 -12.96 -25.66 40.59
CA ASP C 78 -11.69 -25.00 40.88
C ASP C 78 -11.59 -24.71 42.38
N ILE C 79 -10.37 -24.86 42.91
CA ILE C 79 -10.12 -24.64 44.33
C ILE C 79 -9.76 -23.18 44.55
N TYR C 80 -10.55 -22.51 45.37
CA TYR C 80 -10.29 -21.11 45.68
C TYR C 80 -9.06 -20.99 46.59
N VAL C 81 -8.21 -20.02 46.27
CA VAL C 81 -6.99 -19.75 47.03
C VAL C 81 -7.09 -18.31 47.55
N SER C 82 -7.18 -18.16 48.86
CA SER C 82 -7.30 -16.84 49.45
C SER C 82 -6.00 -16.06 49.27
N PRO C 83 -6.08 -14.73 49.16
CA PRO C 83 -4.84 -13.95 49.02
C PRO C 83 -3.99 -13.96 50.28
N SER C 84 -4.59 -14.26 51.44
CA SER C 84 -3.83 -14.34 52.68
C SER C 84 -2.77 -15.45 52.60
N GLN C 85 -3.17 -16.63 52.12
CA GLN C 85 -2.21 -17.72 51.97
C GLN C 85 -1.19 -17.39 50.89
N ILE C 86 -1.60 -16.68 49.84
CA ILE C 86 -0.67 -16.28 48.79
C ILE C 86 0.41 -15.38 49.36
N ARG C 87 0.00 -14.46 50.22
CA ARG C 87 0.90 -13.46 50.88
C ARG C 87 1.75 -14.16 51.95
N ARG C 88 1.25 -15.28 52.51
CA ARG C 88 1.94 -16.02 53.59
C ARG C 88 3.00 -16.98 53.02
N PHE C 89 2.76 -17.53 51.82
CA PHE C 89 3.69 -18.47 51.21
C PHE C 89 4.35 -17.94 49.95
N ASN C 90 4.09 -16.68 49.60
CA ASN C 90 4.68 -16.04 48.41
C ASN C 90 4.40 -16.86 47.15
N LEU C 91 3.13 -17.20 46.96
CA LEU C 91 2.72 -17.97 45.81
C LEU C 91 2.59 -17.09 44.58
N ARG C 92 2.88 -17.67 43.41
CA ARG C 92 2.78 -16.96 42.14
C ARG C 92 2.10 -17.86 41.13
N THR C 93 1.72 -17.26 40.00
CA THR C 93 1.05 -18.00 38.94
C THR C 93 1.96 -19.08 38.38
N GLY C 94 1.51 -20.33 38.44
CA GLY C 94 2.25 -21.48 37.96
C GLY C 94 2.69 -22.44 39.04
N ASP C 95 2.65 -22.04 40.31
CA ASP C 95 3.06 -22.92 41.40
C ASP C 95 2.06 -24.05 41.56
N THR C 96 2.54 -25.29 41.47
CA THR C 96 1.70 -26.46 41.70
C THR C 96 1.43 -26.62 43.19
N ILE C 97 0.16 -26.57 43.59
CA ILE C 97 -0.24 -26.65 44.98
C ILE C 97 -1.09 -27.89 45.18
N SER C 98 -0.77 -28.67 46.21
CA SER C 98 -1.51 -29.88 46.55
C SER C 98 -1.74 -29.89 48.06
N GLY C 99 -2.99 -29.77 48.48
CA GLY C 99 -3.31 -29.73 49.89
C GLY C 99 -4.74 -30.11 50.14
N LYS C 100 -5.10 -30.11 51.43
CA LYS C 100 -6.46 -30.45 51.83
C LYS C 100 -7.43 -29.37 51.40
N ILE C 101 -8.61 -29.79 50.93
CA ILE C 101 -9.66 -28.89 50.49
C ILE C 101 -10.96 -29.25 51.19
N ARG C 102 -11.91 -28.34 51.13
CA ARG C 102 -13.22 -28.51 51.75
C ARG C 102 -14.29 -28.03 50.79
N PRO C 103 -15.46 -28.67 50.80
CA PRO C 103 -16.56 -28.23 49.94
C PRO C 103 -17.03 -26.84 50.32
N PRO C 104 -17.63 -26.10 49.39
CA PRO C 104 -18.08 -24.74 49.71
C PRO C 104 -19.28 -24.76 50.64
N LYS C 105 -19.27 -23.85 51.61
CA LYS C 105 -20.34 -23.73 52.57
C LYS C 105 -21.50 -22.93 51.95
N GLU C 106 -22.46 -22.53 52.77
CA GLU C 106 -23.59 -21.75 52.30
C GLU C 106 -23.11 -20.36 51.89
N GLY C 107 -23.34 -19.99 50.64
CA GLY C 107 -22.88 -18.73 50.11
C GLY C 107 -21.56 -18.77 49.38
N GLU C 108 -20.96 -19.96 49.23
CA GLU C 108 -19.72 -20.13 48.50
C GLU C 108 -19.95 -21.00 47.28
N ARG C 109 -19.04 -20.89 46.31
CA ARG C 109 -19.17 -21.61 45.05
C ARG C 109 -17.96 -22.45 44.69
N TYR C 110 -16.87 -22.38 45.45
CA TYR C 110 -15.65 -23.10 45.12
C TYR C 110 -15.02 -23.67 46.38
N PHE C 111 -14.20 -24.69 46.20
CA PHE C 111 -13.52 -25.32 47.31
C PHE C 111 -12.45 -24.38 47.89
N ALA C 112 -12.28 -24.44 49.20
CA ALA C 112 -11.30 -23.62 49.90
C ALA C 112 -10.09 -24.45 50.28
N LEU C 113 -8.94 -23.78 50.40
CA LEU C 113 -7.68 -24.43 50.73
C LEU C 113 -7.37 -24.15 52.20
N LEU C 114 -7.20 -25.23 52.98
CA LEU C 114 -6.89 -25.10 54.40
C LEU C 114 -5.40 -25.18 54.67
N LYS C 115 -4.75 -26.26 54.25
CA LYS C 115 -3.33 -26.47 54.50
C LYS C 115 -2.67 -27.01 53.24
N VAL C 116 -1.58 -26.39 52.83
CA VAL C 116 -0.83 -26.81 51.65
C VAL C 116 0.19 -27.86 52.07
N ASN C 117 0.22 -28.99 51.36
CA ASN C 117 1.10 -30.10 51.70
C ASN C 117 2.35 -30.15 50.84
N GLU C 118 2.22 -29.88 49.55
CA GLU C 118 3.34 -29.99 48.62
C GLU C 118 3.29 -28.86 47.62
N VAL C 119 4.43 -28.20 47.40
CA VAL C 119 4.55 -27.09 46.48
C VAL C 119 5.52 -27.47 45.37
N ASN C 120 5.04 -27.40 44.12
CA ASN C 120 5.87 -27.71 42.95
C ASN C 120 6.48 -29.10 43.05
N PHE C 121 5.69 -30.05 43.55
CA PHE C 121 6.14 -31.44 43.74
C PHE C 121 7.39 -31.50 44.61
N ASP C 122 7.44 -30.65 45.63
CA ASP C 122 8.57 -30.58 46.53
C ASP C 122 8.11 -29.98 47.85
N LYS C 123 9.01 -30.00 48.83
CA LYS C 123 8.68 -29.46 50.15
C LYS C 123 8.57 -27.95 50.08
N PRO C 124 7.67 -27.34 50.85
CA PRO C 124 7.60 -25.86 50.86
C PRO C 124 8.86 -25.21 51.40
N GLU C 125 9.64 -25.91 52.22
CA GLU C 125 10.88 -25.34 52.74
C GLU C 125 11.92 -25.18 51.64
N ASN C 126 11.82 -25.96 50.57
CA ASN C 126 12.71 -25.78 49.42
C ASN C 126 12.19 -24.77 48.42
N ALA C 127 10.89 -24.48 48.45
CA ALA C 127 10.29 -23.53 47.53
C ALA C 127 10.30 -22.10 48.09
N ARG C 128 10.31 -21.96 49.41
CA ARG C 128 10.34 -20.62 50.01
C ARG C 128 11.65 -19.91 49.68
N ASN C 129 12.75 -20.65 49.54
CA ASN C 129 14.04 -20.09 49.17
C ASN C 129 14.39 -20.57 47.77
N LYS C 130 14.25 -19.68 46.79
CA LYS C 130 14.50 -20.03 45.40
C LYS C 130 14.90 -18.78 44.63
N ILE C 131 15.57 -19.00 43.51
CA ILE C 131 16.01 -17.92 42.63
C ILE C 131 15.00 -17.78 41.50
N LEU C 132 14.60 -16.53 41.22
CA LEU C 132 13.63 -16.27 40.17
C LEU C 132 14.19 -16.64 38.80
N PHE C 133 13.28 -16.87 37.86
CA PHE C 133 13.70 -17.24 36.51
C PHE C 133 14.35 -16.07 35.78
N GLU C 134 13.98 -14.84 36.13
CA GLU C 134 14.55 -13.66 35.48
C GLU C 134 16.00 -13.41 35.89
N ASN C 135 16.49 -14.08 36.92
CA ASN C 135 17.85 -13.89 37.40
C ASN C 135 18.80 -15.00 36.98
N LEU C 136 18.30 -16.08 36.39
CA LEU C 136 19.16 -17.17 35.99
C LEU C 136 20.03 -16.75 34.80
N THR C 137 21.29 -17.19 34.82
CA THR C 137 22.24 -16.82 33.78
C THR C 137 22.01 -17.66 32.54
N PRO C 138 21.68 -17.07 31.39
CA PRO C 138 21.48 -17.86 30.18
C PRO C 138 22.79 -18.42 29.65
N LEU C 139 22.67 -19.47 28.85
CA LEU C 139 23.82 -20.10 28.20
C LEU C 139 23.36 -20.75 26.91
N HIS C 140 24.34 -21.15 26.11
CA HIS C 140 24.04 -21.84 24.86
C HIS C 140 23.74 -23.31 25.13
N ALA C 141 23.24 -23.99 24.10
CA ALA C 141 22.92 -25.41 24.21
C ALA C 141 24.19 -26.22 24.42
N ASN C 142 24.29 -26.87 25.57
CA ASN C 142 25.45 -27.68 25.93
C ASN C 142 25.16 -29.17 25.82
N SER C 143 24.10 -29.66 26.45
CA SER C 143 23.75 -31.06 26.39
C SER C 143 23.13 -31.40 25.05
N ARG C 144 23.49 -32.55 24.50
CA ARG C 144 22.98 -32.99 23.21
C ARG C 144 21.72 -33.81 23.40
N LEU C 145 20.63 -33.37 22.76
CA LEU C 145 19.36 -34.10 22.77
C LEU C 145 19.21 -34.81 21.43
N ARG C 146 19.81 -36.00 21.35
CA ARG C 146 19.79 -36.77 20.11
C ARG C 146 18.38 -37.27 19.83
N MET C 147 17.94 -37.11 18.58
CA MET C 147 16.60 -37.49 18.15
C MET C 147 16.55 -38.83 17.45
N GLU C 148 17.70 -39.44 17.17
CA GLU C 148 17.74 -40.70 16.44
C GLU C 148 17.20 -41.83 17.31
N ARG C 149 16.28 -42.62 16.75
CA ARG C 149 15.72 -43.76 17.49
C ARG C 149 16.77 -44.82 17.74
N GLY C 150 17.39 -45.33 16.66
CA GLY C 150 18.36 -46.39 16.76
C GLY C 150 17.81 -47.78 16.60
N ASN C 151 16.49 -47.93 16.48
CA ASN C 151 15.86 -49.24 16.32
C ASN C 151 15.81 -49.70 14.87
N GLY C 152 16.32 -48.90 13.94
CA GLY C 152 16.31 -49.29 12.53
C GLY C 152 14.95 -49.27 11.89
N SER C 153 14.01 -48.49 12.43
CA SER C 153 12.67 -48.41 11.87
C SER C 153 12.67 -47.51 10.63
N THR C 154 11.66 -47.71 9.78
CA THR C 154 11.55 -46.90 8.57
C THR C 154 11.19 -45.45 8.89
N GLU C 155 10.53 -45.21 10.02
CA GLU C 155 10.19 -43.85 10.41
C GLU C 155 11.38 -43.10 11.00
N ASP C 156 12.47 -43.81 11.32
CA ASP C 156 13.65 -43.16 11.86
C ASP C 156 14.39 -42.32 10.83
N LEU C 157 14.03 -42.43 9.55
CA LEU C 157 14.68 -41.64 8.52
C LEU C 157 14.47 -40.14 8.76
N THR C 158 13.28 -39.76 9.20
CA THR C 158 13.00 -38.35 9.49
C THR C 158 13.89 -37.84 10.62
N ALA C 159 14.03 -38.62 11.69
CA ALA C 159 14.88 -38.23 12.80
C ALA C 159 16.35 -38.16 12.38
N ARG C 160 16.77 -39.09 11.53
CA ARG C 160 18.15 -39.08 11.04
C ARG C 160 18.43 -37.83 10.20
N VAL C 161 17.48 -37.48 9.32
CA VAL C 161 17.65 -36.28 8.50
C VAL C 161 17.64 -35.04 9.37
N LEU C 162 16.80 -35.02 10.41
CA LEU C 162 16.76 -33.88 11.32
C LEU C 162 18.08 -33.73 12.07
N ASP C 163 18.65 -34.85 12.51
CA ASP C 163 19.94 -34.80 13.20
C ASP C 163 21.06 -34.37 12.27
N LEU C 164 21.03 -34.81 11.00
CA LEU C 164 22.05 -34.39 10.05
C LEU C 164 21.88 -32.94 9.62
N ALA C 165 20.66 -32.40 9.72
CA ALA C 165 20.42 -31.03 9.28
C ALA C 165 20.56 -30.03 10.43
N SER C 166 19.94 -30.32 11.57
CA SER C 166 19.93 -29.39 12.69
C SER C 166 19.80 -30.16 13.99
N PRO C 167 20.91 -30.48 14.64
CA PRO C 167 20.85 -31.13 15.95
C PRO C 167 20.24 -30.19 16.98
N ILE C 168 19.49 -30.77 17.92
CA ILE C 168 18.75 -30.01 18.92
C ILE C 168 19.34 -30.34 20.29
N GLY C 169 19.58 -29.29 21.09
CA GLY C 169 20.08 -29.45 22.44
C GLY C 169 19.14 -28.82 23.45
N ARG C 170 19.52 -28.93 24.72
CA ARG C 170 18.72 -28.36 25.80
C ARG C 170 18.80 -26.83 25.76
N GLY C 171 17.65 -26.19 25.88
CA GLY C 171 17.58 -24.75 25.83
C GLY C 171 17.53 -24.15 24.45
N GLN C 172 17.37 -24.97 23.40
CA GLN C 172 17.35 -24.46 22.04
C GLN C 172 16.07 -23.69 21.78
N ARG C 173 16.18 -22.66 20.93
CA ARG C 173 15.07 -21.80 20.54
C ARG C 173 15.03 -21.74 19.02
N GLY C 174 14.32 -22.70 18.41
CA GLY C 174 14.28 -22.86 16.98
C GLY C 174 12.94 -22.49 16.37
N LEU C 175 12.87 -22.65 15.05
CA LEU C 175 11.67 -22.35 14.27
C LEU C 175 11.52 -23.37 13.17
N ILE C 176 10.30 -23.86 12.97
CA ILE C 176 9.99 -24.80 11.89
C ILE C 176 9.18 -24.02 10.87
N VAL C 177 9.88 -23.47 9.88
CA VAL C 177 9.25 -22.69 8.82
C VAL C 177 8.81 -23.62 7.71
N ALA C 178 7.53 -23.56 7.35
CA ALA C 178 6.98 -24.45 6.35
C ALA C 178 5.67 -23.87 5.83
N PRO C 179 5.45 -23.88 4.52
CA PRO C 179 4.14 -23.48 3.98
C PRO C 179 3.08 -24.50 4.35
N PRO C 180 1.80 -24.16 4.21
CA PRO C 180 0.75 -25.13 4.53
C PRO C 180 0.78 -26.31 3.58
N LYS C 181 0.17 -27.41 4.05
CA LYS C 181 0.10 -28.67 3.31
C LYS C 181 1.48 -29.20 2.97
N ALA C 182 2.41 -29.12 3.93
CA ALA C 182 3.77 -29.60 3.72
C ALA C 182 4.08 -30.87 4.51
N GLY C 183 3.41 -31.11 5.62
CA GLY C 183 3.67 -32.27 6.44
C GLY C 183 4.11 -31.91 7.85
N LYS C 184 3.68 -30.74 8.32
CA LYS C 184 4.07 -30.29 9.64
C LYS C 184 3.51 -31.20 10.73
N THR C 185 2.32 -31.75 10.51
CA THR C 185 1.70 -32.61 11.52
C THR C 185 2.49 -33.88 11.74
N MET C 186 2.82 -34.59 10.67
CA MET C 186 3.60 -35.82 10.79
C MET C 186 4.99 -35.55 11.36
N LEU C 187 5.60 -34.44 10.94
CA LEU C 187 6.91 -34.09 11.46
C LEU C 187 6.87 -33.81 12.95
N LEU C 188 5.86 -33.08 13.41
CA LEU C 188 5.73 -32.81 14.83
C LEU C 188 5.44 -34.09 15.61
N GLN C 189 4.61 -34.97 15.06
CA GLN C 189 4.35 -36.25 15.71
C GLN C 189 5.63 -37.07 15.84
N ASN C 190 6.43 -37.12 14.78
CA ASN C 190 7.69 -37.86 14.83
C ASN C 190 8.65 -37.26 15.85
N ILE C 191 8.72 -35.93 15.90
CA ILE C 191 9.59 -35.27 16.87
C ILE C 191 9.15 -35.60 18.29
N ALA C 192 7.84 -35.52 18.55
CA ALA C 192 7.34 -35.81 19.89
C ALA C 192 7.59 -37.26 20.28
N GLN C 193 7.38 -38.19 19.35
CA GLN C 193 7.62 -39.60 19.64
C GLN C 193 9.10 -39.87 19.90
N SER C 194 9.98 -39.25 19.11
CA SER C 194 11.41 -39.42 19.33
C SER C 194 11.86 -38.83 20.65
N ILE C 195 11.28 -37.69 21.05
CA ILE C 195 11.61 -37.10 22.34
C ILE C 195 11.13 -37.99 23.48
N ALA C 196 9.91 -38.54 23.36
CA ALA C 196 9.39 -39.40 24.41
C ALA C 196 10.14 -40.73 24.49
N TYR C 197 10.70 -41.19 23.37
CA TYR C 197 11.41 -42.45 23.36
C TYR C 197 12.86 -42.32 23.82
N ASN C 198 13.58 -41.32 23.30
CA ASN C 198 14.99 -41.17 23.63
C ASN C 198 15.20 -40.53 24.99
N HIS C 199 14.44 -39.49 25.30
CA HIS C 199 14.58 -38.74 26.55
C HIS C 199 13.26 -38.72 27.30
N PRO C 200 12.90 -39.83 27.97
CA PRO C 200 11.64 -39.86 28.72
C PRO C 200 11.67 -39.05 30.01
N ASP C 201 12.85 -38.63 30.46
CA ASP C 201 12.94 -37.88 31.72
C ASP C 201 12.53 -36.42 31.56
N CYS C 202 12.57 -35.88 30.34
CA CYS C 202 12.21 -34.48 30.13
C CYS C 202 10.70 -34.30 30.14
N VAL C 203 10.27 -33.13 30.59
CA VAL C 203 8.84 -32.81 30.66
C VAL C 203 8.42 -32.28 29.30
N LEU C 204 7.63 -33.05 28.57
CA LEU C 204 7.17 -32.69 27.24
C LEU C 204 5.80 -32.04 27.33
N MET C 205 5.65 -30.87 26.71
CA MET C 205 4.40 -30.13 26.68
C MET C 205 4.13 -29.68 25.26
N VAL C 206 3.00 -30.11 24.70
CA VAL C 206 2.61 -29.78 23.33
C VAL C 206 1.47 -28.77 23.39
N LEU C 207 1.71 -27.58 22.84
CA LEU C 207 0.72 -26.52 22.82
C LEU C 207 0.15 -26.38 21.41
N LEU C 208 -1.16 -26.53 21.27
CA LEU C 208 -1.85 -26.42 20.00
C LEU C 208 -2.96 -25.39 20.13
N ILE C 209 -2.71 -24.18 19.62
CA ILE C 209 -3.65 -23.08 19.72
C ILE C 209 -4.32 -22.88 18.37
N ASP C 210 -5.65 -22.76 18.39
CA ASP C 210 -6.45 -22.47 17.19
C ASP C 210 -6.28 -23.57 16.15
N GLU C 211 -6.58 -24.81 16.55
CA GLU C 211 -6.43 -25.96 15.61
C GLU C 211 -7.76 -26.73 15.54
N ARG C 212 -7.91 -27.58 14.53
CA ARG C 212 -9.14 -28.41 14.40
C ARG C 212 -9.13 -29.46 15.51
N PRO C 213 -10.24 -29.64 16.27
CA PRO C 213 -10.23 -30.56 17.41
C PRO C 213 -9.84 -31.99 17.02
N GLU C 214 -10.36 -32.54 15.91
CA GLU C 214 -9.87 -33.85 15.51
C GLU C 214 -8.37 -33.97 15.64
N GLU C 215 -7.61 -32.97 15.18
CA GLU C 215 -6.17 -32.99 15.37
C GLU C 215 -5.78 -32.94 16.85
N VAL C 216 -6.55 -32.22 17.66
CA VAL C 216 -6.27 -32.15 19.10
C VAL C 216 -6.41 -33.53 19.74
N THR C 217 -7.54 -34.21 19.48
CA THR C 217 -7.77 -35.50 20.09
C THR C 217 -6.85 -36.57 19.48
N GLU C 218 -6.36 -36.32 18.26
CA GLU C 218 -5.36 -37.21 17.68
C GLU C 218 -4.03 -37.08 18.39
N MET C 219 -3.56 -35.84 18.56
CA MET C 219 -2.29 -35.61 19.25
C MET C 219 -2.35 -36.06 20.70
N GLN C 220 -3.52 -35.90 21.34
CA GLN C 220 -3.63 -36.29 22.75
C GLN C 220 -3.53 -37.79 22.93
N ARG C 221 -3.97 -38.57 21.95
CA ARG C 221 -3.94 -40.02 22.03
C ARG C 221 -2.75 -40.64 21.29
N LEU C 222 -1.80 -39.83 20.88
CA LEU C 222 -0.63 -40.32 20.12
C LEU C 222 0.69 -40.12 20.84
N VAL C 223 0.91 -38.95 21.45
CA VAL C 223 2.16 -38.65 22.11
C VAL C 223 2.10 -39.10 23.56
N LYS C 224 3.26 -39.40 24.12
CA LYS C 224 3.35 -39.82 25.52
C LYS C 224 3.78 -38.63 26.38
N GLY C 225 2.82 -37.77 26.65
CA GLY C 225 3.09 -36.60 27.45
C GLY C 225 1.83 -35.79 27.69
N GLU C 226 2.03 -34.54 28.09
CA GLU C 226 0.94 -33.62 28.38
C GLU C 226 0.58 -32.84 27.12
N VAL C 227 -0.72 -32.70 26.87
CA VAL C 227 -1.24 -31.99 25.70
C VAL C 227 -2.22 -30.94 26.16
N VAL C 228 -1.85 -29.68 26.03
CA VAL C 228 -2.72 -28.54 26.33
C VAL C 228 -3.03 -27.84 25.03
N ALA C 229 -4.30 -27.84 24.63
CA ALA C 229 -4.70 -27.29 23.34
C ALA C 229 -5.93 -26.40 23.52
N SER C 230 -6.18 -25.59 22.48
CA SER C 230 -7.33 -24.68 22.48
C SER C 230 -7.81 -24.56 21.03
N THR C 231 -8.95 -25.16 20.74
CA THR C 231 -9.48 -25.20 19.39
C THR C 231 -9.90 -23.80 18.94
N PHE C 232 -10.18 -23.67 17.65
CA PHE C 232 -10.58 -22.39 17.07
C PHE C 232 -11.94 -21.92 17.56
N ASP C 233 -12.76 -22.80 18.14
CA ASP C 233 -14.06 -22.41 18.65
C ASP C 233 -13.96 -21.51 19.88
N GLU C 234 -12.78 -21.34 20.45
CA GLU C 234 -12.58 -20.49 21.60
C GLU C 234 -12.03 -19.13 21.18
N PRO C 235 -12.37 -18.07 21.91
CA PRO C 235 -11.87 -16.73 21.57
C PRO C 235 -10.36 -16.63 21.83
N ALA C 236 -9.80 -15.53 21.33
CA ALA C 236 -8.36 -15.30 21.48
C ALA C 236 -7.98 -15.06 22.94
N SER C 237 -8.94 -14.65 23.76
CA SER C 237 -8.66 -14.46 25.19
C SER C 237 -8.25 -15.76 25.85
N ARG C 238 -8.96 -16.85 25.54
CA ARG C 238 -8.58 -18.15 26.10
C ARG C 238 -7.23 -18.59 25.56
N HIS C 239 -6.92 -18.26 24.31
CA HIS C 239 -5.60 -18.57 23.75
C HIS C 239 -4.50 -17.87 24.55
N VAL C 240 -4.68 -16.58 24.81
CA VAL C 240 -3.69 -15.82 25.58
C VAL C 240 -3.57 -16.39 26.99
N GLN C 241 -4.70 -16.73 27.61
CA GLN C 241 -4.68 -17.26 28.96
C GLN C 241 -3.94 -18.60 29.01
N VAL C 242 -4.20 -19.47 28.04
CA VAL C 242 -3.53 -20.77 28.00
C VAL C 242 -2.03 -20.59 27.78
N ALA C 243 -1.65 -19.69 26.87
CA ALA C 243 -0.23 -19.45 26.63
C ALA C 243 0.45 -18.93 27.89
N GLU C 244 -0.19 -17.99 28.59
CA GLU C 244 0.39 -17.46 29.82
C GLU C 244 0.54 -18.54 30.89
N MET C 245 -0.51 -19.35 31.06
CA MET C 245 -0.43 -20.42 32.06
C MET C 245 0.68 -21.42 31.72
N VAL C 246 0.79 -21.79 30.44
CA VAL C 246 1.82 -22.75 30.04
C VAL C 246 3.22 -22.17 30.28
N ILE C 247 3.44 -20.92 29.88
CA ILE C 247 4.78 -20.36 30.04
C ILE C 247 5.10 -20.13 31.51
N GLU C 248 4.11 -19.80 32.34
CA GLU C 248 4.36 -19.63 33.76
C GLU C 248 4.68 -20.98 34.42
N LYS C 249 3.95 -22.03 34.04
CA LYS C 249 4.27 -23.36 34.57
C LYS C 249 5.65 -23.81 34.13
N ALA C 250 6.03 -23.50 32.87
CA ALA C 250 7.36 -23.85 32.40
C ALA C 250 8.44 -23.12 33.19
N LYS C 251 8.22 -21.83 33.45
CA LYS C 251 9.19 -21.07 34.24
C LYS C 251 9.30 -21.61 35.66
N ARG C 252 8.16 -21.94 36.28
CA ARG C 252 8.19 -22.47 37.64
C ARG C 252 8.88 -23.83 37.68
N LEU C 253 8.73 -24.64 36.63
CA LEU C 253 9.43 -25.92 36.59
C LEU C 253 10.92 -25.73 36.39
N VAL C 254 11.31 -24.81 35.51
CA VAL C 254 12.74 -24.56 35.28
C VAL C 254 13.38 -24.01 36.53
N GLU C 255 12.64 -23.23 37.33
CA GLU C 255 13.18 -22.73 38.58
C GLU C 255 13.55 -23.84 39.55
N HIS C 256 12.97 -25.03 39.40
CA HIS C 256 13.32 -26.19 40.21
C HIS C 256 14.27 -27.14 39.49
N LYS C 257 15.04 -26.62 38.54
CA LYS C 257 16.05 -27.40 37.80
C LYS C 257 15.40 -28.56 37.04
N LYS C 258 14.35 -28.26 36.28
CA LYS C 258 13.68 -29.26 35.46
C LYS C 258 13.90 -28.94 33.98
N ASP C 259 13.88 -29.99 33.16
CA ASP C 259 14.07 -29.87 31.72
C ASP C 259 12.70 -29.84 31.05
N VAL C 260 12.24 -28.65 30.68
CA VAL C 260 10.94 -28.46 30.05
C VAL C 260 11.12 -28.36 28.55
N ILE C 261 10.24 -29.02 27.80
CA ILE C 261 10.25 -29.00 26.35
C ILE C 261 8.86 -28.59 25.88
N ILE C 262 8.78 -27.50 25.11
CA ILE C 262 7.52 -26.97 24.62
C ILE C 262 7.54 -27.05 23.09
N LEU C 263 6.62 -27.83 22.53
CA LEU C 263 6.49 -27.98 21.08
C LEU C 263 5.30 -27.13 20.63
N LEU C 264 5.60 -25.89 20.27
CA LEU C 264 4.56 -24.96 19.81
C LEU C 264 4.30 -25.17 18.33
N ASP C 265 3.03 -25.15 17.94
CA ASP C 265 2.62 -25.31 16.54
C ASP C 265 1.78 -24.16 16.03
N SER C 266 1.69 -23.07 16.79
CA SER C 266 0.80 -21.98 16.46
C SER C 266 1.36 -20.60 16.78
N ILE C 267 2.67 -20.40 16.63
CA ILE C 267 3.29 -19.11 16.92
C ILE C 267 2.61 -18.03 16.10
N THR C 268 2.30 -18.33 14.84
CA THR C 268 1.56 -17.38 13.99
C THR C 268 0.17 -17.14 14.52
N ARG C 269 -0.53 -18.22 14.92
CA ARG C 269 -1.87 -18.08 15.48
C ARG C 269 -1.82 -17.36 16.81
N LEU C 270 -0.78 -17.59 17.61
CA LEU C 270 -0.64 -16.87 18.88
C LEU C 270 -0.41 -15.38 18.64
N ALA C 271 0.40 -15.04 17.64
CA ALA C 271 0.61 -13.64 17.30
C ALA C 271 -0.68 -12.99 16.80
N ARG C 272 -1.47 -13.73 16.01
CA ARG C 272 -2.76 -13.22 15.56
C ARG C 272 -3.69 -12.99 16.74
N ALA C 273 -3.71 -13.91 17.71
CA ALA C 273 -4.54 -13.74 18.89
C ALA C 273 -4.12 -12.52 19.69
N TYR C 274 -2.82 -12.33 19.85
CA TYR C 274 -2.33 -11.16 20.60
C TYR C 274 -2.65 -9.87 19.87
N ASN C 275 -2.57 -9.88 18.53
CA ASN C 275 -2.93 -8.70 17.75
C ASN C 275 -4.43 -8.44 17.79
N THR C 276 -5.23 -9.48 18.03
CA THR C 276 -6.68 -9.29 18.14
C THR C 276 -7.08 -8.79 19.52
N VAL C 277 -6.41 -9.24 20.58
CA VAL C 277 -6.79 -8.86 21.94
C VAL C 277 -6.20 -7.53 22.37
N VAL C 278 -5.27 -6.96 21.60
CA VAL C 278 -4.65 -5.69 21.98
C VAL C 278 -5.58 -4.55 21.59
N PRO C 279 -5.79 -3.56 22.46
CA PRO C 279 -6.66 -2.44 22.10
C PRO C 279 -6.06 -1.63 20.94
N ALA C 280 -6.95 -1.10 20.10
CA ALA C 280 -6.53 -0.31 18.95
C ALA C 280 -5.91 1.01 19.43
N SER C 281 -4.78 1.37 18.83
CA SER C 281 -4.08 2.60 19.16
C SER C 281 -4.09 3.61 18.02
N GLY C 282 -4.86 3.38 16.97
CA GLY C 282 -4.92 4.29 15.86
C GLY C 282 -3.72 4.27 14.95
N LYS C 283 -2.80 3.32 15.12
CA LYS C 283 -1.61 3.21 14.30
C LYS C 283 -1.46 1.76 13.86
N VAL C 284 -1.57 1.53 12.55
CA VAL C 284 -1.50 0.18 11.98
C VAL C 284 -0.31 0.14 11.03
N LEU C 285 0.53 -0.88 11.19
CA LEU C 285 1.69 -1.05 10.32
C LEU C 285 1.32 -1.79 9.04
N THR C 286 2.32 -2.07 8.23
CA THR C 286 2.11 -2.77 6.97
C THR C 286 1.66 -4.20 7.23
N GLY C 287 0.52 -4.57 6.64
CA GLY C 287 -0.03 -5.90 6.77
C GLY C 287 -1.09 -6.06 7.84
N GLY C 288 -1.37 -5.02 8.61
CA GLY C 288 -2.37 -5.11 9.65
C GLY C 288 -1.85 -5.57 10.99
N VAL C 289 -0.60 -5.23 11.32
CA VAL C 289 0.02 -5.63 12.57
C VAL C 289 0.16 -4.39 13.46
N ASP C 290 -0.26 -4.51 14.71
CA ASP C 290 -0.13 -3.40 15.65
C ASP C 290 1.33 -3.27 16.10
N ALA C 291 1.71 -2.05 16.50
CA ALA C 291 3.08 -1.80 16.91
C ALA C 291 3.43 -2.51 18.20
N ASN C 292 2.46 -2.70 19.10
CA ASN C 292 2.70 -3.34 20.38
C ASN C 292 2.05 -4.72 20.47
N ALA C 293 1.74 -5.33 19.33
CA ALA C 293 1.09 -6.64 19.34
C ALA C 293 2.10 -7.78 19.38
N LEU C 294 3.28 -7.59 18.77
CA LEU C 294 4.29 -8.63 18.70
C LEU C 294 5.17 -8.70 19.94
N HIS C 295 4.98 -7.81 20.90
CA HIS C 295 5.83 -7.80 22.09
C HIS C 295 5.60 -9.03 22.96
N ARG C 296 4.33 -9.37 23.18
CA ARG C 296 4.01 -10.55 23.99
C ARG C 296 4.48 -11.86 23.35
N PRO C 297 4.23 -12.10 22.05
CA PRO C 297 4.84 -13.31 21.45
C PRO C 297 6.36 -13.25 21.43
N LYS C 298 6.94 -12.05 21.29
CA LYS C 298 8.40 -11.92 21.36
C LYS C 298 8.92 -12.42 22.70
N ARG C 299 8.29 -11.98 23.81
CA ARG C 299 8.72 -12.44 25.13
C ARG C 299 8.45 -13.93 25.32
N PHE C 300 7.29 -14.41 24.84
CA PHE C 300 6.99 -15.84 24.96
C PHE C 300 8.03 -16.68 24.24
N PHE C 301 8.51 -16.21 23.09
CA PHE C 301 9.54 -16.94 22.37
C PHE C 301 10.88 -16.84 23.07
N GLY C 302 11.26 -15.63 23.49
CA GLY C 302 12.54 -15.43 24.15
C GLY C 302 12.64 -16.00 25.55
N ALA C 303 11.52 -16.48 26.11
CA ALA C 303 11.57 -17.11 27.42
C ALA C 303 12.46 -18.34 27.42
N ALA C 304 12.55 -19.03 26.28
CA ALA C 304 13.40 -20.21 26.16
C ALA C 304 14.86 -19.84 26.34
N ARG C 305 15.54 -20.57 27.22
CA ARG C 305 16.94 -20.33 27.52
C ARG C 305 17.49 -21.52 28.29
N ASN C 306 18.81 -21.67 28.26
CA ASN C 306 19.51 -22.71 29.00
C ASN C 306 20.08 -22.13 30.28
N VAL C 307 19.81 -22.80 31.40
CA VAL C 307 20.21 -22.32 32.71
C VAL C 307 21.49 -23.05 33.13
N GLU C 308 22.46 -22.30 33.65
CA GLU C 308 23.71 -22.90 34.11
C GLU C 308 23.55 -23.57 35.47
N GLU C 309 22.71 -23.00 36.35
CA GLU C 309 22.51 -23.59 37.67
C GLU C 309 21.78 -24.93 37.59
N GLY C 310 20.95 -25.11 36.56
CA GLY C 310 20.22 -26.35 36.41
C GLY C 310 18.94 -26.20 35.61
N GLY C 311 18.61 -27.21 34.82
CA GLY C 311 17.41 -27.18 34.00
C GLY C 311 17.60 -26.43 32.70
N SER C 312 16.57 -26.47 31.88
CA SER C 312 16.58 -25.82 30.58
C SER C 312 15.14 -25.67 30.10
N LEU C 313 14.96 -24.83 29.08
CA LEU C 313 13.65 -24.58 28.50
C LEU C 313 13.80 -24.54 26.98
N THR C 314 13.22 -25.52 26.30
CA THR C 314 13.28 -25.63 24.85
C THR C 314 11.91 -25.32 24.26
N ILE C 315 11.89 -24.42 23.27
CA ILE C 315 10.66 -24.03 22.60
C ILE C 315 10.88 -24.17 21.10
N ILE C 316 10.13 -25.07 20.47
CA ILE C 316 10.21 -25.31 19.03
C ILE C 316 8.87 -24.89 18.45
N ALA C 317 8.84 -23.72 17.82
CA ALA C 317 7.64 -23.16 17.23
C ALA C 317 7.64 -23.35 15.72
N THR C 318 6.46 -23.63 15.16
CA THR C 318 6.31 -23.82 13.72
C THR C 318 5.62 -22.59 13.13
N ALA C 319 6.35 -21.84 12.31
CA ALA C 319 5.82 -20.63 11.70
C ALA C 319 5.17 -20.96 10.36
N LEU C 320 4.16 -20.17 10.00
CA LEU C 320 3.43 -20.35 8.76
C LEU C 320 3.82 -19.26 7.76
N ILE C 321 4.10 -19.69 6.52
CA ILE C 321 4.46 -18.78 5.44
C ILE C 321 3.62 -19.15 4.22
N ASP C 322 3.81 -18.37 3.15
CA ASP C 322 3.03 -18.62 1.90
C ASP C 322 1.59 -18.29 2.26
N THR C 323 1.42 -17.30 3.14
CA THR C 323 0.06 -16.84 3.52
C THR C 323 -0.05 -15.38 3.08
N GLY C 324 -0.60 -15.15 1.89
CA GLY C 324 -0.82 -13.78 1.39
C GLY C 324 -1.44 -12.92 2.47
N SER C 325 -1.96 -13.56 3.54
CA SER C 325 -2.38 -12.77 4.70
C SER C 325 -1.09 -12.05 5.11
N LYS C 326 -0.66 -11.08 4.30
CA LYS C 326 0.56 -10.33 4.50
C LYS C 326 0.92 -10.21 5.98
N MET C 327 -0.08 -10.32 6.86
CA MET C 327 0.18 -10.24 8.29
C MET C 327 1.08 -11.38 8.75
N ASP C 328 0.77 -12.61 8.30
CA ASP C 328 1.62 -13.74 8.65
C ASP C 328 3.02 -13.60 8.06
N GLU C 329 3.13 -13.03 6.86
CA GLU C 329 4.44 -12.80 6.27
C GLU C 329 5.26 -11.81 7.10
N VAL C 330 4.62 -10.74 7.57
CA VAL C 330 5.31 -9.77 8.41
C VAL C 330 5.72 -10.41 9.73
N ILE C 331 4.80 -11.17 10.34
CA ILE C 331 5.06 -11.73 11.70
C ILE C 331 6.23 -12.74 11.67
N TYR C 332 5.96 -13.97 11.22
CA TYR C 332 7.01 -15.02 11.22
C TYR C 332 8.35 -14.39 10.81
N GLU C 333 8.31 -13.43 9.89
CA GLU C 333 9.54 -12.78 9.41
C GLU C 333 10.14 -11.99 10.58
N GLU C 334 9.56 -10.86 10.99
CA GLU C 334 10.02 -10.29 12.25
C GLU C 334 10.62 -11.36 13.16
N PHE C 335 10.00 -12.54 13.21
CA PHE C 335 10.51 -13.62 14.06
C PHE C 335 11.69 -14.36 13.46
N LYS C 336 12.01 -14.11 12.19
CA LYS C 336 13.13 -14.83 11.57
C LYS C 336 14.46 -14.45 12.21
N GLY C 337 14.69 -13.15 12.41
CA GLY C 337 15.93 -12.69 13.01
C GLY C 337 16.02 -12.85 14.51
N THR C 338 15.12 -13.62 15.12
CA THR C 338 15.09 -13.78 16.57
C THR C 338 15.66 -15.11 17.04
N GLY C 339 15.20 -16.23 16.47
CA GLY C 339 15.67 -17.54 16.87
C GLY C 339 17.06 -17.84 16.35
N ASN C 340 17.53 -19.05 16.70
CA ASN C 340 18.86 -19.49 16.26
C ASN C 340 18.82 -20.84 15.57
N MET C 341 17.68 -21.24 15.01
CA MET C 341 17.56 -22.49 14.29
C MET C 341 16.36 -22.41 13.36
N GLU C 342 16.59 -22.65 12.07
CA GLU C 342 15.53 -22.63 11.07
C GLU C 342 15.55 -23.94 10.30
N LEU C 343 14.42 -24.65 10.32
CA LEU C 343 14.26 -25.90 9.59
C LEU C 343 13.18 -25.69 8.54
N HIS C 344 13.62 -25.31 7.33
CA HIS C 344 12.68 -24.98 6.26
C HIS C 344 12.20 -26.25 5.56
N LEU C 345 10.93 -26.24 5.15
CA LEU C 345 10.34 -27.32 4.40
C LEU C 345 9.87 -26.79 3.05
N SER C 346 10.12 -27.57 1.99
CA SER C 346 9.82 -27.15 0.64
C SER C 346 8.48 -27.73 0.18
N ARG C 347 7.61 -26.86 -0.36
CA ARG C 347 6.34 -27.33 -0.88
C ARG C 347 6.53 -28.11 -2.18
N LYS C 348 7.53 -27.73 -2.98
CA LYS C 348 7.78 -28.42 -4.24
C LYS C 348 8.16 -29.88 -3.99
N ILE C 349 8.92 -30.14 -2.94
CA ILE C 349 9.28 -31.52 -2.61
C ILE C 349 8.09 -32.26 -2.03
N ALA C 350 7.22 -31.58 -1.28
CA ALA C 350 6.04 -32.23 -0.72
C ALA C 350 5.04 -32.60 -1.80
N GLU C 351 4.97 -31.80 -2.88
CA GLU C 351 4.07 -32.12 -3.97
C GLU C 351 4.50 -33.38 -4.71
N LYS C 352 5.78 -33.72 -4.69
CA LYS C 352 6.29 -34.93 -5.31
C LYS C 352 6.13 -36.16 -4.41
N ARG C 353 5.46 -36.01 -3.27
CA ARG C 353 5.24 -37.09 -2.32
C ARG C 353 6.57 -37.71 -1.86
N VAL C 354 7.55 -36.85 -1.60
CA VAL C 354 8.86 -37.28 -1.11
C VAL C 354 8.94 -36.84 0.35
N PHE C 355 8.66 -37.77 1.26
CA PHE C 355 8.67 -37.49 2.68
C PHE C 355 9.93 -38.03 3.32
N PRO C 356 10.62 -37.24 4.17
CA PRO C 356 10.22 -35.88 4.52
C PRO C 356 10.68 -34.84 3.49
N ALA C 357 9.91 -33.75 3.36
CA ALA C 357 10.24 -32.68 2.43
C ALA C 357 10.94 -31.56 3.21
N ILE C 358 12.23 -31.77 3.47
CA ILE C 358 13.03 -30.85 4.27
C ILE C 358 14.01 -30.14 3.34
N ASP C 359 14.10 -28.81 3.48
CA ASP C 359 15.05 -28.00 2.73
C ASP C 359 16.38 -28.07 3.47
N TYR C 360 17.25 -28.99 3.04
CA TYR C 360 18.52 -29.19 3.73
C TYR C 360 19.47 -28.01 3.54
N ASN C 361 19.31 -27.29 2.42
CA ASN C 361 20.24 -26.20 2.12
C ASN C 361 20.07 -25.05 3.09
N ARG C 362 18.83 -24.58 3.30
CA ARG C 362 18.60 -23.43 4.16
C ARG C 362 18.57 -23.79 5.64
N SER C 363 18.55 -25.09 5.96
CA SER C 363 18.57 -25.51 7.36
C SER C 363 19.98 -25.33 7.94
N GLY C 364 20.05 -25.44 9.26
CA GLY C 364 21.32 -25.30 9.95
C GLY C 364 21.11 -24.89 11.39
N THR C 365 22.20 -24.97 12.15
CA THR C 365 22.20 -24.61 13.57
C THR C 365 23.47 -23.84 13.89
N ARG C 366 23.30 -22.73 14.62
CA ARG C 366 24.44 -21.93 15.03
C ARG C 366 25.11 -22.54 16.25
N LYS C 367 26.44 -22.43 16.31
CA LYS C 367 27.24 -23.01 17.38
C LYS C 367 27.00 -24.52 17.49
N GLU C 368 26.96 -25.18 16.33
CA GLU C 368 26.72 -26.62 16.30
C GLU C 368 27.90 -27.42 16.84
N GLU C 369 29.08 -26.81 16.94
CA GLU C 369 30.24 -27.53 17.46
C GLU C 369 30.12 -27.84 18.94
N LEU C 370 29.21 -27.18 19.66
CA LEU C 370 28.99 -27.43 21.07
C LEU C 370 28.13 -28.65 21.33
N LEU C 371 27.53 -29.25 20.29
CA LEU C 371 26.68 -30.41 20.44
C LEU C 371 27.20 -31.63 19.68
N THR C 372 28.25 -31.48 18.87
CA THR C 372 28.79 -32.57 18.09
C THR C 372 30.30 -32.62 18.26
N THR C 373 30.87 -33.78 18.02
CA THR C 373 32.31 -33.97 18.13
C THR C 373 33.01 -33.36 16.91
N GLN C 374 34.35 -33.43 16.94
CA GLN C 374 35.13 -32.88 15.84
C GLN C 374 34.93 -33.66 14.55
N GLU C 375 35.06 -35.00 14.63
CA GLU C 375 34.89 -35.81 13.43
C GLU C 375 33.46 -35.76 12.92
N GLU C 376 32.48 -35.73 13.82
CA GLU C 376 31.09 -35.61 13.40
C GLU C 376 30.83 -34.29 12.70
N LEU C 377 31.38 -33.19 13.24
CA LEU C 377 31.23 -31.90 12.60
C LEU C 377 31.90 -31.87 11.24
N GLN C 378 33.08 -32.49 11.13
CA GLN C 378 33.76 -32.53 9.84
C GLN C 378 32.97 -33.34 8.82
N LYS C 379 32.39 -34.47 9.24
CA LYS C 379 31.57 -35.27 8.33
C LYS C 379 30.32 -34.51 7.91
N MET C 380 29.69 -33.78 8.84
CA MET C 380 28.53 -32.99 8.47
C MET C 380 28.90 -31.88 7.50
N TRP C 381 30.06 -31.25 7.70
CA TRP C 381 30.51 -30.21 6.78
C TRP C 381 30.76 -30.79 5.39
N ILE C 382 31.39 -31.96 5.32
CA ILE C 382 31.63 -32.60 4.02
C ILE C 382 30.30 -32.97 3.35
N LEU C 383 29.35 -33.49 4.13
CA LEU C 383 28.05 -33.83 3.56
C LEU C 383 27.32 -32.60 3.04
N ARG C 384 27.42 -31.48 3.76
CA ARG C 384 26.80 -30.25 3.29
C ARG C 384 27.48 -29.72 2.03
N LYS C 385 28.80 -29.82 1.96
CA LYS C 385 29.52 -29.36 0.77
C LYS C 385 29.24 -30.25 -0.43
N ILE C 386 28.93 -31.52 -0.20
CA ILE C 386 28.57 -32.41 -1.31
C ILE C 386 27.11 -32.18 -1.73
N ILE C 387 26.23 -31.92 -0.77
CA ILE C 387 24.82 -31.76 -1.08
C ILE C 387 24.52 -30.41 -1.71
N HIS C 388 25.25 -29.37 -1.33
CA HIS C 388 24.96 -28.00 -1.78
C HIS C 388 24.89 -27.86 -3.30
N PRO C 389 25.80 -28.42 -4.10
CA PRO C 389 25.68 -28.23 -5.56
C PRO C 389 24.42 -28.84 -6.15
N MET C 390 23.98 -29.98 -5.64
CA MET C 390 22.81 -30.66 -6.19
C MET C 390 21.54 -29.88 -5.85
N GLY C 391 20.50 -30.10 -6.65
CA GLY C 391 19.22 -29.48 -6.42
C GLY C 391 18.52 -30.05 -5.20
N GLU C 392 17.48 -29.35 -4.76
CA GLU C 392 16.77 -29.74 -3.55
C GLU C 392 16.16 -31.13 -3.67
N ILE C 393 15.38 -31.37 -4.72
CA ILE C 393 14.75 -32.67 -4.90
C ILE C 393 15.80 -33.75 -5.12
N ASP C 394 16.81 -33.45 -5.94
CA ASP C 394 17.88 -34.42 -6.18
C ASP C 394 18.66 -34.73 -4.90
N ALA C 395 18.95 -33.71 -4.10
CA ALA C 395 19.67 -33.95 -2.85
C ALA C 395 18.83 -34.77 -1.89
N MET C 396 17.53 -34.51 -1.82
CA MET C 396 16.66 -35.28 -0.94
C MET C 396 16.58 -36.73 -1.40
N GLU C 397 16.46 -36.97 -2.71
CA GLU C 397 16.43 -38.34 -3.21
C GLU C 397 17.74 -39.05 -2.92
N PHE C 398 18.87 -38.37 -3.12
CA PHE C 398 20.18 -38.96 -2.83
C PHE C 398 20.29 -39.32 -1.35
N LEU C 399 19.89 -38.39 -0.47
CA LEU C 399 19.97 -38.66 0.97
C LEU C 399 19.08 -39.81 1.37
N ILE C 400 17.86 -39.90 0.82
CA ILE C 400 16.97 -41.00 1.16
C ILE C 400 17.55 -42.32 0.67
N ASN C 401 18.06 -42.35 -0.57
CA ASN C 401 18.59 -43.60 -1.11
C ASN C 401 19.84 -44.03 -0.37
N LYS C 402 20.60 -43.08 0.17
CA LYS C 402 21.81 -43.45 0.90
C LYS C 402 21.52 -43.82 2.36
N LEU C 403 20.47 -43.26 2.95
CA LEU C 403 20.11 -43.64 4.31
C LEU C 403 19.31 -44.92 4.35
N ALA C 404 18.65 -45.29 3.25
CA ALA C 404 17.90 -46.54 3.22
C ALA C 404 18.83 -47.75 3.18
N MET C 405 20.09 -47.58 2.78
CA MET C 405 21.01 -48.71 2.68
C MET C 405 21.46 -49.21 4.04
N THR C 406 21.61 -48.30 5.02
CA THR C 406 22.10 -48.64 6.34
C THR C 406 21.10 -48.23 7.40
N LYS C 407 21.40 -48.57 8.65
CA LYS C 407 20.55 -48.23 9.77
C LYS C 407 21.04 -46.99 10.52
N THR C 408 22.35 -46.83 10.68
CA THR C 408 22.93 -45.71 11.40
C THR C 408 23.64 -44.78 10.43
N ASN C 409 23.70 -43.50 10.80
CA ASN C 409 24.35 -42.51 9.95
C ASN C 409 25.87 -42.64 9.99
N ASP C 410 26.41 -43.30 11.02
CA ASP C 410 27.85 -43.50 11.10
C ASP C 410 28.35 -44.37 9.94
N ASP C 411 27.60 -45.41 9.60
CA ASP C 411 27.97 -46.24 8.46
C ASP C 411 27.92 -45.44 7.15
N PHE C 412 26.92 -44.58 6.99
CA PHE C 412 26.85 -43.73 5.81
C PHE C 412 28.06 -42.80 5.72
N PHE C 413 28.41 -42.17 6.85
CA PHE C 413 29.57 -41.29 6.86
C PHE C 413 30.86 -42.04 6.56
N GLU C 414 30.98 -43.27 7.06
CA GLU C 414 32.17 -44.07 6.81
C GLU C 414 32.23 -44.52 5.35
N MET C 415 31.08 -44.77 4.73
CA MET C 415 31.07 -45.18 3.33
C MET C 415 31.25 -43.99 2.38
N MET C 416 30.93 -42.78 2.84
CA MET C 416 31.14 -41.61 1.99
C MET C 416 32.60 -41.35 1.73
N LYS C 417 33.47 -41.63 2.71
CA LYS C 417 34.90 -41.43 2.55
C LYS C 417 35.51 -42.52 1.68
N MET D 1 -8.95 56.87 -26.37
CA MET D 1 -8.62 56.51 -24.99
C MET D 1 -8.97 55.05 -24.71
N ASN D 2 -8.03 54.16 -24.96
CA ASN D 2 -8.20 52.73 -24.74
C ASN D 2 -7.18 52.24 -23.73
N LEU D 3 -7.57 51.24 -22.94
CA LEU D 3 -6.70 50.73 -21.89
C LEU D 3 -5.50 49.99 -22.48
N THR D 4 -5.76 49.12 -23.47
CA THR D 4 -4.67 48.35 -24.07
C THR D 4 -3.68 49.24 -24.80
N GLU D 5 -4.16 50.34 -25.39
CA GLU D 5 -3.25 51.27 -26.06
C GLU D 5 -2.28 51.90 -25.08
N LEU D 6 -2.77 52.28 -23.89
CA LEU D 6 -1.88 52.84 -22.88
C LEU D 6 -1.01 51.76 -22.26
N LYS D 7 -1.47 50.52 -22.22
CA LYS D 7 -0.65 49.42 -21.71
C LYS D 7 0.48 49.07 -22.66
N ASN D 8 0.28 49.24 -23.96
CA ASN D 8 1.34 48.92 -24.93
C ASN D 8 2.38 50.03 -25.02
N THR D 9 2.05 51.24 -24.58
CA THR D 9 3.01 52.33 -24.64
C THR D 9 4.15 52.09 -23.65
N PRO D 10 5.36 52.57 -23.96
CA PRO D 10 6.48 52.37 -23.04
C PRO D 10 6.36 53.26 -21.80
N VAL D 11 7.29 53.04 -20.87
CA VAL D 11 7.25 53.75 -19.60
C VAL D 11 7.69 55.20 -19.79
N SER D 12 8.70 55.43 -20.64
CA SER D 12 9.25 56.77 -20.81
C SER D 12 8.22 57.73 -21.39
N GLU D 13 7.51 57.29 -22.43
CA GLU D 13 6.49 58.15 -23.03
C GLU D 13 5.34 58.43 -22.08
N LEU D 14 4.96 57.45 -21.27
CA LEU D 14 3.90 57.67 -20.30
C LEU D 14 4.34 58.65 -19.21
N ILE D 15 5.60 58.54 -18.77
CA ILE D 15 6.12 59.49 -17.78
C ILE D 15 6.14 60.90 -18.37
N THR D 16 6.56 61.02 -19.64
CA THR D 16 6.61 62.33 -20.29
C THR D 16 5.21 62.91 -20.41
N LEU D 17 4.24 62.10 -20.82
CA LEU D 17 2.86 62.57 -20.96
C LEU D 17 2.30 63.00 -19.60
N GLY D 18 2.56 62.22 -18.55
CA GLY D 18 2.09 62.59 -17.23
C GLY D 18 2.73 63.87 -16.72
N GLU D 19 4.02 64.08 -16.99
CA GLU D 19 4.66 65.31 -16.59
C GLU D 19 4.12 66.50 -17.38
N ASN D 20 3.76 66.29 -18.65
CA ASN D 20 3.16 67.37 -19.43
C ASN D 20 1.75 67.68 -18.95
N MET D 21 1.03 66.68 -18.43
CA MET D 21 -0.33 66.92 -17.93
C MET D 21 -0.31 67.67 -16.61
N GLY D 22 0.85 67.76 -15.95
CA GLY D 22 0.96 68.49 -14.72
C GLY D 22 0.42 67.75 -13.51
N LEU D 23 1.04 66.62 -13.18
CA LEU D 23 0.65 65.81 -12.04
C LEU D 23 1.87 65.58 -11.14
N GLU D 24 1.69 64.72 -10.15
CA GLU D 24 2.80 64.38 -9.25
C GLU D 24 3.89 63.66 -10.02
N ASN D 25 5.10 63.70 -9.47
CA ASN D 25 6.27 63.08 -10.08
C ASN D 25 6.02 61.61 -10.38
N LEU D 26 6.06 61.25 -11.66
CA LEU D 26 5.76 59.90 -12.11
C LEU D 26 7.00 59.02 -12.27
N ALA D 27 8.20 59.58 -12.08
CA ALA D 27 9.41 58.78 -12.19
C ALA D 27 9.45 57.71 -11.10
N ARG D 28 9.12 58.08 -9.87
CA ARG D 28 9.01 57.13 -8.76
C ARG D 28 7.59 56.61 -8.61
N MET D 29 7.02 56.10 -9.70
CA MET D 29 5.66 55.60 -9.70
C MET D 29 5.56 54.40 -10.62
N ARG D 30 4.61 53.51 -10.31
CA ARG D 30 4.37 52.34 -11.15
C ARG D 30 3.67 52.74 -12.44
N LYS D 31 3.89 51.94 -13.48
CA LYS D 31 3.27 52.22 -14.78
C LYS D 31 1.75 52.17 -14.69
N GLN D 32 1.22 51.22 -13.91
CA GLN D 32 -0.23 51.15 -13.75
C GLN D 32 -0.77 52.39 -13.04
N ASP D 33 -0.05 52.86 -12.01
CA ASP D 33 -0.47 54.09 -11.33
C ASP D 33 -0.36 55.30 -12.26
N ILE D 34 0.65 55.31 -13.12
CA ILE D 34 0.79 56.39 -14.10
C ILE D 34 -0.41 56.40 -15.04
N ILE D 35 -0.78 55.22 -15.55
CA ILE D 35 -1.93 55.12 -16.45
C ILE D 35 -3.21 55.54 -15.73
N PHE D 36 -3.35 55.14 -14.46
CA PHE D 36 -4.53 55.50 -13.68
C PHE D 36 -4.63 57.02 -13.51
N ALA D 37 -3.50 57.66 -13.17
CA ALA D 37 -3.51 59.11 -13.00
C ALA D 37 -3.78 59.82 -14.32
N ILE D 38 -3.23 59.30 -15.42
CA ILE D 38 -3.48 59.92 -16.73
C ILE D 38 -4.96 59.80 -17.09
N LEU D 39 -5.57 58.65 -16.81
CA LEU D 39 -6.99 58.47 -17.09
C LEU D 39 -7.83 59.41 -16.23
N LYS D 40 -7.47 59.56 -14.96
CA LYS D 40 -8.18 60.50 -14.09
C LYS D 40 -8.10 61.91 -14.62
N GLN D 41 -6.89 62.36 -14.99
CA GLN D 41 -6.70 63.72 -15.46
C GLN D 41 -7.42 63.94 -16.79
N HIS D 42 -7.48 62.92 -17.63
CA HIS D 42 -8.16 63.06 -18.91
C HIS D 42 -9.67 63.06 -18.75
N ALA D 43 -10.19 62.33 -17.76
CA ALA D 43 -11.62 62.33 -17.50
C ALA D 43 -12.07 63.58 -16.74
N LYS D 44 -11.16 64.25 -16.02
CA LYS D 44 -11.51 65.51 -15.39
C LYS D 44 -11.83 66.59 -16.42
N SER D 45 -11.29 66.45 -17.63
CA SER D 45 -11.59 67.41 -18.69
C SER D 45 -12.93 67.16 -19.37
N GLY D 46 -13.58 66.03 -19.07
CA GLY D 46 -14.87 65.71 -19.65
C GLY D 46 -14.85 64.69 -20.76
N GLU D 47 -13.69 64.25 -21.21
CA GLU D 47 -13.61 63.27 -22.28
C GLU D 47 -13.99 61.88 -21.78
N ASP D 48 -14.32 61.01 -22.73
CA ASP D 48 -14.72 59.65 -22.40
C ASP D 48 -13.53 58.71 -22.40
N ILE D 49 -13.64 57.63 -21.62
CA ILE D 49 -12.60 56.61 -21.53
C ILE D 49 -13.22 55.26 -21.89
N PHE D 50 -12.47 54.48 -22.66
CA PHE D 50 -12.92 53.18 -23.12
C PHE D 50 -11.96 52.09 -22.64
N GLY D 51 -12.51 50.90 -22.41
CA GLY D 51 -11.74 49.77 -21.97
C GLY D 51 -12.31 48.48 -22.50
N ASP D 52 -11.64 47.38 -22.19
CA ASP D 52 -12.05 46.06 -22.65
C ASP D 52 -11.41 45.01 -21.75
N GLY D 53 -11.87 43.78 -21.89
CA GLY D 53 -11.35 42.68 -21.11
C GLY D 53 -12.32 41.53 -21.05
N VAL D 54 -11.86 40.42 -20.50
CA VAL D 54 -12.66 39.21 -20.35
C VAL D 54 -13.38 39.28 -19.01
N LEU D 55 -14.67 38.95 -19.02
CA LEU D 55 -15.49 39.04 -17.82
C LEU D 55 -15.26 37.84 -16.92
N GLU D 56 -15.15 38.11 -15.62
CA GLU D 56 -14.99 37.08 -14.58
C GLU D 56 -16.03 37.34 -13.51
N ILE D 57 -17.19 36.68 -13.64
CA ILE D 57 -18.26 36.88 -12.67
C ILE D 57 -17.91 36.20 -11.36
N LEU D 58 -17.98 36.97 -10.27
CA LEU D 58 -17.69 36.44 -8.96
C LEU D 58 -18.89 35.68 -8.40
N GLN D 59 -18.69 35.04 -7.25
CA GLN D 59 -19.75 34.25 -6.64
C GLN D 59 -20.85 35.13 -6.07
N ASP D 60 -20.51 36.36 -5.64
CA ASP D 60 -21.51 37.24 -5.06
C ASP D 60 -22.49 37.75 -6.11
N GLY D 61 -22.01 38.03 -7.31
CA GLY D 61 -22.87 38.50 -8.37
C GLY D 61 -22.24 39.55 -9.27
N PHE D 62 -21.19 40.20 -8.77
CA PHE D 62 -20.48 41.21 -9.54
C PHE D 62 -19.33 40.54 -10.32
N GLY D 63 -18.50 41.34 -10.98
CA GLY D 63 -17.41 40.80 -11.75
C GLY D 63 -16.44 41.87 -12.17
N PHE D 64 -15.36 41.43 -12.79
CA PHE D 64 -14.31 42.32 -13.28
C PHE D 64 -13.94 41.94 -14.72
N LEU D 65 -13.20 42.81 -15.37
CA LEU D 65 -12.72 42.60 -16.73
C LEU D 65 -11.20 42.39 -16.67
N ARG D 66 -10.80 41.11 -16.64
CA ARG D 66 -9.39 40.78 -16.57
C ARG D 66 -8.68 41.13 -17.88
N SER D 67 -7.37 41.26 -17.81
CA SER D 67 -6.54 41.58 -18.96
C SER D 67 -5.70 40.37 -19.36
N ALA D 68 -5.43 40.26 -20.66
CA ALA D 68 -4.70 39.11 -21.16
C ALA D 68 -3.20 39.23 -20.97
N ASP D 69 -2.67 40.46 -20.91
CA ASP D 69 -1.24 40.65 -20.76
C ASP D 69 -0.75 40.29 -19.36
N SER D 70 -1.66 40.18 -18.39
CA SER D 70 -1.30 39.84 -17.02
C SER D 70 -1.74 38.43 -16.64
N SER D 71 -2.06 37.60 -17.64
CA SER D 71 -2.48 36.22 -17.42
C SER D 71 -3.72 36.15 -16.52
N TYR D 72 -4.63 37.09 -16.73
CA TYR D 72 -5.91 37.15 -16.00
C TYR D 72 -5.69 37.23 -14.49
N LEU D 73 -4.71 38.05 -14.09
CA LEU D 73 -4.41 38.26 -12.69
C LEU D 73 -5.18 39.47 -12.16
N ALA D 74 -5.55 39.42 -10.89
CA ALA D 74 -6.28 40.50 -10.25
C ALA D 74 -5.46 41.78 -10.23
N GLY D 75 -5.89 42.78 -11.00
CA GLY D 75 -5.18 44.03 -11.08
C GLY D 75 -6.00 45.20 -10.56
N PRO D 76 -5.33 46.30 -10.20
CA PRO D 76 -6.06 47.48 -9.73
C PRO D 76 -6.87 48.16 -10.82
N ASP D 77 -6.51 47.96 -12.10
CA ASP D 77 -7.17 48.61 -13.21
C ASP D 77 -8.29 47.76 -13.79
N ASP D 78 -8.84 46.84 -13.01
CA ASP D 78 -9.95 46.03 -13.47
C ASP D 78 -11.23 46.85 -13.49
N ILE D 79 -12.06 46.62 -14.50
CA ILE D 79 -13.31 47.37 -14.68
C ILE D 79 -14.41 46.64 -13.93
N TYR D 80 -15.05 47.33 -13.01
CA TYR D 80 -16.16 46.73 -12.34
C TYR D 80 -17.31 46.52 -13.26
N VAL D 81 -18.05 45.48 -12.99
CA VAL D 81 -19.27 45.20 -13.74
C VAL D 81 -20.37 44.94 -12.73
N SER D 82 -21.36 45.83 -12.68
CA SER D 82 -22.45 45.69 -11.72
C SER D 82 -23.31 44.47 -12.09
N PRO D 83 -23.91 43.82 -11.09
CA PRO D 83 -24.79 42.67 -11.41
C PRO D 83 -26.06 43.08 -12.14
N SER D 84 -26.46 44.34 -12.04
CA SER D 84 -27.64 44.82 -12.76
C SER D 84 -27.44 44.70 -14.27
N GLN D 85 -26.29 45.15 -14.77
CA GLN D 85 -26.00 45.02 -16.19
C GLN D 85 -25.85 43.56 -16.59
N ILE D 86 -25.31 42.73 -15.70
CA ILE D 86 -25.16 41.31 -15.99
C ILE D 86 -26.54 40.67 -16.17
N ARG D 87 -27.48 41.07 -15.32
CA ARG D 87 -28.88 40.56 -15.33
C ARG D 87 -29.64 41.16 -16.52
N ARG D 88 -29.22 42.33 -17.01
CA ARG D 88 -29.89 43.05 -18.12
C ARG D 88 -29.43 42.52 -19.48
N PHE D 89 -28.17 42.08 -19.58
CA PHE D 89 -27.62 41.60 -20.84
C PHE D 89 -27.29 40.11 -20.81
N ASN D 90 -27.61 39.42 -19.72
CA ASN D 90 -27.36 37.98 -19.58
C ASN D 90 -25.89 37.65 -19.83
N LEU D 91 -25.02 38.38 -19.14
CA LEU D 91 -23.59 38.17 -19.29
C LEU D 91 -23.13 36.97 -18.46
N ARG D 92 -22.11 36.29 -18.96
CA ARG D 92 -21.53 35.14 -18.28
C ARG D 92 -20.02 35.23 -18.32
N THR D 93 -19.37 34.38 -17.53
CA THR D 93 -17.92 34.37 -17.46
C THR D 93 -17.32 33.98 -18.80
N GLY D 94 -16.50 34.86 -19.36
CA GLY D 94 -15.85 34.66 -20.65
C GLY D 94 -16.29 35.62 -21.73
N ASP D 95 -17.40 36.32 -21.55
CA ASP D 95 -17.88 37.25 -22.56
C ASP D 95 -16.95 38.45 -22.65
N THR D 96 -16.43 38.71 -23.85
CA THR D 96 -15.59 39.87 -24.08
C THR D 96 -16.46 41.13 -24.15
N ILE D 97 -16.21 42.08 -23.26
CA ILE D 97 -16.99 43.30 -23.16
C ILE D 97 -16.09 44.49 -23.44
N SER D 98 -16.56 45.39 -24.30
CA SER D 98 -15.82 46.59 -24.65
C SER D 98 -16.80 47.76 -24.64
N GLY D 99 -16.62 48.68 -23.70
CA GLY D 99 -17.51 49.83 -23.60
C GLY D 99 -16.86 50.97 -22.86
N LYS D 100 -17.63 52.05 -22.73
CA LYS D 100 -17.14 53.23 -22.04
C LYS D 100 -16.99 52.96 -20.55
N ILE D 101 -15.92 53.49 -19.97
CA ILE D 101 -15.63 53.34 -18.54
C ILE D 101 -15.38 54.72 -17.95
N ARG D 102 -15.41 54.78 -16.62
CA ARG D 102 -15.18 56.01 -15.88
C ARG D 102 -14.28 55.72 -14.69
N PRO D 103 -13.44 56.67 -14.30
CA PRO D 103 -12.58 56.47 -13.13
C PRO D 103 -13.41 56.34 -11.87
N PRO D 104 -12.88 55.68 -10.83
CA PRO D 104 -13.65 55.51 -9.60
C PRO D 104 -13.79 56.83 -8.85
N LYS D 105 -14.98 57.06 -8.31
CA LYS D 105 -15.26 58.27 -7.55
C LYS D 105 -14.75 58.10 -6.12
N GLU D 106 -15.14 59.02 -5.24
CA GLU D 106 -14.73 58.94 -3.84
C GLU D 106 -15.40 57.75 -3.17
N GLY D 107 -14.60 56.84 -2.64
CA GLY D 107 -15.11 55.63 -2.04
C GLY D 107 -15.14 54.42 -2.94
N GLU D 108 -14.65 54.54 -4.17
CA GLU D 108 -14.58 53.43 -5.11
C GLU D 108 -13.12 53.12 -5.43
N ARG D 109 -12.88 51.90 -5.91
CA ARG D 109 -11.52 51.45 -6.19
C ARG D 109 -11.34 50.91 -7.61
N TYR D 110 -12.40 50.81 -8.40
CA TYR D 110 -12.31 50.24 -9.74
C TYR D 110 -13.17 51.02 -10.70
N PHE D 111 -12.85 50.93 -11.98
CA PHE D 111 -13.61 51.61 -13.02
C PHE D 111 -14.99 50.99 -13.17
N ALA D 112 -15.98 51.83 -13.45
CA ALA D 112 -17.35 51.39 -13.65
C ALA D 112 -17.70 51.36 -15.12
N LEU D 113 -18.64 50.49 -15.49
CA LEU D 113 -19.09 50.34 -16.86
C LEU D 113 -20.43 51.04 -17.04
N LEU D 114 -20.48 51.99 -17.98
CA LEU D 114 -21.70 52.75 -18.25
C LEU D 114 -22.51 52.13 -19.38
N LYS D 115 -21.90 52.00 -20.56
CA LYS D 115 -22.59 51.48 -21.74
C LYS D 115 -21.67 50.51 -22.46
N VAL D 116 -22.19 49.33 -22.77
CA VAL D 116 -21.44 48.31 -23.48
C VAL D 116 -21.61 48.52 -24.99
N ASN D 117 -20.51 48.54 -25.72
CA ASN D 117 -20.54 48.82 -27.15
C ASN D 117 -20.44 47.56 -27.99
N GLU D 118 -19.59 46.60 -27.59
CA GLU D 118 -19.36 45.40 -28.39
C GLU D 118 -19.22 44.20 -27.45
N VAL D 119 -19.92 43.12 -27.79
CA VAL D 119 -19.91 41.89 -27.00
C VAL D 119 -19.35 40.77 -27.85
N ASN D 120 -18.28 40.14 -27.36
CA ASN D 120 -17.63 39.03 -28.04
C ASN D 120 -17.21 39.40 -29.45
N PHE D 121 -16.71 40.64 -29.61
CA PHE D 121 -16.28 41.16 -30.90
C PHE D 121 -17.42 41.10 -31.93
N ASP D 122 -18.63 41.38 -31.45
CA ASP D 122 -19.81 41.34 -32.30
C ASP D 122 -20.89 42.22 -31.68
N LYS D 123 -21.97 42.42 -32.43
CA LYS D 123 -23.06 43.25 -31.94
C LYS D 123 -23.80 42.55 -30.81
N PRO D 124 -24.28 43.29 -29.81
CA PRO D 124 -25.06 42.65 -28.74
C PRO D 124 -26.36 42.02 -29.23
N GLU D 125 -26.90 42.49 -30.35
CA GLU D 125 -28.12 41.90 -30.88
C GLU D 125 -27.88 40.49 -31.40
N ASN D 126 -26.65 40.17 -31.77
CA ASN D 126 -26.30 38.81 -32.18
C ASN D 126 -25.90 37.93 -31.01
N ALA D 127 -25.51 38.53 -29.88
CA ALA D 127 -25.12 37.77 -28.70
C ALA D 127 -26.29 37.49 -27.77
N ARG D 128 -27.32 38.33 -27.81
CA ARG D 128 -28.49 38.11 -26.96
C ARG D 128 -29.21 36.81 -27.35
N ASN D 129 -29.19 36.46 -28.63
CA ASN D 129 -29.79 35.23 -29.13
C ASN D 129 -28.67 34.30 -29.58
N LYS D 130 -28.40 33.28 -28.77
CA LYS D 130 -27.32 32.35 -29.06
C LYS D 130 -27.61 31.01 -28.39
N ILE D 131 -26.99 29.96 -28.91
CA ILE D 131 -27.13 28.61 -28.39
C ILE D 131 -25.96 28.33 -27.46
N LEU D 132 -26.26 27.77 -26.29
CA LEU D 132 -25.21 27.46 -25.32
C LEU D 132 -24.28 26.38 -25.85
N PHE D 133 -23.08 26.33 -25.26
CA PHE D 133 -22.09 25.35 -25.68
C PHE D 133 -22.49 23.94 -25.26
N GLU D 134 -23.24 23.81 -24.18
CA GLU D 134 -23.67 22.50 -23.70
C GLU D 134 -24.74 21.87 -24.59
N ASN D 135 -25.33 22.62 -25.52
CA ASN D 135 -26.37 22.10 -26.39
C ASN D 135 -25.88 21.81 -27.80
N LEU D 136 -24.65 22.18 -28.14
CA LEU D 136 -24.14 21.94 -29.48
C LEU D 136 -23.89 20.44 -29.70
N THR D 137 -24.23 19.98 -30.89
CA THR D 137 -24.09 18.56 -31.21
C THR D 137 -22.63 18.23 -31.52
N PRO D 138 -22.00 17.34 -30.76
CA PRO D 138 -20.61 16.98 -31.05
C PRO D 138 -20.49 16.15 -32.32
N LEU D 139 -19.29 16.16 -32.89
CA LEU D 139 -19.00 15.37 -34.08
C LEU D 139 -17.51 15.04 -34.09
N HIS D 140 -17.15 14.13 -34.98
CA HIS D 140 -15.74 13.76 -35.14
C HIS D 140 -15.00 14.80 -35.97
N ALA D 141 -13.67 14.69 -35.99
CA ALA D 141 -12.85 15.60 -36.76
C ALA D 141 -13.12 15.43 -38.25
N ASN D 142 -13.64 16.48 -38.88
CA ASN D 142 -13.96 16.46 -40.31
C ASN D 142 -12.94 17.23 -41.13
N SER D 143 -12.67 18.49 -40.78
CA SER D 143 -11.71 19.30 -41.51
C SER D 143 -10.29 18.88 -41.17
N ARG D 144 -9.43 18.84 -42.18
CA ARG D 144 -8.04 18.44 -41.99
C ARG D 144 -7.18 19.65 -41.68
N LEU D 145 -6.49 19.61 -40.54
CA LEU D 145 -5.54 20.65 -40.15
C LEU D 145 -4.14 20.14 -40.42
N ARG D 146 -3.69 20.32 -41.66
CA ARG D 146 -2.38 19.83 -42.07
C ARG D 146 -1.29 20.66 -41.40
N MET D 147 -0.29 19.96 -40.86
CA MET D 147 0.80 20.59 -40.12
C MET D 147 2.07 20.75 -40.95
N GLU D 148 2.10 20.21 -42.16
CA GLU D 148 3.29 20.28 -42.99
C GLU D 148 3.51 21.70 -43.50
N ARG D 149 4.73 22.20 -43.32
CA ARG D 149 5.07 23.55 -43.79
C ARG D 149 5.01 23.63 -45.32
N GLY D 150 5.79 22.79 -45.99
CA GLY D 150 5.87 22.82 -47.43
C GLY D 150 6.99 23.67 -48.00
N ASN D 151 7.72 24.39 -47.16
CA ASN D 151 8.82 25.23 -47.60
C ASN D 151 10.14 24.48 -47.76
N GLY D 152 10.15 23.17 -47.47
CA GLY D 152 11.37 22.40 -47.60
C GLY D 152 12.41 22.70 -46.55
N SER D 153 12.01 23.23 -45.40
CA SER D 153 12.96 23.53 -44.34
C SER D 153 13.36 22.27 -43.59
N THR D 154 14.52 22.33 -42.93
CA THR D 154 15.00 21.18 -42.17
C THR D 154 14.14 20.92 -40.94
N GLU D 155 13.49 21.95 -40.40
CA GLU D 155 12.61 21.76 -39.25
C GLU D 155 11.26 21.16 -39.63
N ASP D 156 10.94 21.12 -40.93
CA ASP D 156 9.69 20.54 -41.38
C ASP D 156 9.66 19.02 -41.22
N LEU D 157 10.79 18.39 -40.91
CA LEU D 157 10.80 16.94 -40.72
C LEU D 157 9.92 16.53 -39.56
N THR D 158 9.91 17.31 -38.48
CA THR D 158 9.06 17.00 -37.33
C THR D 158 7.59 17.05 -37.72
N ALA D 159 7.19 18.08 -38.47
CA ALA D 159 5.79 18.19 -38.90
C ALA D 159 5.43 17.06 -39.85
N ARG D 160 6.36 16.67 -40.72
CA ARG D 160 6.09 15.57 -41.65
C ARG D 160 5.91 14.25 -40.89
N VAL D 161 6.76 14.00 -39.90
CA VAL D 161 6.63 12.78 -39.10
C VAL D 161 5.33 12.80 -38.31
N LEU D 162 4.94 13.98 -37.80
CA LEU D 162 3.69 14.09 -37.06
C LEU D 162 2.49 13.82 -37.97
N ASP D 163 2.53 14.32 -39.20
CA ASP D 163 1.45 14.06 -40.15
C ASP D 163 1.40 12.60 -40.55
N LEU D 164 2.56 11.96 -40.71
CA LEU D 164 2.58 10.53 -41.05
C LEU D 164 2.17 9.65 -39.88
N ALA D 165 2.33 10.15 -38.65
CA ALA D 165 2.01 9.34 -37.48
C ALA D 165 0.59 9.58 -36.99
N SER D 166 0.18 10.84 -36.86
CA SER D 166 -1.12 11.18 -36.31
C SER D 166 -1.57 12.52 -36.88
N PRO D 167 -2.35 12.49 -37.97
CA PRO D 167 -2.91 13.73 -38.49
C PRO D 167 -3.90 14.35 -37.50
N ILE D 168 -3.93 15.67 -37.46
CA ILE D 168 -4.75 16.42 -36.51
C ILE D 168 -5.81 17.19 -37.28
N GLY D 169 -7.04 17.12 -36.81
CA GLY D 169 -8.15 17.84 -37.39
C GLY D 169 -8.81 18.76 -36.38
N ARG D 170 -9.83 19.49 -36.85
CA ARG D 170 -10.56 20.40 -35.99
C ARG D 170 -11.40 19.61 -34.98
N GLY D 171 -11.33 20.03 -33.72
CA GLY D 171 -12.05 19.36 -32.66
C GLY D 171 -11.36 18.15 -32.08
N GLN D 172 -10.10 17.92 -32.44
CA GLN D 172 -9.38 16.75 -31.94
C GLN D 172 -9.05 16.90 -30.46
N ARG D 173 -9.05 15.78 -29.74
CA ARG D 173 -8.75 15.73 -28.31
C ARG D 173 -7.67 14.67 -28.11
N GLY D 174 -6.40 15.09 -28.22
CA GLY D 174 -5.28 14.19 -28.16
C GLY D 174 -4.45 14.35 -26.89
N LEU D 175 -3.39 13.55 -26.82
CA LEU D 175 -2.48 13.54 -25.69
C LEU D 175 -1.06 13.33 -26.20
N ILE D 176 -0.12 14.10 -25.65
CA ILE D 176 1.29 13.97 -25.97
C ILE D 176 1.97 13.34 -24.76
N VAL D 177 2.07 12.02 -24.78
CA VAL D 177 2.67 11.27 -23.69
C VAL D 177 4.18 11.18 -23.92
N ALA D 178 4.96 11.61 -22.93
CA ALA D 178 6.41 11.63 -23.07
C ALA D 178 7.03 11.74 -21.68
N PRO D 179 8.07 10.96 -21.40
CA PRO D 179 8.81 11.13 -20.15
C PRO D 179 9.56 12.45 -20.14
N PRO D 180 10.03 12.90 -18.98
CA PRO D 180 10.79 14.15 -18.93
C PRO D 180 12.10 14.04 -19.69
N LYS D 181 12.63 15.22 -20.07
CA LYS D 181 13.88 15.33 -20.82
C LYS D 181 13.81 14.57 -22.15
N ALA D 182 12.66 14.69 -22.84
CA ALA D 182 12.48 14.02 -24.13
C ALA D 182 12.48 14.98 -25.31
N GLY D 183 12.09 16.24 -25.10
CA GLY D 183 12.02 17.20 -26.18
C GLY D 183 10.63 17.75 -26.37
N LYS D 184 9.84 17.77 -25.29
CA LYS D 184 8.47 18.27 -25.38
C LYS D 184 8.43 19.75 -25.73
N THR D 185 9.41 20.51 -25.24
CA THR D 185 9.42 21.95 -25.49
C THR D 185 9.60 22.26 -26.96
N MET D 186 10.62 21.67 -27.59
CA MET D 186 10.86 21.90 -29.02
C MET D 186 9.69 21.40 -29.86
N LEU D 187 9.12 20.25 -29.48
CA LEU D 187 7.99 19.71 -30.23
C LEU D 187 6.79 20.65 -30.15
N LEU D 188 6.50 21.18 -28.96
CA LEU D 188 5.39 22.11 -28.81
C LEU D 188 5.64 23.40 -29.57
N GLN D 189 6.89 23.89 -29.54
CA GLN D 189 7.23 25.08 -30.31
C GLN D 189 7.02 24.86 -31.80
N ASN D 190 7.46 23.70 -32.31
CA ASN D 190 7.27 23.39 -33.73
C ASN D 190 5.81 23.28 -34.08
N ILE D 191 5.01 22.65 -33.21
CA ILE D 191 3.58 22.53 -33.47
C ILE D 191 2.93 23.90 -33.52
N ALA D 192 3.27 24.77 -32.56
CA ALA D 192 2.68 26.11 -32.53
C ALA D 192 3.08 26.92 -33.76
N GLN D 193 4.35 26.83 -34.17
CA GLN D 193 4.79 27.56 -35.34
C GLN D 193 4.11 27.04 -36.60
N SER D 194 3.96 25.72 -36.73
CA SER D 194 3.27 25.17 -37.89
C SER D 194 1.80 25.55 -37.92
N ILE D 195 1.15 25.62 -36.75
CA ILE D 195 -0.24 26.04 -36.70
C ILE D 195 -0.36 27.51 -37.09
N ALA D 196 0.56 28.35 -36.59
CA ALA D 196 0.50 29.78 -36.92
C ALA D 196 0.83 30.04 -38.38
N TYR D 197 1.64 29.18 -39.00
CA TYR D 197 2.03 29.37 -40.39
C TYR D 197 0.99 28.83 -41.36
N ASN D 198 0.51 27.60 -41.13
CA ASN D 198 -0.42 26.97 -42.06
C ASN D 198 -1.85 27.49 -41.90
N HIS D 199 -2.30 27.65 -40.65
CA HIS D 199 -3.67 28.07 -40.35
C HIS D 199 -3.63 29.31 -39.47
N PRO D 200 -3.36 30.49 -40.05
CA PRO D 200 -3.32 31.71 -39.25
C PRO D 200 -4.71 32.20 -38.83
N ASP D 201 -5.79 31.68 -39.42
CA ASP D 201 -7.12 32.13 -39.09
C ASP D 201 -7.63 31.57 -37.76
N CYS D 202 -7.07 30.46 -37.30
CA CYS D 202 -7.51 29.85 -36.05
C CYS D 202 -6.95 30.62 -34.85
N VAL D 203 -7.73 30.61 -33.76
CA VAL D 203 -7.33 31.29 -32.53
C VAL D 203 -6.46 30.33 -31.73
N LEU D 204 -5.17 30.64 -31.64
CA LEU D 204 -4.21 29.80 -30.94
C LEU D 204 -4.03 30.33 -29.51
N MET D 205 -4.15 29.42 -28.54
CA MET D 205 -3.99 29.76 -27.13
C MET D 205 -3.10 28.71 -26.49
N VAL D 206 -1.97 29.15 -25.93
CA VAL D 206 -1.00 28.26 -25.30
C VAL D 206 -1.09 28.46 -23.80
N LEU D 207 -1.44 27.40 -23.08
CA LEU D 207 -1.57 27.43 -21.63
C LEU D 207 -0.39 26.70 -20.99
N LEU D 208 0.37 27.40 -20.15
CA LEU D 208 1.53 26.85 -19.47
C LEU D 208 1.35 27.07 -17.97
N ILE D 209 0.95 26.02 -17.26
CA ILE D 209 0.68 26.09 -15.82
C ILE D 209 1.84 25.44 -15.08
N ASP D 210 2.35 26.13 -14.05
CA ASP D 210 3.40 25.61 -13.18
C ASP D 210 4.67 25.31 -13.97
N GLU D 211 5.14 26.31 -14.71
CA GLU D 211 6.34 26.10 -15.55
C GLU D 211 7.43 27.10 -15.15
N ARG D 212 8.65 26.91 -15.67
CA ARG D 212 9.77 27.81 -15.33
C ARG D 212 9.61 29.13 -16.11
N PRO D 213 9.57 30.29 -15.43
CA PRO D 213 9.31 31.57 -16.11
C PRO D 213 10.16 31.77 -17.37
N GLU D 214 11.49 31.61 -17.30
CA GLU D 214 12.28 31.67 -18.52
C GLU D 214 11.58 30.99 -19.68
N GLU D 215 11.04 29.79 -19.48
CA GLU D 215 10.29 29.13 -20.54
C GLU D 215 9.03 29.91 -20.92
N VAL D 216 8.40 30.56 -19.94
CA VAL D 216 7.21 31.36 -20.23
C VAL D 216 7.56 32.53 -21.15
N THR D 217 8.60 33.29 -20.80
CA THR D 217 8.96 34.44 -21.61
C THR D 217 9.58 34.02 -22.94
N GLU D 218 10.11 32.79 -23.00
CA GLU D 218 10.57 32.27 -24.27
C GLU D 218 9.40 31.95 -25.19
N MET D 219 8.41 31.22 -24.68
CA MET D 219 7.24 30.89 -25.49
C MET D 219 6.47 32.13 -25.89
N GLN D 220 6.43 33.14 -25.03
CA GLN D 220 5.68 34.36 -25.33
C GLN D 220 6.32 35.13 -26.48
N ARG D 221 7.64 35.06 -26.62
CA ARG D 221 8.36 35.79 -27.66
C ARG D 221 8.70 34.92 -28.86
N LEU D 222 8.14 33.71 -28.94
CA LEU D 222 8.45 32.79 -30.02
C LEU D 222 7.24 32.46 -30.89
N VAL D 223 6.08 32.21 -30.30
CA VAL D 223 4.89 31.82 -31.04
C VAL D 223 4.12 33.07 -31.45
N LYS D 224 3.37 32.97 -32.54
CA LYS D 224 2.56 34.07 -33.04
C LYS D 224 1.11 33.87 -32.59
N GLY D 225 0.87 34.19 -31.33
CA GLY D 225 -0.46 34.03 -30.77
C GLY D 225 -0.52 34.52 -29.35
N GLU D 226 -1.58 34.10 -28.65
CA GLU D 226 -1.80 34.46 -27.27
C GLU D 226 -1.16 33.43 -26.35
N VAL D 227 -0.49 33.91 -25.30
CA VAL D 227 0.19 33.06 -24.34
C VAL D 227 -0.29 33.44 -22.94
N VAL D 228 -1.04 32.55 -22.31
CA VAL D 228 -1.50 32.70 -20.94
C VAL D 228 -0.81 31.63 -20.09
N ALA D 229 0.03 32.07 -19.15
CA ALA D 229 0.84 31.14 -18.36
C ALA D 229 0.76 31.52 -16.90
N SER D 230 1.17 30.57 -16.04
CA SER D 230 1.18 30.77 -14.60
C SER D 230 2.37 29.98 -14.04
N THR D 231 3.41 30.71 -13.62
CA THR D 231 4.63 30.08 -13.13
C THR D 231 4.36 29.35 -11.81
N PHE D 232 5.35 28.55 -11.40
CA PHE D 232 5.24 27.77 -10.17
C PHE D 232 5.22 28.64 -8.93
N ASP D 233 5.65 29.90 -9.02
CA ASP D 233 5.63 30.79 -7.87
C ASP D 233 4.22 31.16 -7.42
N GLU D 234 3.21 30.82 -8.20
CA GLU D 234 1.83 31.11 -7.86
C GLU D 234 1.15 29.88 -7.26
N PRO D 235 0.19 30.08 -6.35
CA PRO D 235 -0.50 28.94 -5.76
C PRO D 235 -1.39 28.24 -6.77
N ALA D 236 -1.88 27.05 -6.35
CA ALA D 236 -2.74 26.27 -7.23
C ALA D 236 -4.08 26.95 -7.48
N SER D 237 -4.48 27.85 -6.58
CA SER D 237 -5.73 28.59 -6.78
C SER D 237 -5.68 29.43 -8.04
N ARG D 238 -4.56 30.12 -8.28
CA ARG D 238 -4.41 30.90 -9.51
C ARG D 238 -4.38 29.99 -10.72
N HIS D 239 -3.79 28.81 -10.58
CA HIS D 239 -3.80 27.84 -11.69
C HIS D 239 -5.23 27.46 -12.05
N VAL D 240 -6.05 27.13 -11.05
CA VAL D 240 -7.43 26.76 -11.29
C VAL D 240 -8.19 27.92 -11.91
N GLN D 241 -7.96 29.14 -11.41
CA GLN D 241 -8.65 30.31 -11.93
C GLN D 241 -8.29 30.55 -13.39
N VAL D 242 -7.00 30.44 -13.73
CA VAL D 242 -6.56 30.65 -15.10
C VAL D 242 -7.15 29.59 -16.02
N ALA D 243 -7.15 28.33 -15.58
CA ALA D 243 -7.73 27.27 -16.39
C ALA D 243 -9.22 27.51 -16.64
N GLU D 244 -9.95 27.92 -15.59
CA GLU D 244 -11.38 28.19 -15.75
C GLU D 244 -11.61 29.35 -16.70
N MET D 245 -10.84 30.43 -16.55
CA MET D 245 -11.02 31.58 -17.44
C MET D 245 -10.71 31.20 -18.89
N VAL D 246 -9.64 30.42 -19.11
CA VAL D 246 -9.29 30.04 -20.47
C VAL D 246 -10.37 29.16 -21.08
N ILE D 247 -10.87 28.18 -20.33
CA ILE D 247 -11.87 27.28 -20.91
C ILE D 247 -13.19 28.02 -21.13
N GLU D 248 -13.53 28.98 -20.26
CA GLU D 248 -14.75 29.74 -20.47
C GLU D 248 -14.64 30.65 -21.68
N LYS D 249 -13.48 31.28 -21.87
CA LYS D 249 -13.27 32.09 -23.07
C LYS D 249 -13.32 31.23 -24.32
N ALA D 250 -12.75 30.02 -24.26
CA ALA D 250 -12.79 29.11 -25.40
C ALA D 250 -14.23 28.73 -25.74
N LYS D 251 -15.03 28.42 -24.71
CA LYS D 251 -16.42 28.07 -24.94
C LYS D 251 -17.20 29.24 -25.53
N ARG D 252 -16.97 30.45 -25.01
CA ARG D 252 -17.67 31.63 -25.53
C ARG D 252 -17.26 31.91 -26.98
N LEU D 253 -16.00 31.65 -27.33
CA LEU D 253 -15.58 31.84 -28.72
C LEU D 253 -16.19 30.78 -29.63
N VAL D 254 -16.22 29.52 -29.19
CA VAL D 254 -16.82 28.46 -29.99
C VAL D 254 -18.30 28.71 -30.20
N GLU D 255 -18.97 29.30 -29.20
CA GLU D 255 -20.38 29.64 -29.34
C GLU D 255 -20.64 30.62 -30.47
N HIS D 256 -19.63 31.40 -30.88
CA HIS D 256 -19.73 32.31 -32.01
C HIS D 256 -19.11 31.73 -33.28
N LYS D 257 -19.05 30.40 -33.38
CA LYS D 257 -18.54 29.71 -34.56
C LYS D 257 -17.08 30.08 -34.85
N LYS D 258 -16.23 30.00 -33.82
CA LYS D 258 -14.81 30.26 -33.96
C LYS D 258 -14.02 28.98 -33.74
N ASP D 259 -12.85 28.92 -34.38
CA ASP D 259 -11.96 27.76 -34.30
C ASP D 259 -10.90 28.06 -33.24
N VAL D 260 -11.08 27.48 -32.05
CA VAL D 260 -10.17 27.67 -30.93
C VAL D 260 -9.22 26.49 -30.85
N ILE D 261 -7.95 26.78 -30.61
CA ILE D 261 -6.92 25.76 -30.46
C ILE D 261 -6.20 26.01 -29.14
N ILE D 262 -6.20 25.02 -28.27
CA ILE D 262 -5.58 25.12 -26.94
C ILE D 262 -4.46 24.10 -26.87
N LEU D 263 -3.22 24.58 -26.70
CA LEU D 263 -2.05 23.72 -26.58
C LEU D 263 -1.66 23.67 -25.10
N LEU D 264 -2.20 22.68 -24.40
CA LEU D 264 -1.93 22.51 -22.98
C LEU D 264 -0.65 21.72 -22.80
N ASP D 265 0.18 22.15 -21.85
CA ASP D 265 1.45 21.49 -21.55
C ASP D 265 1.55 21.06 -20.09
N SER D 266 0.46 21.12 -19.35
CA SER D 266 0.50 20.88 -17.91
C SER D 266 -0.72 20.14 -17.38
N ILE D 267 -1.30 19.22 -18.16
CA ILE D 267 -2.48 18.47 -17.73
C ILE D 267 -2.18 17.78 -16.41
N THR D 268 -0.98 17.21 -16.28
CA THR D 268 -0.57 16.59 -15.02
C THR D 268 -0.46 17.63 -13.91
N ARG D 269 0.15 18.78 -14.21
CA ARG D 269 0.24 19.85 -13.22
C ARG D 269 -1.12 20.40 -12.86
N LEU D 270 -2.03 20.47 -13.84
CA LEU D 270 -3.39 20.93 -13.56
C LEU D 270 -4.12 19.95 -12.66
N ALA D 271 -3.95 18.65 -12.91
CA ALA D 271 -4.56 17.65 -12.04
C ALA D 271 -3.98 17.72 -10.62
N ARG D 272 -2.67 17.96 -10.52
CA ARG D 272 -2.07 18.11 -9.20
C ARG D 272 -2.64 19.33 -8.48
N ALA D 273 -2.81 20.44 -9.21
CA ALA D 273 -3.38 21.64 -8.61
C ALA D 273 -4.81 21.39 -8.13
N TYR D 274 -5.61 20.68 -8.94
CA TYR D 274 -6.98 20.39 -8.54
C TYR D 274 -7.02 19.45 -7.35
N ASN D 275 -6.10 18.49 -7.29
CA ASN D 275 -6.02 17.61 -6.13
C ASN D 275 -5.52 18.33 -4.89
N THR D 276 -4.78 19.43 -5.07
CA THR D 276 -4.34 20.21 -3.92
C THR D 276 -5.42 21.15 -3.41
N VAL D 277 -6.23 21.72 -4.31
CA VAL D 277 -7.25 22.69 -3.90
C VAL D 277 -8.54 22.04 -3.43
N VAL D 278 -8.70 20.73 -3.63
CA VAL D 278 -9.93 20.05 -3.21
C VAL D 278 -9.86 19.76 -1.72
N PRO D 279 -10.93 20.01 -0.96
CA PRO D 279 -10.90 19.71 0.47
C PRO D 279 -10.77 18.22 0.72
N ALA D 280 -10.07 17.88 1.80
CA ALA D 280 -9.86 16.49 2.15
C ALA D 280 -11.17 15.86 2.60
N SER D 281 -11.44 14.65 2.10
CA SER D 281 -12.66 13.92 2.43
C SER D 281 -12.39 12.66 3.24
N GLY D 282 -11.16 12.48 3.74
CA GLY D 282 -10.83 11.30 4.52
C GLY D 282 -10.69 10.02 3.73
N LYS D 283 -10.71 10.09 2.41
CA LYS D 283 -10.56 8.91 1.56
C LYS D 283 -9.53 9.20 0.49
N VAL D 284 -8.41 8.48 0.53
CA VAL D 284 -7.31 8.66 -0.40
C VAL D 284 -7.12 7.38 -1.19
N LEU D 285 -7.05 7.49 -2.51
CA LEU D 285 -6.85 6.34 -3.38
C LEU D 285 -5.36 6.01 -3.49
N THR D 286 -5.06 5.03 -4.33
CA THR D 286 -3.68 4.61 -4.55
C THR D 286 -2.90 5.70 -5.25
N GLY D 287 -1.77 6.09 -4.64
CA GLY D 287 -0.91 7.11 -5.20
C GLY D 287 -1.12 8.51 -4.65
N GLY D 288 -2.13 8.71 -3.80
CA GLY D 288 -2.39 10.04 -3.25
C GLY D 288 -3.33 10.88 -4.07
N VAL D 289 -4.29 10.26 -4.75
CA VAL D 289 -5.25 10.97 -5.59
C VAL D 289 -6.62 10.91 -4.92
N ASP D 290 -7.27 12.07 -4.82
CA ASP D 290 -8.60 12.12 -4.23
C ASP D 290 -9.63 11.57 -5.21
N ALA D 291 -10.74 11.07 -4.67
CA ALA D 291 -11.77 10.47 -5.51
C ALA D 291 -12.47 11.50 -6.38
N ASN D 292 -12.58 12.73 -5.91
CA ASN D 292 -13.26 13.80 -6.65
C ASN D 292 -12.29 14.86 -7.16
N ALA D 293 -11.00 14.54 -7.25
CA ALA D 293 -10.03 15.51 -7.71
C ALA D 293 -9.87 15.51 -9.22
N LEU D 294 -10.06 14.35 -9.87
CA LEU D 294 -9.87 14.23 -11.31
C LEU D 294 -11.11 14.64 -12.10
N HIS D 295 -12.21 14.99 -11.43
CA HIS D 295 -13.43 15.34 -12.15
C HIS D 295 -13.28 16.65 -12.92
N ARG D 296 -12.71 17.66 -12.28
CA ARG D 296 -12.52 18.94 -12.95
C ARG D 296 -11.55 18.84 -14.13
N PRO D 297 -10.38 18.21 -14.01
CA PRO D 297 -9.55 18.01 -15.22
C PRO D 297 -10.23 17.14 -16.25
N LYS D 298 -11.04 16.16 -15.82
CA LYS D 298 -11.79 15.35 -16.77
C LYS D 298 -12.73 16.21 -17.62
N ARG D 299 -13.47 17.11 -16.97
CA ARG D 299 -14.35 18.01 -17.72
C ARG D 299 -13.57 18.99 -18.57
N PHE D 300 -12.46 19.51 -18.06
CA PHE D 300 -11.64 20.44 -18.84
C PHE D 300 -11.12 19.76 -20.11
N PHE D 301 -10.75 18.49 -20.01
CA PHE D 301 -10.28 17.76 -21.18
C PHE D 301 -11.44 17.45 -22.13
N GLY D 302 -12.56 16.97 -21.60
CA GLY D 302 -13.70 16.62 -22.42
C GLY D 302 -14.43 17.80 -23.02
N ALA D 303 -14.09 19.03 -22.62
CA ALA D 303 -14.71 20.20 -23.22
C ALA D 303 -14.43 20.29 -24.71
N ALA D 304 -13.28 19.77 -25.14
CA ALA D 304 -12.93 19.78 -26.56
C ALA D 304 -13.89 18.92 -27.36
N ARG D 305 -14.43 19.50 -28.43
CA ARG D 305 -15.39 18.81 -29.29
C ARG D 305 -15.52 19.60 -30.59
N ASN D 306 -15.99 18.91 -31.62
CA ASN D 306 -16.26 19.52 -32.92
C ASN D 306 -17.75 19.82 -33.03
N VAL D 307 -18.07 21.05 -33.43
CA VAL D 307 -19.45 21.51 -33.51
C VAL D 307 -19.91 21.45 -34.95
N GLU D 308 -21.11 20.90 -35.17
CA GLU D 308 -21.66 20.82 -36.52
C GLU D 308 -22.20 22.16 -37.00
N GLU D 309 -22.78 22.96 -36.10
CA GLU D 309 -23.32 24.26 -36.49
C GLU D 309 -22.22 25.23 -36.90
N GLY D 310 -21.02 25.08 -36.33
CA GLY D 310 -19.92 25.96 -36.66
C GLY D 310 -18.88 26.04 -35.57
N GLY D 311 -17.60 26.14 -35.97
CA GLY D 311 -16.52 26.23 -35.01
C GLY D 311 -16.08 24.87 -34.51
N SER D 312 -15.01 24.91 -33.71
CA SER D 312 -14.44 23.69 -33.15
C SER D 312 -13.55 24.08 -31.98
N LEU D 313 -13.19 23.09 -31.17
CA LEU D 313 -12.34 23.28 -30.00
C LEU D 313 -11.34 22.14 -29.94
N THR D 314 -10.07 22.46 -30.15
CA THR D 314 -9.00 21.48 -30.12
C THR D 314 -8.13 21.68 -28.89
N ILE D 315 -7.90 20.59 -28.16
CA ILE D 315 -7.10 20.61 -26.93
C ILE D 315 -6.04 19.53 -27.04
N ILE D 316 -4.78 19.93 -27.08
CA ILE D 316 -3.65 19.01 -27.17
C ILE D 316 -2.87 19.15 -25.86
N ALA D 317 -3.04 18.18 -24.97
CA ALA D 317 -2.40 18.19 -23.66
C ALA D 317 -1.22 17.23 -23.67
N THR D 318 -0.15 17.62 -22.97
CA THR D 318 1.06 16.81 -22.85
C THR D 318 1.11 16.21 -21.45
N ALA D 319 0.98 14.89 -21.37
CA ALA D 319 1.00 14.19 -20.10
C ALA D 319 2.41 13.77 -19.73
N LEU D 320 2.69 13.72 -18.43
CA LEU D 320 3.99 13.35 -17.90
C LEU D 320 3.95 11.94 -17.34
N ILE D 321 4.94 11.12 -17.71
CA ILE D 321 5.08 9.76 -17.23
C ILE D 321 6.52 9.55 -16.78
N ASP D 322 6.72 8.49 -16.00
CA ASP D 322 8.05 8.10 -15.51
C ASP D 322 8.71 9.24 -14.74
N THR D 323 7.91 9.99 -13.98
CA THR D 323 8.41 11.10 -13.19
C THR D 323 8.78 10.71 -11.77
N GLY D 324 8.71 9.42 -11.44
CA GLY D 324 9.03 8.95 -10.11
C GLY D 324 7.91 9.07 -9.09
N SER D 325 6.79 9.70 -9.44
CA SER D 325 5.65 9.87 -8.55
C SER D 325 4.52 8.98 -9.03
N LYS D 326 3.96 8.20 -8.12
CA LYS D 326 2.86 7.30 -8.49
C LYS D 326 1.58 8.07 -8.79
N MET D 327 1.45 9.28 -8.25
CA MET D 327 0.25 10.09 -8.52
C MET D 327 0.16 10.45 -9.99
N ASP D 328 1.28 10.87 -10.59
CA ASP D 328 1.28 11.17 -12.01
C ASP D 328 1.01 9.93 -12.85
N GLU D 329 1.52 8.78 -12.42
CA GLU D 329 1.24 7.54 -13.14
C GLU D 329 -0.25 7.20 -13.11
N VAL D 330 -0.88 7.37 -11.94
CA VAL D 330 -2.32 7.11 -11.84
C VAL D 330 -3.09 8.09 -12.71
N ILE D 331 -2.68 9.36 -12.71
CA ILE D 331 -3.35 10.36 -13.54
C ILE D 331 -3.24 10.01 -15.02
N TYR D 332 -1.98 9.93 -15.47
CA TYR D 332 -1.73 9.78 -16.93
C TYR D 332 -2.68 8.77 -17.56
N GLU D 333 -2.66 7.55 -17.05
CA GLU D 333 -3.47 6.50 -17.72
C GLU D 333 -4.96 6.70 -17.38
N GLU D 334 -5.29 7.11 -16.17
CA GLU D 334 -6.72 7.42 -15.90
C GLU D 334 -7.18 8.25 -17.08
N PHE D 335 -6.30 9.12 -17.57
CA PHE D 335 -6.56 9.94 -18.75
C PHE D 335 -6.23 9.22 -20.05
N LYS D 336 -5.59 8.05 -20.00
CA LYS D 336 -5.25 7.34 -21.22
C LYS D 336 -6.48 6.87 -21.97
N GLY D 337 -7.46 6.34 -21.22
CA GLY D 337 -8.73 5.95 -21.86
C GLY D 337 -9.40 7.17 -22.49
N THR D 338 -8.77 8.34 -22.38
CA THR D 338 -9.36 9.60 -22.92
C THR D 338 -8.72 9.94 -24.27
N GLY D 339 -7.99 11.07 -24.34
CA GLY D 339 -7.33 11.52 -25.59
C GLY D 339 -7.54 10.60 -26.78
N ASN D 340 -8.44 10.97 -27.71
CA ASN D 340 -8.66 10.17 -28.95
C ASN D 340 -7.42 10.27 -29.84
N MET D 341 -6.22 10.20 -29.25
CA MET D 341 -4.97 10.36 -29.97
C MET D 341 -3.82 10.34 -28.98
N GLU D 342 -2.87 9.44 -29.19
CA GLU D 342 -1.70 9.33 -28.33
C GLU D 342 -0.44 9.40 -29.18
N LEU D 343 0.41 10.37 -28.87
CA LEU D 343 1.69 10.55 -29.57
C LEU D 343 2.80 10.30 -28.54
N HIS D 344 3.27 9.06 -28.47
CA HIS D 344 4.27 8.69 -27.48
C HIS D 344 5.66 9.06 -27.96
N LEU D 345 6.50 9.48 -27.01
CA LEU D 345 7.90 9.80 -27.27
C LEU D 345 8.78 8.87 -26.44
N SER D 346 9.86 8.38 -27.04
CA SER D 346 10.74 7.40 -26.41
C SER D 346 11.96 8.10 -25.83
N ARG D 347 12.25 7.81 -24.56
CA ARG D 347 13.44 8.37 -23.92
C ARG D 347 14.70 7.73 -24.47
N LYS D 348 14.64 6.45 -24.85
CA LYS D 348 15.81 5.76 -25.39
C LYS D 348 16.26 6.41 -26.70
N ILE D 349 15.31 6.84 -27.53
CA ILE D 349 15.67 7.51 -28.77
C ILE D 349 16.18 8.92 -28.51
N ALA D 350 15.65 9.59 -27.48
CA ALA D 350 16.10 10.93 -27.15
C ALA D 350 17.53 10.91 -26.59
N GLU D 351 17.89 9.85 -25.88
CA GLU D 351 19.24 9.73 -25.37
C GLU D 351 20.28 9.57 -26.47
N LYS D 352 19.88 9.04 -27.62
CA LYS D 352 20.76 8.89 -28.77
C LYS D 352 20.86 10.18 -29.60
N ARG D 353 20.23 11.27 -29.13
CA ARG D 353 20.25 12.55 -29.82
C ARG D 353 19.67 12.43 -31.23
N VAL D 354 18.59 11.66 -31.36
CA VAL D 354 17.89 11.47 -32.62
C VAL D 354 16.58 12.24 -32.52
N PHE D 355 16.56 13.45 -33.06
CA PHE D 355 15.37 14.29 -33.01
C PHE D 355 14.66 14.28 -34.35
N PRO D 356 13.33 14.13 -34.36
CA PRO D 356 12.50 13.95 -33.16
C PRO D 356 12.48 12.51 -32.66
N ALA D 357 12.32 12.32 -31.36
CA ALA D 357 12.26 11.00 -30.75
C ALA D 357 10.79 10.63 -30.54
N ILE D 358 10.16 10.18 -31.62
CA ILE D 358 8.74 9.87 -31.63
C ILE D 358 8.58 8.35 -31.73
N ASP D 359 7.73 7.79 -30.88
CA ASP D 359 7.41 6.36 -30.94
C ASP D 359 6.34 6.16 -32.00
N TYR D 360 6.76 5.82 -33.21
CA TYR D 360 5.82 5.70 -34.32
C TYR D 360 4.91 4.48 -34.15
N ASN D 361 5.39 3.45 -33.43
CA ASN D 361 4.61 2.23 -33.30
C ASN D 361 3.36 2.45 -32.47
N ARG D 362 3.50 3.05 -31.29
CA ARG D 362 2.35 3.24 -30.41
C ARG D 362 1.51 4.45 -30.77
N SER D 363 1.98 5.29 -31.70
CA SER D 363 1.20 6.44 -32.13
C SER D 363 0.07 5.99 -33.06
N GLY D 364 -0.85 6.90 -33.33
CA GLY D 364 -1.98 6.61 -34.19
C GLY D 364 -3.14 7.53 -33.89
N THR D 365 -4.12 7.49 -34.79
CA THR D 365 -5.32 8.29 -34.68
C THR D 365 -6.53 7.45 -35.06
N ARG D 366 -7.59 7.53 -34.26
CA ARG D 366 -8.81 6.81 -34.54
C ARG D 366 -9.65 7.57 -35.56
N LYS D 367 -10.33 6.82 -36.43
CA LYS D 367 -11.13 7.39 -37.52
C LYS D 367 -10.28 8.30 -38.40
N GLU D 368 -9.08 7.84 -38.73
CA GLU D 368 -8.17 8.62 -39.56
C GLU D 368 -8.63 8.72 -41.00
N GLU D 369 -9.56 7.85 -41.42
CA GLU D 369 -10.05 7.89 -42.80
C GLU D 369 -10.88 9.14 -43.08
N LEU D 370 -11.37 9.82 -42.03
CA LEU D 370 -12.15 11.04 -42.20
C LEU D 370 -11.30 12.27 -42.45
N LEU D 371 -9.97 12.15 -42.34
CA LEU D 371 -9.08 13.28 -42.57
C LEU D 371 -8.08 13.03 -43.71
N THR D 372 -8.05 11.83 -44.27
CA THR D 372 -7.13 11.50 -45.35
C THR D 372 -7.89 10.80 -46.47
N THR D 373 -7.33 10.87 -47.67
CA THR D 373 -7.94 10.23 -48.82
C THR D 373 -7.69 8.73 -48.78
N GLN D 374 -8.25 8.04 -49.79
CA GLN D 374 -8.11 6.59 -49.85
C GLN D 374 -6.68 6.18 -50.14
N GLU D 375 -6.06 6.78 -51.15
CA GLU D 375 -4.68 6.44 -51.50
C GLU D 375 -3.72 6.85 -50.39
N GLU D 376 -3.97 8.00 -49.76
CA GLU D 376 -3.11 8.43 -48.65
C GLU D 376 -3.22 7.47 -47.48
N LEU D 377 -4.44 7.02 -47.17
CA LEU D 377 -4.62 6.05 -46.09
C LEU D 377 -3.94 4.72 -46.41
N GLN D 378 -4.04 4.28 -47.67
CA GLN D 378 -3.38 3.04 -48.06
C GLN D 378 -1.87 3.16 -47.96
N LYS D 379 -1.31 4.29 -48.38
CA LYS D 379 0.12 4.50 -48.27
C LYS D 379 0.56 4.56 -46.81
N MET D 380 -0.21 5.19 -45.95
CA MET D 380 0.12 5.22 -44.53
C MET D 380 0.05 3.82 -43.93
N TRP D 381 -0.95 3.02 -44.33
CA TRP D 381 -1.04 1.64 -43.85
C TRP D 381 0.16 0.82 -44.29
N ILE D 382 0.58 0.97 -45.55
CA ILE D 382 1.75 0.26 -46.04
C ILE D 382 3.00 0.69 -45.29
N LEU D 383 3.15 1.99 -45.05
CA LEU D 383 4.31 2.49 -44.32
C LEU D 383 4.33 1.95 -42.90
N ARG D 384 3.16 1.87 -42.25
CA ARG D 384 3.10 1.31 -40.90
C ARG D 384 3.43 -0.18 -40.90
N LYS D 385 2.95 -0.92 -41.90
CA LYS D 385 3.24 -2.35 -41.97
C LYS D 385 4.71 -2.60 -42.28
N ILE D 386 5.38 -1.68 -42.96
CA ILE D 386 6.80 -1.83 -43.22
C ILE D 386 7.62 -1.42 -42.00
N ILE D 387 7.17 -0.40 -41.28
CA ILE D 387 7.92 0.11 -40.13
C ILE D 387 7.78 -0.80 -38.92
N HIS D 388 6.61 -1.42 -38.75
CA HIS D 388 6.33 -2.23 -37.55
C HIS D 388 7.38 -3.30 -37.25
N PRO D 389 7.86 -4.10 -38.22
CA PRO D 389 8.85 -5.13 -37.85
C PRO D 389 10.16 -4.55 -37.32
N MET D 390 10.60 -3.41 -37.87
CA MET D 390 11.87 -2.84 -37.45
C MET D 390 11.77 -2.26 -36.04
N GLY D 391 12.91 -2.14 -35.38
CA GLY D 391 12.95 -1.56 -34.05
C GLY D 391 12.70 -0.06 -34.07
N GLU D 392 12.46 0.49 -32.88
CA GLU D 392 12.11 1.90 -32.76
C GLU D 392 13.22 2.80 -33.30
N ILE D 393 14.44 2.61 -32.80
CA ILE D 393 15.55 3.45 -33.25
C ILE D 393 15.84 3.23 -34.72
N ASP D 394 15.82 1.97 -35.15
CA ASP D 394 16.06 1.66 -36.56
C ASP D 394 14.97 2.26 -37.46
N ALA D 395 13.71 2.17 -37.04
CA ALA D 395 12.62 2.74 -37.82
C ALA D 395 12.74 4.26 -37.90
N MET D 396 13.13 4.89 -36.79
CA MET D 396 13.30 6.34 -36.79
C MET D 396 14.44 6.76 -37.72
N GLU D 397 15.55 6.03 -37.66
CA GLU D 397 16.68 6.34 -38.55
C GLU D 397 16.28 6.15 -40.01
N PHE D 398 15.57 5.07 -40.31
CA PHE D 398 15.11 4.83 -41.67
C PHE D 398 14.19 5.95 -42.15
N LEU D 399 13.24 6.35 -41.30
CA LEU D 399 12.31 7.41 -41.68
C LEU D 399 13.03 8.73 -41.91
N ILE D 400 14.00 9.06 -41.04
CA ILE D 400 14.74 10.30 -41.20
C ILE D 400 15.57 10.27 -42.49
N ASN D 401 16.25 9.16 -42.75
CA ASN D 401 17.08 9.07 -43.95
C ASN D 401 16.25 9.09 -45.22
N LYS D 402 15.01 8.59 -45.15
CA LYS D 402 14.16 8.60 -46.33
C LYS D 402 13.45 9.93 -46.53
N LEU D 403 13.17 10.67 -45.45
CA LEU D 403 12.56 11.98 -45.58
C LEU D 403 13.57 13.06 -45.90
N ALA D 404 14.85 12.83 -45.58
CA ALA D 404 15.88 13.81 -45.94
C ALA D 404 16.16 13.84 -47.43
N MET D 405 15.80 12.79 -48.16
CA MET D 405 16.09 12.74 -49.59
C MET D 405 15.17 13.66 -50.39
N THR D 406 13.93 13.82 -49.96
CA THR D 406 12.94 14.62 -50.68
C THR D 406 12.39 15.72 -49.77
N LYS D 407 11.54 16.57 -50.35
CA LYS D 407 10.92 17.65 -49.60
C LYS D 407 9.50 17.31 -49.16
N THR D 408 8.74 16.63 -50.00
CA THR D 408 7.36 16.28 -49.70
C THR D 408 7.24 14.78 -49.47
N ASN D 409 6.25 14.41 -48.65
CA ASN D 409 6.03 13.00 -48.34
C ASN D 409 5.42 12.24 -49.51
N ASP D 410 4.80 12.97 -50.46
CA ASP D 410 4.23 12.32 -51.62
C ASP D 410 5.31 11.66 -52.47
N ASP D 411 6.45 12.31 -52.64
CA ASP D 411 7.56 11.71 -53.38
C ASP D 411 8.09 10.48 -52.66
N PHE D 412 8.16 10.51 -51.33
CA PHE D 412 8.59 9.33 -50.58
C PHE D 412 7.62 8.18 -50.77
N PHE D 413 6.31 8.46 -50.70
CA PHE D 413 5.32 7.41 -50.90
C PHE D 413 5.38 6.84 -52.31
N GLU D 414 5.63 7.71 -53.30
CA GLU D 414 5.74 7.24 -54.68
C GLU D 414 7.00 6.41 -54.90
N MET D 415 8.08 6.74 -54.20
CA MET D 415 9.32 5.97 -54.34
C MET D 415 9.28 4.67 -53.56
N MET D 416 8.42 4.59 -52.52
CA MET D 416 8.31 3.35 -51.77
C MET D 416 7.72 2.23 -52.62
N LYS D 417 6.79 2.56 -53.52
CA LYS D 417 6.17 1.56 -54.38
C LYS D 417 7.12 1.14 -55.49
N MET E 1 -53.59 15.19 -30.20
CA MET E 1 -52.78 15.98 -29.29
C MET E 1 -51.89 15.07 -28.43
N ASN E 2 -50.69 14.77 -28.94
CA ASN E 2 -49.74 13.93 -28.25
C ASN E 2 -48.47 14.72 -27.99
N LEU E 3 -47.80 14.41 -26.87
CA LEU E 3 -46.60 15.13 -26.49
C LEU E 3 -45.44 14.82 -27.43
N THR E 4 -45.25 13.54 -27.75
CA THR E 4 -44.13 13.15 -28.63
C THR E 4 -44.32 13.71 -30.03
N GLU E 5 -45.57 13.82 -30.49
CA GLU E 5 -45.81 14.39 -31.82
C GLU E 5 -45.38 15.84 -31.88
N LEU E 6 -45.67 16.61 -30.83
CA LEU E 6 -45.23 18.01 -30.79
C LEU E 6 -43.73 18.11 -30.55
N LYS E 7 -43.13 17.13 -29.87
CA LYS E 7 -41.69 17.12 -29.68
C LYS E 7 -40.94 16.81 -30.96
N ASN E 8 -41.53 16.00 -31.86
CA ASN E 8 -40.86 15.68 -33.11
C ASN E 8 -40.98 16.78 -34.15
N THR E 9 -41.96 17.67 -33.99
CA THR E 9 -42.13 18.77 -34.94
C THR E 9 -40.96 19.74 -34.84
N PRO E 10 -40.60 20.39 -35.94
CA PRO E 10 -39.49 21.35 -35.90
C PRO E 10 -39.88 22.63 -35.19
N VAL E 11 -38.89 23.51 -35.02
CA VAL E 11 -39.10 24.74 -34.27
C VAL E 11 -39.90 25.74 -35.11
N SER E 12 -39.62 25.79 -36.41
CA SER E 12 -40.26 26.79 -37.26
C SER E 12 -41.77 26.57 -37.34
N GLU E 13 -42.19 25.31 -37.55
CA GLU E 13 -43.61 25.02 -37.62
C GLU E 13 -44.31 25.29 -36.30
N LEU E 14 -43.66 25.00 -35.18
CA LEU E 14 -44.25 25.28 -33.87
C LEU E 14 -44.39 26.79 -33.65
N ILE E 15 -43.39 27.56 -34.06
CA ILE E 15 -43.48 29.01 -33.94
C ILE E 15 -44.61 29.54 -34.80
N THR E 16 -44.74 29.02 -36.02
CA THR E 16 -45.82 29.45 -36.91
C THR E 16 -47.19 29.12 -36.32
N LEU E 17 -47.33 27.91 -35.77
CA LEU E 17 -48.60 27.51 -35.17
C LEU E 17 -48.93 28.38 -33.96
N GLY E 18 -47.93 28.67 -33.12
CA GLY E 18 -48.16 29.53 -31.98
C GLY E 18 -48.53 30.94 -32.37
N GLU E 19 -47.91 31.48 -33.42
CA GLU E 19 -48.28 32.81 -33.90
C GLU E 19 -49.68 32.81 -34.49
N ASN E 20 -50.08 31.72 -35.14
CA ASN E 20 -51.45 31.64 -35.65
C ASN E 20 -52.47 31.51 -34.52
N MET E 21 -52.08 30.88 -33.41
CA MET E 21 -53.01 30.74 -32.30
C MET E 21 -53.20 32.06 -31.56
N GLY E 22 -52.33 33.05 -31.81
CA GLY E 22 -52.48 34.35 -31.19
C GLY E 22 -51.99 34.40 -29.76
N LEU E 23 -50.70 34.16 -29.56
CA LEU E 23 -50.07 34.19 -28.24
C LEU E 23 -48.89 35.16 -28.26
N GLU E 24 -48.13 35.17 -27.18
CA GLU E 24 -46.94 36.01 -27.10
C GLU E 24 -45.90 35.56 -28.12
N ASN E 25 -45.01 36.48 -28.48
CA ASN E 25 -43.96 36.21 -29.46
C ASN E 25 -43.15 34.98 -29.08
N LEU E 26 -43.20 33.96 -29.94
CA LEU E 26 -42.54 32.69 -29.69
C LEU E 26 -41.15 32.59 -30.31
N ALA E 27 -40.72 33.60 -31.07
CA ALA E 27 -39.39 33.57 -31.65
C ALA E 27 -38.32 33.59 -30.57
N ARG E 28 -38.48 34.46 -29.57
CA ARG E 28 -37.58 34.50 -28.42
C ARG E 28 -38.10 33.63 -27.27
N MET E 29 -38.39 32.37 -27.57
CA MET E 29 -38.92 31.45 -26.58
C MET E 29 -38.35 30.05 -26.84
N ARG E 30 -38.26 29.27 -25.77
CA ARG E 30 -37.79 27.89 -25.90
C ARG E 30 -38.86 27.02 -26.54
N LYS E 31 -38.42 25.94 -27.18
CA LYS E 31 -39.34 25.03 -27.84
C LYS E 31 -40.28 24.38 -26.83
N GLN E 32 -39.76 24.02 -25.65
CA GLN E 32 -40.61 23.44 -24.62
C GLN E 32 -41.65 24.43 -24.13
N ASP E 33 -41.27 25.70 -23.97
CA ASP E 33 -42.23 26.71 -23.58
C ASP E 33 -43.27 26.94 -24.67
N ILE E 34 -42.85 26.87 -25.94
CA ILE E 34 -43.78 26.99 -27.06
C ILE E 34 -44.80 25.86 -27.01
N ILE E 35 -44.33 24.63 -26.80
CA ILE E 35 -45.24 23.48 -26.72
C ILE E 35 -46.19 23.63 -25.54
N PHE E 36 -45.67 24.12 -24.42
CA PHE E 36 -46.49 24.30 -23.23
C PHE E 36 -47.60 25.33 -23.48
N ALA E 37 -47.24 26.45 -24.12
CA ALA E 37 -48.23 27.48 -24.43
C ALA E 37 -49.26 26.98 -25.43
N ILE E 38 -48.82 26.20 -26.42
CA ILE E 38 -49.75 25.65 -27.40
C ILE E 38 -50.72 24.69 -26.73
N LEU E 39 -50.22 23.86 -25.81
CA LEU E 39 -51.09 22.94 -25.09
C LEU E 39 -52.09 23.70 -24.22
N LYS E 40 -51.63 24.76 -23.55
CA LYS E 40 -52.54 25.58 -22.75
C LYS E 40 -53.64 26.18 -23.63
N GLN E 41 -53.25 26.78 -24.75
CA GLN E 41 -54.23 27.43 -25.63
C GLN E 41 -55.21 26.41 -26.22
N HIS E 42 -54.73 25.19 -26.50
CA HIS E 42 -55.60 24.17 -27.06
C HIS E 42 -56.54 23.59 -26.01
N ALA E 43 -56.10 23.52 -24.76
CA ALA E 43 -56.96 23.06 -23.68
C ALA E 43 -57.95 24.13 -23.23
N LYS E 44 -57.65 25.40 -23.45
CA LYS E 44 -58.63 26.45 -23.14
C LYS E 44 -59.87 26.34 -24.01
N SER E 45 -59.73 25.73 -25.20
CA SER E 45 -60.88 25.53 -26.08
C SER E 45 -61.74 24.35 -25.68
N GLY E 46 -61.29 23.53 -24.74
CA GLY E 46 -62.05 22.39 -24.27
C GLY E 46 -61.60 21.04 -24.78
N GLU E 47 -60.63 21.00 -25.70
CA GLU E 47 -60.16 19.74 -26.25
C GLU E 47 -59.29 19.01 -25.23
N ASP E 48 -59.11 17.71 -25.46
CA ASP E 48 -58.32 16.87 -24.57
C ASP E 48 -56.87 16.81 -25.03
N ILE E 49 -55.97 16.58 -24.08
CA ILE E 49 -54.55 16.45 -24.34
C ILE E 49 -54.08 15.09 -23.83
N PHE E 50 -53.23 14.45 -24.62
CA PHE E 50 -52.71 13.12 -24.29
C PHE E 50 -51.19 13.17 -24.21
N GLY E 51 -50.64 12.31 -23.36
CA GLY E 51 -49.21 12.22 -23.17
C GLY E 51 -48.80 10.81 -22.83
N ASP E 52 -47.49 10.61 -22.69
CA ASP E 52 -46.93 9.30 -22.37
C ASP E 52 -45.54 9.50 -21.81
N GLY E 53 -44.99 8.42 -21.25
CA GLY E 53 -43.66 8.44 -20.69
C GLY E 53 -43.46 7.32 -19.71
N VAL E 54 -42.22 7.17 -19.26
CA VAL E 54 -41.84 6.15 -18.30
C VAL E 54 -42.01 6.70 -16.89
N LEU E 55 -42.62 5.92 -16.02
CA LEU E 55 -42.92 6.36 -14.66
C LEU E 55 -41.67 6.28 -13.78
N GLU E 56 -41.46 7.32 -12.98
CA GLU E 56 -40.36 7.39 -12.01
C GLU E 56 -40.95 7.76 -10.66
N ILE E 57 -41.26 6.75 -9.86
CA ILE E 57 -41.86 7.00 -8.55
C ILE E 57 -40.81 7.56 -7.60
N LEU E 58 -41.12 8.69 -6.98
CA LEU E 58 -40.21 9.32 -6.05
C LEU E 58 -40.31 8.66 -4.68
N GLN E 59 -39.42 9.06 -3.78
CA GLN E 59 -39.39 8.47 -2.44
C GLN E 59 -40.60 8.91 -1.61
N ASP E 60 -41.14 10.10 -1.87
CA ASP E 60 -42.27 10.58 -1.09
C ASP E 60 -43.54 9.80 -1.40
N GLY E 61 -43.74 9.43 -2.67
CA GLY E 61 -44.91 8.67 -3.06
C GLY E 61 -45.47 9.07 -4.40
N PHE E 62 -45.13 10.26 -4.88
CA PHE E 62 -45.58 10.72 -6.19
C PHE E 62 -44.56 10.33 -7.25
N GLY E 63 -44.77 10.79 -8.48
CA GLY E 63 -43.86 10.45 -9.56
C GLY E 63 -44.11 11.30 -10.78
N PHE E 64 -43.24 11.12 -11.78
CA PHE E 64 -43.33 11.83 -13.03
C PHE E 64 -43.18 10.85 -14.18
N LEU E 65 -43.49 11.33 -15.39
CA LEU E 65 -43.38 10.54 -16.62
C LEU E 65 -42.22 11.12 -17.43
N ARG E 66 -41.05 10.52 -17.28
CA ARG E 66 -39.86 10.98 -18.00
C ARG E 66 -40.00 10.69 -19.50
N SER E 67 -39.22 11.42 -20.29
CA SER E 67 -39.21 11.26 -21.73
C SER E 67 -37.89 10.62 -22.19
N ALA E 68 -37.97 9.85 -23.27
CA ALA E 68 -36.80 9.11 -23.75
C ALA E 68 -35.86 10.00 -24.56
N ASP E 69 -36.39 11.05 -25.21
CA ASP E 69 -35.55 11.91 -26.03
C ASP E 69 -34.62 12.78 -25.20
N SER E 70 -34.88 12.92 -23.90
CA SER E 70 -34.04 13.73 -23.02
C SER E 70 -33.23 12.87 -22.06
N SER E 71 -33.10 11.57 -22.34
CA SER E 71 -32.32 10.65 -21.51
C SER E 71 -32.85 10.62 -20.07
N TYR E 72 -34.18 10.67 -19.94
CA TYR E 72 -34.86 10.61 -18.65
C TYR E 72 -34.39 11.70 -17.71
N LEU E 73 -34.24 12.91 -18.25
CA LEU E 73 -33.84 14.07 -17.47
C LEU E 73 -35.06 14.83 -16.97
N ALA E 74 -34.93 15.43 -15.80
CA ALA E 74 -36.02 16.19 -15.20
C ALA E 74 -36.40 17.38 -16.06
N GLY E 75 -37.59 17.34 -16.66
CA GLY E 75 -38.05 18.40 -17.52
C GLY E 75 -39.28 19.09 -16.98
N PRO E 76 -39.53 20.31 -17.46
CA PRO E 76 -40.74 21.03 -17.02
C PRO E 76 -42.02 20.42 -17.53
N ASP E 77 -41.97 19.65 -18.62
CA ASP E 77 -43.16 19.05 -19.22
C ASP E 77 -43.44 17.65 -18.70
N ASP E 78 -42.92 17.31 -17.52
CA ASP E 78 -43.19 16.01 -16.93
C ASP E 78 -44.62 15.95 -16.41
N ILE E 79 -45.26 14.80 -16.58
CA ILE E 79 -46.64 14.60 -16.16
C ILE E 79 -46.65 14.11 -14.71
N TYR E 80 -47.30 14.88 -13.84
CA TYR E 80 -47.39 14.48 -12.44
C TYR E 80 -48.34 13.30 -12.29
N VAL E 81 -47.95 12.34 -11.46
CA VAL E 81 -48.74 11.16 -11.17
C VAL E 81 -49.01 11.13 -9.68
N SER E 82 -50.27 11.28 -9.30
CA SER E 82 -50.64 11.30 -7.90
C SER E 82 -50.41 9.91 -7.27
N PRO E 83 -50.08 9.86 -5.98
CA PRO E 83 -49.91 8.55 -5.33
C PRO E 83 -51.21 7.77 -5.22
N SER E 84 -52.36 8.46 -5.27
CA SER E 84 -53.64 7.78 -5.21
C SER E 84 -53.82 6.84 -6.40
N GLN E 85 -53.52 7.33 -7.60
CA GLN E 85 -53.61 6.47 -8.78
C GLN E 85 -52.57 5.36 -8.74
N ILE E 86 -51.39 5.65 -8.18
CA ILE E 86 -50.35 4.63 -8.05
C ILE E 86 -50.84 3.49 -7.16
N ARG E 87 -51.52 3.85 -6.08
CA ARG E 87 -52.07 2.90 -5.07
C ARG E 87 -53.29 2.19 -5.65
N ARG E 88 -53.99 2.82 -6.60
CA ARG E 88 -55.23 2.27 -7.22
C ARG E 88 -54.89 1.28 -8.35
N PHE E 89 -53.79 1.51 -9.08
CA PHE E 89 -53.40 0.65 -10.19
C PHE E 89 -52.12 -0.14 -9.92
N ASN E 90 -51.55 -0.03 -8.72
CA ASN E 90 -50.33 -0.74 -8.35
C ASN E 90 -49.20 -0.45 -9.34
N LEU E 91 -48.98 0.84 -9.59
CA LEU E 91 -47.93 1.26 -10.51
C LEU E 91 -46.57 1.24 -9.83
N ARG E 92 -45.54 0.94 -10.62
CA ARG E 92 -44.17 0.90 -10.13
C ARG E 92 -43.27 1.61 -11.12
N THR E 93 -42.04 1.86 -10.69
CA THR E 93 -41.06 2.54 -11.53
C THR E 93 -40.74 1.72 -12.76
N GLY E 94 -40.98 2.29 -13.93
CA GLY E 94 -40.74 1.64 -15.21
C GLY E 94 -41.99 1.36 -16.03
N ASP E 95 -43.17 1.43 -15.41
CA ASP E 95 -44.41 1.17 -16.13
C ASP E 95 -44.69 2.29 -17.13
N THR E 96 -44.84 1.92 -18.40
CA THR E 96 -45.19 2.89 -19.43
C THR E 96 -46.66 3.25 -19.31
N ILE E 97 -46.95 4.53 -19.10
CA ILE E 97 -48.31 5.02 -18.89
C ILE E 97 -48.63 6.00 -20.01
N SER E 98 -49.80 5.82 -20.63
CA SER E 98 -50.28 6.69 -21.70
C SER E 98 -51.75 7.00 -21.43
N GLY E 99 -52.05 8.26 -21.13
CA GLY E 99 -53.42 8.64 -20.84
C GLY E 99 -53.62 10.13 -21.02
N LYS E 100 -54.87 10.55 -20.79
CA LYS E 100 -55.22 11.96 -20.94
C LYS E 100 -54.54 12.79 -19.85
N ILE E 101 -54.08 13.98 -20.24
CA ILE E 101 -53.41 14.90 -19.34
C ILE E 101 -54.08 16.27 -19.46
N ARG E 102 -53.81 17.13 -18.48
CA ARG E 102 -54.35 18.48 -18.44
C ARG E 102 -53.25 19.44 -18.04
N PRO E 103 -53.28 20.67 -18.55
CA PRO E 103 -52.27 21.67 -18.16
C PRO E 103 -52.40 22.01 -16.70
N PRO E 104 -51.32 22.48 -16.07
CA PRO E 104 -51.39 22.82 -14.64
C PRO E 104 -52.22 24.06 -14.40
N LYS E 105 -53.02 24.01 -13.34
CA LYS E 105 -53.88 25.13 -12.97
C LYS E 105 -53.06 26.15 -12.18
N GLU E 106 -53.74 27.12 -11.57
CA GLU E 106 -53.07 28.14 -10.78
C GLU E 106 -52.48 27.50 -9.52
N GLY E 107 -51.16 27.61 -9.36
CA GLY E 107 -50.48 27.00 -8.24
C GLY E 107 -49.85 25.66 -8.53
N GLU E 108 -49.94 25.18 -9.76
CA GLU E 108 -49.35 23.90 -10.17
C GLU E 108 -48.27 24.17 -11.21
N ARG E 109 -47.36 23.20 -11.34
CA ARG E 109 -46.22 23.33 -12.24
C ARG E 109 -46.08 22.18 -13.24
N TYR E 110 -46.90 21.15 -13.14
CA TYR E 110 -46.78 19.98 -14.00
C TYR E 110 -48.15 19.48 -14.41
N PHE E 111 -48.19 18.76 -15.52
CA PHE E 111 -49.45 18.20 -16.01
C PHE E 111 -49.94 17.10 -15.09
N ALA E 112 -51.25 17.00 -14.94
CA ALA E 112 -51.87 15.99 -14.11
C ALA E 112 -52.47 14.88 -14.98
N LEU E 113 -52.55 13.68 -14.40
CA LEU E 113 -53.09 12.52 -15.08
C LEU E 113 -54.50 12.25 -14.61
N LEU E 114 -55.46 12.24 -15.54
CA LEU E 114 -56.86 12.00 -15.21
C LEU E 114 -57.24 10.53 -15.37
N LYS E 115 -57.06 9.97 -16.57
CA LYS E 115 -57.43 8.60 -16.85
C LYS E 115 -56.32 7.93 -17.66
N VAL E 116 -55.89 6.76 -17.21
CA VAL E 116 -54.85 5.99 -17.90
C VAL E 116 -55.52 5.11 -18.95
N ASN E 117 -54.99 5.15 -20.17
CA ASN E 117 -55.58 4.41 -21.27
C ASN E 117 -54.83 3.12 -21.59
N GLU E 118 -53.50 3.15 -21.53
CA GLU E 118 -52.68 1.99 -21.90
C GLU E 118 -51.51 1.88 -20.94
N VAL E 119 -51.27 0.67 -20.45
CA VAL E 119 -50.19 0.40 -19.50
C VAL E 119 -49.23 -0.59 -20.15
N ASN E 120 -47.96 -0.21 -20.26
CA ASN E 120 -46.91 -1.05 -20.82
C ASN E 120 -47.28 -1.52 -22.23
N PHE E 121 -47.86 -0.61 -23.01
CA PHE E 121 -48.30 -0.91 -24.37
C PHE E 121 -49.27 -2.10 -24.42
N ASP E 122 -50.13 -2.16 -23.40
CA ASP E 122 -51.09 -3.26 -23.30
C ASP E 122 -52.26 -2.78 -22.45
N LYS E 123 -53.29 -3.62 -22.38
CA LYS E 123 -54.47 -3.27 -21.60
C LYS E 123 -54.16 -3.33 -20.11
N PRO E 124 -54.75 -2.45 -19.29
CA PRO E 124 -54.52 -2.53 -17.84
C PRO E 124 -55.03 -3.82 -17.22
N GLU E 125 -56.02 -4.46 -17.85
CA GLU E 125 -56.52 -5.72 -17.32
C GLU E 125 -55.49 -6.83 -17.42
N ASN E 126 -54.55 -6.71 -18.36
CA ASN E 126 -53.46 -7.69 -18.47
C ASN E 126 -52.28 -7.32 -17.60
N ALA E 127 -52.16 -6.06 -17.19
CA ALA E 127 -51.06 -5.61 -16.35
C ALA E 127 -51.38 -5.73 -14.86
N ARG E 128 -52.67 -5.69 -14.50
CA ARG E 128 -53.04 -5.82 -13.09
C ARG E 128 -52.69 -7.21 -12.56
N ASN E 129 -52.75 -8.23 -13.41
CA ASN E 129 -52.39 -9.59 -13.04
C ASN E 129 -51.12 -9.96 -13.78
N LYS E 130 -50.00 -9.98 -13.05
CA LYS E 130 -48.71 -10.26 -13.65
C LYS E 130 -47.77 -10.81 -12.58
N ILE E 131 -46.75 -11.54 -13.04
CA ILE E 131 -45.74 -12.12 -12.17
C ILE E 131 -44.53 -11.20 -12.12
N LEU E 132 -44.02 -10.95 -10.92
CA LEU E 132 -42.89 -10.06 -10.76
C LEU E 132 -41.64 -10.65 -11.40
N PHE E 133 -40.67 -9.79 -11.70
CA PHE E 133 -39.43 -10.23 -12.32
C PHE E 133 -38.59 -11.04 -11.36
N GLU E 134 -38.70 -10.77 -10.05
CA GLU E 134 -37.91 -11.49 -9.05
C GLU E 134 -38.38 -12.93 -8.86
N ASN E 135 -39.54 -13.30 -9.40
CA ASN E 135 -40.08 -14.64 -9.25
C ASN E 135 -39.91 -15.50 -10.50
N LEU E 136 -39.47 -14.93 -11.61
CA LEU E 136 -39.30 -15.70 -12.84
C LEU E 136 -38.13 -16.67 -12.70
N THR E 137 -38.32 -17.88 -13.24
CA THR E 137 -37.30 -18.91 -13.13
C THR E 137 -36.20 -18.66 -14.14
N PRO E 138 -34.95 -18.47 -13.73
CA PRO E 138 -33.87 -18.25 -14.68
C PRO E 138 -33.52 -19.53 -15.44
N LEU E 139 -32.89 -19.35 -16.59
CA LEU E 139 -32.45 -20.47 -17.42
C LEU E 139 -31.25 -20.01 -18.23
N HIS E 140 -30.58 -20.99 -18.86
CA HIS E 140 -29.45 -20.69 -19.71
C HIS E 140 -29.93 -20.22 -21.09
N ALA E 141 -28.99 -19.72 -21.88
CA ALA E 141 -29.30 -19.26 -23.22
C ALA E 141 -29.73 -20.44 -24.09
N ASN E 142 -30.98 -20.40 -24.55
CA ASN E 142 -31.54 -21.45 -25.39
C ASN E 142 -31.65 -21.02 -26.84
N SER E 143 -32.28 -19.88 -27.12
CA SER E 143 -32.42 -19.40 -28.48
C SER E 143 -31.10 -18.81 -28.99
N ARG E 144 -30.78 -19.10 -30.24
CA ARG E 144 -29.54 -18.62 -30.85
C ARG E 144 -29.77 -17.26 -31.50
N LEU E 145 -28.99 -16.26 -31.08
CA LEU E 145 -29.03 -14.93 -31.67
C LEU E 145 -27.82 -14.79 -32.59
N ARG E 146 -27.97 -15.27 -33.82
CA ARG E 146 -26.88 -15.24 -34.78
C ARG E 146 -26.57 -13.81 -35.20
N MET E 147 -25.30 -13.46 -35.21
CA MET E 147 -24.85 -12.11 -35.52
C MET E 147 -24.35 -11.96 -36.96
N GLU E 148 -24.25 -13.06 -37.71
CA GLU E 148 -23.75 -13.01 -39.07
C GLU E 148 -24.75 -12.32 -39.99
N ARG E 149 -24.26 -11.35 -40.78
CA ARG E 149 -25.13 -10.64 -41.71
C ARG E 149 -25.61 -11.58 -42.82
N GLY E 150 -24.68 -12.19 -43.54
CA GLY E 150 -25.02 -13.05 -44.66
C GLY E 150 -25.05 -12.36 -46.01
N ASN E 151 -24.86 -11.04 -46.06
CA ASN E 151 -24.87 -10.31 -47.31
C ASN E 151 -23.51 -10.29 -48.00
N GLY E 152 -22.50 -10.93 -47.42
CA GLY E 152 -21.19 -10.95 -48.03
C GLY E 152 -20.45 -9.63 -47.98
N SER E 153 -20.79 -8.76 -47.05
CA SER E 153 -20.13 -7.47 -46.95
C SER E 153 -18.77 -7.62 -46.27
N THR E 154 -17.90 -6.64 -46.52
CA THR E 154 -16.56 -6.68 -45.92
C THR E 154 -16.62 -6.45 -44.41
N GLU E 155 -17.64 -5.75 -43.92
CA GLU E 155 -17.78 -5.53 -42.49
C GLU E 155 -18.32 -6.75 -41.77
N ASP E 156 -18.83 -7.74 -42.50
CA ASP E 156 -19.36 -8.96 -41.89
C ASP E 156 -18.25 -9.83 -41.30
N LEU E 157 -16.98 -9.53 -41.59
CA LEU E 157 -15.88 -10.32 -41.03
C LEU E 157 -15.86 -10.25 -39.51
N THR E 158 -16.15 -9.08 -38.96
CA THR E 158 -16.19 -8.93 -37.50
C THR E 158 -17.29 -9.80 -36.89
N ALA E 159 -18.48 -9.80 -37.50
CA ALA E 159 -19.57 -10.62 -36.99
C ALA E 159 -19.24 -12.11 -37.13
N ARG E 160 -18.58 -12.49 -38.22
CA ARG E 160 -18.20 -13.89 -38.41
C ARG E 160 -17.20 -14.33 -37.35
N VAL E 161 -16.20 -13.48 -37.08
CA VAL E 161 -15.21 -13.81 -36.05
C VAL E 161 -15.87 -13.87 -34.68
N LEU E 162 -16.83 -12.98 -34.42
CA LEU E 162 -17.54 -13.01 -33.14
C LEU E 162 -18.35 -14.29 -32.99
N ASP E 163 -19.00 -14.73 -34.07
CA ASP E 163 -19.77 -15.97 -34.02
C ASP E 163 -18.85 -17.17 -33.84
N LEU E 164 -17.68 -17.17 -34.48
CA LEU E 164 -16.74 -18.27 -34.33
C LEU E 164 -16.08 -18.27 -32.96
N ALA E 165 -16.01 -17.11 -32.30
CA ALA E 165 -15.33 -17.03 -31.01
C ALA E 165 -16.30 -17.21 -29.85
N SER E 166 -17.43 -16.51 -29.89
CA SER E 166 -18.40 -16.52 -28.78
C SER E 166 -19.78 -16.25 -29.31
N PRO E 167 -20.55 -17.29 -29.62
CA PRO E 167 -21.95 -17.09 -30.03
C PRO E 167 -22.76 -16.52 -28.88
N ILE E 168 -23.72 -15.66 -29.22
CA ILE E 168 -24.55 -14.96 -28.25
C ILE E 168 -25.98 -15.42 -28.39
N GLY E 169 -26.62 -15.74 -27.26
CA GLY E 169 -28.00 -16.14 -27.23
C GLY E 169 -28.83 -15.21 -26.35
N ARG E 170 -30.13 -15.51 -26.28
CA ARG E 170 -31.04 -14.71 -25.48
C ARG E 170 -30.77 -14.94 -23.99
N GLY E 171 -30.70 -13.85 -23.24
CA GLY E 171 -30.41 -13.93 -21.82
C GLY E 171 -28.95 -14.03 -21.46
N GLN E 172 -28.05 -13.84 -22.43
CA GLN E 172 -26.63 -13.94 -22.15
C GLN E 172 -26.15 -12.75 -21.32
N ARG E 173 -25.15 -13.02 -20.47
CA ARG E 173 -24.56 -12.01 -19.59
C ARG E 173 -23.05 -12.07 -19.78
N GLY E 174 -22.55 -11.30 -20.76
CA GLY E 174 -21.15 -11.33 -21.15
C GLY E 174 -20.41 -10.06 -20.77
N LEU E 175 -19.13 -10.06 -21.14
CA LEU E 175 -18.24 -8.94 -20.87
C LEU E 175 -17.29 -8.75 -22.05
N ILE E 176 -17.10 -7.50 -22.45
CA ILE E 176 -16.16 -7.16 -23.53
C ILE E 176 -14.96 -6.49 -22.85
N VAL E 177 -13.95 -7.29 -22.55
CA VAL E 177 -12.75 -6.81 -21.90
C VAL E 177 -11.77 -6.34 -22.96
N ALA E 178 -11.32 -5.09 -22.84
CA ALA E 178 -10.43 -4.51 -23.84
C ALA E 178 -9.74 -3.29 -23.23
N PRO E 179 -8.44 -3.14 -23.44
CA PRO E 179 -7.74 -1.92 -23.03
C PRO E 179 -8.20 -0.74 -23.88
N PRO E 180 -7.92 0.49 -23.44
CA PRO E 180 -8.32 1.65 -24.24
C PRO E 180 -7.58 1.70 -25.58
N LYS E 181 -8.16 2.43 -26.51
CA LYS E 181 -7.64 2.59 -27.87
C LYS E 181 -7.48 1.23 -28.57
N ALA E 182 -8.47 0.35 -28.42
CA ALA E 182 -8.45 -0.95 -29.05
C ALA E 182 -9.45 -1.09 -30.19
N GLY E 183 -10.53 -0.34 -30.18
CA GLY E 183 -11.55 -0.44 -31.20
C GLY E 183 -12.90 -0.84 -30.66
N LYS E 184 -13.15 -0.49 -29.39
CA LYS E 184 -14.42 -0.84 -28.76
C LYS E 184 -15.59 -0.15 -29.43
N THR E 185 -15.37 1.08 -29.90
CA THR E 185 -16.47 1.84 -30.50
C THR E 185 -16.95 1.19 -31.80
N MET E 186 -16.02 0.87 -32.70
CA MET E 186 -16.40 0.23 -33.97
C MET E 186 -17.01 -1.14 -33.72
N LEU E 187 -16.47 -1.88 -32.74
CA LEU E 187 -17.01 -3.21 -32.44
C LEU E 187 -18.44 -3.10 -31.92
N LEU E 188 -18.70 -2.14 -31.03
CA LEU E 188 -20.05 -1.96 -30.51
C LEU E 188 -21.00 -1.50 -31.61
N GLN E 189 -20.53 -0.62 -32.51
CA GLN E 189 -21.36 -0.20 -33.63
C GLN E 189 -21.71 -1.37 -34.52
N ASN E 190 -20.74 -2.23 -34.82
CA ASN E 190 -21.00 -3.40 -35.65
C ASN E 190 -21.96 -4.35 -34.97
N ILE E 191 -21.81 -4.56 -33.66
CA ILE E 191 -22.72 -5.45 -32.93
C ILE E 191 -24.14 -4.89 -32.98
N ALA E 192 -24.28 -3.58 -32.75
CA ALA E 192 -25.62 -2.99 -32.75
C ALA E 192 -26.25 -3.06 -34.14
N GLN E 193 -25.47 -2.81 -35.19
CA GLN E 193 -26.01 -2.90 -36.55
C GLN E 193 -26.40 -4.32 -36.90
N SER E 194 -25.59 -5.31 -36.50
CA SER E 194 -25.94 -6.70 -36.77
C SER E 194 -27.18 -7.13 -35.99
N ILE E 195 -27.34 -6.64 -34.76
CA ILE E 195 -28.55 -6.96 -34.00
C ILE E 195 -29.77 -6.33 -34.65
N ALA E 196 -29.65 -5.08 -35.10
CA ALA E 196 -30.79 -4.41 -35.72
C ALA E 196 -31.13 -5.01 -37.07
N TYR E 197 -30.15 -5.58 -37.77
CA TYR E 197 -30.40 -6.17 -39.08
C TYR E 197 -30.93 -7.59 -38.98
N ASN E 198 -30.31 -8.43 -38.16
CA ASN E 198 -30.71 -9.84 -38.09
C ASN E 198 -31.96 -10.03 -37.24
N HIS E 199 -32.05 -9.36 -36.10
CA HIS E 199 -33.16 -9.52 -35.17
C HIS E 199 -33.79 -8.15 -34.92
N PRO E 200 -34.60 -7.66 -35.86
CA PRO E 200 -35.27 -6.37 -35.65
C PRO E 200 -36.41 -6.40 -34.64
N ASP E 201 -36.88 -7.59 -34.26
CA ASP E 201 -37.99 -7.69 -33.31
C ASP E 201 -37.57 -7.43 -31.87
N CYS E 202 -36.29 -7.59 -31.55
CA CYS E 202 -35.83 -7.40 -30.19
C CYS E 202 -35.71 -5.90 -29.87
N VAL E 203 -35.93 -5.56 -28.61
CA VAL E 203 -35.84 -4.19 -28.14
C VAL E 203 -34.38 -3.89 -27.80
N LEU E 204 -33.75 -3.06 -28.63
CA LEU E 204 -32.34 -2.71 -28.45
C LEU E 204 -32.23 -1.42 -27.68
N MET E 205 -31.41 -1.42 -26.62
CA MET E 205 -31.18 -0.25 -25.79
C MET E 205 -29.69 -0.11 -25.56
N VAL E 206 -29.12 1.03 -25.97
CA VAL E 206 -27.71 1.30 -25.85
C VAL E 206 -27.52 2.33 -24.75
N LEU E 207 -26.80 1.95 -23.69
CA LEU E 207 -26.53 2.83 -22.55
C LEU E 207 -25.09 3.29 -22.60
N LEU E 208 -24.88 4.61 -22.66
CA LEU E 208 -23.56 5.21 -22.71
C LEU E 208 -23.45 6.22 -21.57
N ILE E 209 -22.77 5.83 -20.49
CA ILE E 209 -22.62 6.66 -19.30
C ILE E 209 -21.22 7.23 -19.28
N ASP E 210 -21.12 8.55 -19.03
CA ASP E 210 -19.84 9.24 -18.88
C ASP E 210 -18.99 9.11 -20.15
N GLU E 211 -19.57 9.53 -21.28
CA GLU E 211 -18.89 9.51 -22.56
C GLU E 211 -18.95 10.91 -23.18
N ARG E 212 -18.30 11.06 -24.33
CA ARG E 212 -18.22 12.36 -24.98
C ARG E 212 -19.51 12.65 -25.73
N PRO E 213 -19.93 13.92 -25.80
CA PRO E 213 -21.17 14.24 -26.54
C PRO E 213 -21.09 13.90 -28.01
N GLU E 214 -19.92 14.06 -28.64
CA GLU E 214 -19.77 13.68 -30.04
C GLU E 214 -20.03 12.21 -30.26
N GLU E 215 -19.47 11.32 -29.42
CA GLU E 215 -19.76 9.91 -29.53
C GLU E 215 -21.23 9.60 -29.28
N VAL E 216 -21.86 10.34 -28.36
CA VAL E 216 -23.28 10.13 -28.09
C VAL E 216 -24.12 10.45 -29.32
N THR E 217 -23.90 11.62 -29.92
CA THR E 217 -24.69 12.01 -31.08
C THR E 217 -24.34 11.17 -32.30
N GLU E 218 -23.12 10.59 -32.32
CA GLU E 218 -22.77 9.66 -33.38
C GLU E 218 -23.54 8.36 -33.24
N MET E 219 -23.54 7.78 -32.03
CA MET E 219 -24.27 6.53 -31.81
C MET E 219 -25.76 6.72 -32.00
N GLN E 220 -26.29 7.90 -31.65
CA GLN E 220 -27.73 8.13 -31.77
C GLN E 220 -28.16 8.18 -33.23
N ARG E 221 -27.29 8.65 -34.12
CA ARG E 221 -27.60 8.77 -35.54
C ARG E 221 -27.06 7.61 -36.37
N LEU E 222 -26.58 6.55 -35.74
CA LEU E 222 -26.00 5.41 -36.43
C LEU E 222 -26.78 4.11 -36.24
N VAL E 223 -27.20 3.81 -35.01
CA VAL E 223 -27.89 2.57 -34.72
C VAL E 223 -29.39 2.77 -34.91
N LYS E 224 -30.07 1.67 -35.22
CA LYS E 224 -31.52 1.68 -35.40
C LYS E 224 -32.21 1.19 -34.13
N GLY E 225 -32.27 2.08 -33.15
CA GLY E 225 -32.88 1.75 -31.89
C GLY E 225 -32.90 2.92 -30.94
N GLU E 226 -33.11 2.62 -29.67
CA GLU E 226 -33.16 3.63 -28.62
C GLU E 226 -31.77 3.84 -28.03
N VAL E 227 -31.41 5.11 -27.83
CA VAL E 227 -30.12 5.48 -27.28
C VAL E 227 -30.33 6.38 -26.08
N VAL E 228 -30.03 5.88 -24.89
CA VAL E 228 -30.08 6.65 -23.65
C VAL E 228 -28.66 6.80 -23.14
N ALA E 229 -28.17 8.04 -23.11
CA ALA E 229 -26.79 8.32 -22.75
C ALA E 229 -26.73 9.46 -21.74
N SER E 230 -25.57 9.58 -21.08
CA SER E 230 -25.33 10.62 -20.09
C SER E 230 -23.85 11.00 -20.18
N THR E 231 -23.59 12.18 -20.71
CA THR E 231 -22.23 12.65 -20.91
C THR E 231 -21.53 12.89 -19.57
N PHE E 232 -20.21 13.08 -19.65
CA PHE E 232 -19.41 13.32 -18.45
C PHE E 232 -19.72 14.66 -17.79
N ASP E 233 -20.37 15.59 -18.49
CA ASP E 233 -20.72 16.87 -17.90
C ASP E 233 -21.79 16.76 -16.82
N GLU E 234 -22.41 15.59 -16.65
CA GLU E 234 -23.43 15.37 -15.65
C GLU E 234 -22.83 14.67 -14.43
N PRO E 235 -23.36 14.94 -13.24
CA PRO E 235 -22.84 14.29 -12.03
C PRO E 235 -23.18 12.80 -12.02
N ALA E 236 -22.55 12.09 -11.08
CA ALA E 236 -22.78 10.66 -10.96
C ALA E 236 -24.20 10.34 -10.52
N SER E 237 -24.87 11.29 -9.88
CA SER E 237 -26.26 11.08 -9.48
C SER E 237 -27.16 10.84 -10.69
N ARG E 238 -26.98 11.62 -11.75
CA ARG E 238 -27.76 11.42 -12.96
C ARG E 238 -27.40 10.08 -13.60
N HIS E 239 -26.13 9.67 -13.51
CA HIS E 239 -25.73 8.37 -14.03
C HIS E 239 -26.48 7.26 -13.30
N VAL E 240 -26.52 7.31 -11.98
CA VAL E 240 -27.22 6.31 -11.19
C VAL E 240 -28.70 6.30 -11.53
N GLN E 241 -29.29 7.51 -11.66
CA GLN E 241 -30.71 7.61 -11.96
C GLN E 241 -31.03 7.01 -13.33
N VAL E 242 -30.19 7.30 -14.33
CA VAL E 242 -30.41 6.76 -15.67
C VAL E 242 -30.27 5.24 -15.66
N ALA E 243 -29.25 4.72 -14.97
CA ALA E 243 -29.08 3.28 -14.90
C ALA E 243 -30.28 2.61 -14.24
N GLU E 244 -30.78 3.20 -13.14
CA GLU E 244 -31.94 2.64 -12.46
C GLU E 244 -33.17 2.67 -13.36
N MET E 245 -33.41 3.79 -14.03
CA MET E 245 -34.57 3.88 -14.92
C MET E 245 -34.48 2.86 -16.06
N VAL E 246 -33.28 2.70 -16.65
CA VAL E 246 -33.12 1.76 -17.75
C VAL E 246 -33.36 0.33 -17.27
N ILE E 247 -32.78 -0.04 -16.12
CA ILE E 247 -32.94 -1.42 -15.67
C ILE E 247 -34.38 -1.69 -15.24
N GLU E 248 -35.06 -0.68 -14.68
CA GLU E 248 -36.46 -0.86 -14.30
C GLU E 248 -37.35 -1.02 -15.53
N LYS E 249 -37.09 -0.21 -16.57
CA LYS E 249 -37.85 -0.36 -17.81
C LYS E 249 -37.58 -1.72 -18.44
N ALA E 250 -36.34 -2.19 -18.39
CA ALA E 250 -36.01 -3.50 -18.93
C ALA E 250 -36.75 -4.60 -18.18
N LYS E 251 -36.78 -4.51 -16.84
CA LYS E 251 -37.51 -5.50 -16.06
C LYS E 251 -39.00 -5.47 -16.36
N ARG E 252 -39.58 -4.28 -16.48
CA ARG E 252 -41.01 -4.18 -16.78
C ARG E 252 -41.32 -4.73 -18.17
N LEU E 253 -40.40 -4.55 -19.13
CA LEU E 253 -40.62 -5.11 -20.45
C LEU E 253 -40.49 -6.64 -20.44
N VAL E 254 -39.50 -7.17 -19.72
CA VAL E 254 -39.34 -8.62 -19.62
C VAL E 254 -40.54 -9.25 -18.94
N GLU E 255 -41.13 -8.54 -17.98
CA GLU E 255 -42.33 -9.05 -17.31
C GLU E 255 -43.49 -9.26 -18.27
N HIS E 256 -43.49 -8.57 -19.42
CA HIS E 256 -44.50 -8.75 -20.45
C HIS E 256 -44.00 -9.64 -21.60
N LYS E 257 -43.04 -10.52 -21.30
CA LYS E 257 -42.51 -11.47 -22.29
C LYS E 257 -41.91 -10.77 -23.50
N LYS E 258 -41.04 -9.80 -23.24
CA LYS E 258 -40.33 -9.08 -24.29
C LYS E 258 -38.85 -9.40 -24.24
N ASP E 259 -38.20 -9.32 -25.42
CA ASP E 259 -36.78 -9.61 -25.55
C ASP E 259 -36.03 -8.28 -25.51
N VAL E 260 -35.43 -7.98 -24.37
CA VAL E 260 -34.69 -6.74 -24.16
C VAL E 260 -33.21 -7.01 -24.34
N ILE E 261 -32.52 -6.11 -25.03
CA ILE E 261 -31.08 -6.20 -25.25
C ILE E 261 -30.46 -4.88 -24.80
N ILE E 262 -29.53 -4.95 -23.86
CA ILE E 262 -28.86 -3.78 -23.31
C ILE E 262 -27.37 -3.88 -23.65
N LEU E 263 -26.88 -2.91 -24.42
CA LEU E 263 -25.47 -2.86 -24.79
C LEU E 263 -24.80 -1.79 -23.94
N LEU E 264 -24.27 -2.22 -22.80
CA LEU E 264 -23.60 -1.30 -21.88
C LEU E 264 -22.15 -1.11 -22.30
N ASP E 265 -21.68 0.13 -22.23
CA ASP E 265 -20.30 0.46 -22.59
C ASP E 265 -19.56 1.17 -21.46
N SER E 266 -20.12 1.19 -20.27
CA SER E 266 -19.55 1.96 -19.17
C SER E 266 -19.68 1.27 -17.82
N ILE E 267 -19.61 -0.06 -17.76
CA ILE E 267 -19.72 -0.79 -16.51
C ILE E 267 -18.69 -0.27 -15.51
N THR E 268 -17.47 0.00 -15.99
CA THR E 268 -16.44 0.58 -15.13
C THR E 268 -16.82 1.99 -14.69
N ARG E 269 -17.34 2.80 -15.62
CA ARG E 269 -17.77 4.15 -15.27
C ARG E 269 -18.97 4.11 -14.33
N LEU E 270 -19.87 3.13 -14.52
CA LEU E 270 -21.01 2.99 -13.62
C LEU E 270 -20.55 2.61 -12.22
N ALA E 271 -19.57 1.71 -12.12
CA ALA E 271 -19.03 1.35 -10.81
C ALA E 271 -18.34 2.54 -10.16
N ARG E 272 -17.62 3.35 -10.95
CA ARG E 272 -17.01 4.55 -10.40
C ARG E 272 -18.07 5.53 -9.89
N ALA E 273 -19.16 5.69 -10.64
CA ALA E 273 -20.23 6.57 -10.20
C ALA E 273 -20.86 6.08 -8.91
N TYR E 274 -21.09 4.76 -8.80
CA TYR E 274 -21.67 4.20 -7.58
C TYR E 274 -20.71 4.34 -6.40
N ASN E 275 -19.41 4.18 -6.64
CA ASN E 275 -18.42 4.39 -5.58
C ASN E 275 -18.31 5.87 -5.19
N THR E 276 -18.66 6.78 -6.10
CA THR E 276 -18.63 8.20 -5.77
C THR E 276 -19.88 8.63 -5.01
N VAL E 277 -21.05 8.06 -5.33
CA VAL E 277 -22.29 8.48 -4.69
C VAL E 277 -22.55 7.77 -3.36
N VAL E 278 -21.77 6.76 -3.02
CA VAL E 278 -21.97 6.03 -1.76
C VAL E 278 -21.34 6.82 -0.62
N PRO E 279 -22.02 6.99 0.50
CA PRO E 279 -21.43 7.71 1.63
C PRO E 279 -20.21 6.98 2.18
N ALA E 280 -19.22 7.76 2.63
CA ALA E 280 -18.00 7.19 3.18
C ALA E 280 -18.29 6.48 4.50
N SER E 281 -17.73 5.29 4.66
CA SER E 281 -17.91 4.48 5.86
C SER E 281 -16.63 4.33 6.66
N GLY E 282 -15.57 5.07 6.31
CA GLY E 282 -14.32 4.98 7.04
C GLY E 282 -13.52 3.72 6.75
N LYS E 283 -13.91 2.92 5.77
CA LYS E 283 -13.20 1.70 5.41
C LYS E 283 -13.01 1.68 3.91
N VAL E 284 -11.76 1.74 3.47
CA VAL E 284 -11.41 1.76 2.05
C VAL E 284 -10.57 0.54 1.74
N LEU E 285 -10.93 -0.19 0.69
CA LEU E 285 -10.21 -1.37 0.28
C LEU E 285 -9.04 -0.99 -0.63
N THR E 286 -8.35 -2.02 -1.13
CA THR E 286 -7.21 -1.80 -2.01
C THR E 286 -7.66 -1.19 -3.33
N GLY E 287 -7.06 -0.06 -3.69
CA GLY E 287 -7.37 0.62 -4.93
C GLY E 287 -8.36 1.76 -4.81
N GLY E 288 -8.94 1.97 -3.63
CA GLY E 288 -9.91 3.03 -3.47
C GLY E 288 -11.35 2.63 -3.73
N VAL E 289 -11.70 1.38 -3.46
CA VAL E 289 -13.05 0.87 -3.69
C VAL E 289 -13.72 0.66 -2.35
N ASP E 290 -14.95 1.15 -2.21
CA ASP E 290 -15.69 0.97 -0.99
C ASP E 290 -16.22 -0.47 -0.90
N ALA E 291 -16.45 -0.94 0.33
CA ALA E 291 -16.91 -2.31 0.52
C ALA E 291 -18.32 -2.52 0.00
N ASN E 292 -19.16 -1.49 0.05
CA ASN E 292 -20.55 -1.58 -0.38
C ASN E 292 -20.82 -0.80 -1.67
N ALA E 293 -19.76 -0.49 -2.43
CA ALA E 293 -19.94 0.29 -3.66
C ALA E 293 -20.23 -0.61 -4.85
N LEU E 294 -19.69 -1.83 -4.88
CA LEU E 294 -19.86 -2.73 -6.00
C LEU E 294 -21.15 -3.53 -5.94
N HIS E 295 -21.94 -3.38 -4.89
CA HIS E 295 -23.18 -4.16 -4.75
C HIS E 295 -24.21 -3.75 -5.80
N ARG E 296 -24.39 -2.44 -5.99
CA ARG E 296 -25.35 -1.96 -6.97
C ARG E 296 -24.96 -2.34 -8.41
N PRO E 297 -23.71 -2.14 -8.86
CA PRO E 297 -23.35 -2.66 -10.19
C PRO E 297 -23.43 -4.17 -10.27
N LYS E 298 -23.14 -4.88 -9.17
CA LYS E 298 -23.30 -6.34 -9.16
C LYS E 298 -24.73 -6.73 -9.47
N ARG E 299 -25.71 -6.09 -8.80
CA ARG E 299 -27.10 -6.39 -9.07
C ARG E 299 -27.52 -5.97 -10.47
N PHE E 300 -27.04 -4.80 -10.92
CA PHE E 300 -27.36 -4.35 -12.27
C PHE E 300 -26.88 -5.34 -13.32
N PHE E 301 -25.70 -5.92 -13.09
CA PHE E 301 -25.17 -6.91 -14.02
C PHE E 301 -25.95 -8.23 -13.93
N GLY E 302 -26.20 -8.69 -12.70
CA GLY E 302 -26.90 -9.95 -12.50
C GLY E 302 -28.37 -9.90 -12.84
N ALA E 303 -28.93 -8.72 -13.11
CA ALA E 303 -30.33 -8.63 -13.52
C ALA E 303 -30.58 -9.40 -14.81
N ALA E 304 -29.58 -9.48 -15.68
CA ALA E 304 -29.71 -10.21 -16.94
C ALA E 304 -29.94 -11.69 -16.68
N ARG E 305 -30.97 -12.24 -17.31
CA ARG E 305 -31.32 -13.64 -17.15
C ARG E 305 -32.31 -14.03 -18.24
N ASN E 306 -32.39 -15.33 -18.50
CA ASN E 306 -33.33 -15.87 -19.47
C ASN E 306 -34.55 -16.43 -18.74
N VAL E 307 -35.74 -16.04 -19.18
CA VAL E 307 -36.98 -16.41 -18.53
C VAL E 307 -37.61 -17.58 -19.29
N GLU E 308 -38.06 -18.59 -18.55
CA GLU E 308 -38.70 -19.75 -19.18
C GLU E 308 -40.13 -19.44 -19.59
N GLU E 309 -40.85 -18.62 -18.81
CA GLU E 309 -42.23 -18.29 -19.15
C GLU E 309 -42.30 -17.44 -20.41
N GLY E 310 -41.28 -16.64 -20.69
CA GLY E 310 -41.28 -15.80 -21.87
C GLY E 310 -40.37 -14.59 -21.74
N GLY E 311 -39.73 -14.21 -22.83
CA GLY E 311 -38.85 -13.06 -22.83
C GLY E 311 -37.45 -13.40 -22.33
N SER E 312 -36.57 -12.41 -22.41
CA SER E 312 -35.19 -12.57 -21.99
C SER E 312 -34.59 -11.18 -21.80
N LEU E 313 -33.45 -11.14 -21.13
CA LEU E 313 -32.73 -9.90 -20.86
C LEU E 313 -31.25 -10.14 -21.09
N THR E 314 -30.69 -9.49 -22.11
CA THR E 314 -29.28 -9.62 -22.47
C THR E 314 -28.55 -8.33 -22.15
N ILE E 315 -27.43 -8.45 -21.43
CA ILE E 315 -26.63 -7.31 -21.03
C ILE E 315 -25.19 -7.60 -21.44
N ILE E 316 -24.66 -6.80 -22.38
CA ILE E 316 -23.30 -6.93 -22.85
C ILE E 316 -22.55 -5.67 -22.41
N ALA E 317 -21.74 -5.79 -21.36
CA ALA E 317 -21.00 -4.68 -20.81
C ALA E 317 -19.54 -4.75 -21.25
N THR E 318 -18.94 -3.60 -21.51
CA THR E 318 -17.54 -3.50 -21.93
C THR E 318 -16.72 -2.97 -20.76
N ALA E 319 -15.85 -3.81 -20.22
CA ALA E 319 -15.00 -3.44 -19.10
C ALA E 319 -13.69 -2.84 -19.58
N LEU E 320 -13.15 -1.94 -18.78
CA LEU E 320 -11.90 -1.25 -19.08
C LEU E 320 -10.76 -1.80 -18.22
N ILE E 321 -9.64 -2.11 -18.87
CA ILE E 321 -8.45 -2.61 -18.20
C ILE E 321 -7.24 -1.82 -18.69
N ASP E 322 -6.15 -1.90 -17.92
CA ASP E 322 -4.90 -1.25 -18.26
C ASP E 322 -5.08 0.26 -18.45
N THR E 323 -5.94 0.85 -17.63
CA THR E 323 -6.22 2.27 -17.68
C THR E 323 -5.31 3.09 -16.76
N GLY E 324 -4.36 2.45 -16.08
CA GLY E 324 -3.48 3.14 -15.17
C GLY E 324 -4.03 3.36 -13.77
N SER E 325 -5.30 3.03 -13.54
CA SER E 325 -5.93 3.20 -12.23
C SER E 325 -6.16 1.82 -11.62
N LYS E 326 -5.72 1.64 -10.37
CA LYS E 326 -5.89 0.35 -9.70
C LYS E 326 -7.35 0.07 -9.37
N MET E 327 -8.17 1.13 -9.25
CA MET E 327 -9.58 0.94 -8.95
C MET E 327 -10.28 0.19 -10.07
N ASP E 328 -10.01 0.57 -11.33
CA ASP E 328 -10.60 -0.12 -12.47
C ASP E 328 -10.09 -1.55 -12.55
N GLU E 329 -8.83 -1.79 -12.19
CA GLU E 329 -8.30 -3.16 -12.18
C GLU E 329 -9.02 -4.01 -11.14
N VAL E 330 -9.26 -3.46 -9.95
CA VAL E 330 -9.99 -4.20 -8.92
C VAL E 330 -11.42 -4.48 -9.37
N ILE E 331 -12.06 -3.49 -10.01
CA ILE E 331 -13.42 -3.68 -10.49
C ILE E 331 -13.47 -4.79 -11.54
N TYR E 332 -12.79 -4.48 -12.65
CA TYR E 332 -12.89 -5.35 -13.86
C TYR E 332 -12.98 -6.81 -13.45
N GLU E 333 -11.87 -7.33 -12.93
CA GLU E 333 -11.87 -8.77 -12.61
C GLU E 333 -12.84 -9.00 -11.44
N GLU E 334 -13.01 -8.03 -10.54
CA GLU E 334 -14.03 -8.24 -9.48
C GLU E 334 -15.26 -8.84 -10.16
N PHE E 335 -15.58 -8.35 -11.35
CA PHE E 335 -16.72 -8.92 -12.13
C PHE E 335 -16.20 -9.99 -13.08
N LYS E 336 -14.88 -10.22 -13.16
CA LYS E 336 -14.46 -11.29 -14.07
C LYS E 336 -15.12 -12.61 -13.71
N GLY E 337 -15.16 -12.92 -12.41
CA GLY E 337 -15.88 -14.14 -11.98
C GLY E 337 -17.37 -13.93 -12.12
N THR E 338 -17.79 -12.70 -12.44
CA THR E 338 -19.24 -12.38 -12.60
C THR E 338 -19.55 -12.14 -14.08
N GLY E 339 -19.52 -13.20 -14.89
CA GLY E 339 -19.84 -13.08 -16.33
C GLY E 339 -19.52 -14.38 -17.05
N ASN E 340 -20.50 -14.96 -17.75
CA ASN E 340 -20.24 -16.25 -18.36
C ASN E 340 -19.76 -16.12 -19.81
N MET E 341 -19.20 -14.97 -20.18
CA MET E 341 -18.68 -14.78 -21.54
C MET E 341 -17.67 -13.65 -21.51
N GLU E 342 -16.46 -13.92 -21.98
CA GLU E 342 -15.40 -12.93 -22.03
C GLU E 342 -14.85 -12.85 -23.44
N LEU E 343 -14.90 -11.66 -24.04
CA LEU E 343 -14.38 -11.41 -25.38
C LEU E 343 -13.23 -10.43 -25.24
N HIS E 344 -12.01 -10.96 -25.12
CA HIS E 344 -10.84 -10.12 -24.89
C HIS E 344 -10.32 -9.56 -26.21
N LEU E 345 -9.84 -8.33 -26.14
CA LEU E 345 -9.21 -7.67 -27.28
C LEU E 345 -7.76 -7.34 -26.94
N SER E 346 -6.87 -7.55 -27.90
CA SER E 346 -5.44 -7.37 -27.70
C SER E 346 -5.00 -6.01 -28.23
N ARG E 347 -4.27 -5.27 -27.38
CA ARG E 347 -3.74 -3.98 -27.82
C ARG E 347 -2.59 -4.16 -28.81
N LYS E 348 -1.82 -5.24 -28.66
CA LYS E 348 -0.71 -5.48 -29.58
C LYS E 348 -1.21 -5.71 -31.00
N ILE E 349 -2.35 -6.38 -31.15
CA ILE E 349 -2.91 -6.59 -32.48
C ILE E 349 -3.52 -5.29 -33.01
N ALA E 350 -4.09 -4.46 -32.13
CA ALA E 350 -4.66 -3.19 -32.57
C ALA E 350 -3.59 -2.22 -33.03
N GLU E 351 -2.40 -2.29 -32.41
CA GLU E 351 -1.30 -1.42 -32.83
C GLU E 351 -0.80 -1.76 -34.23
N LYS E 352 -0.97 -3.00 -34.67
CA LYS E 352 -0.59 -3.42 -36.01
C LYS E 352 -1.66 -3.09 -37.05
N ARG E 353 -2.72 -2.38 -36.65
CA ARG E 353 -3.81 -2.00 -37.55
C ARG E 353 -4.46 -3.23 -38.19
N VAL E 354 -4.64 -4.27 -37.40
CA VAL E 354 -5.29 -5.50 -37.83
C VAL E 354 -6.66 -5.54 -37.18
N PHE E 355 -7.68 -5.12 -37.91
CA PHE E 355 -9.04 -5.08 -37.41
C PHE E 355 -9.85 -6.25 -37.94
N PRO E 356 -10.61 -6.96 -37.08
CA PRO E 356 -10.70 -6.69 -35.65
C PRO E 356 -9.56 -7.30 -34.84
N ALA E 357 -9.20 -6.66 -33.73
CA ALA E 357 -8.13 -7.14 -32.86
C ALA E 357 -8.77 -7.90 -31.70
N ILE E 358 -9.14 -9.15 -31.98
CA ILE E 358 -9.84 -9.99 -31.01
C ILE E 358 -8.89 -11.09 -30.55
N ASP E 359 -8.83 -11.30 -29.23
CA ASP E 359 -8.02 -12.38 -28.65
C ASP E 359 -8.85 -13.65 -28.71
N TYR E 360 -8.64 -14.44 -29.76
CA TYR E 360 -9.45 -15.64 -29.96
C TYR E 360 -9.12 -16.71 -28.92
N ASN E 361 -7.90 -16.70 -28.39
CA ASN E 361 -7.48 -17.73 -27.45
C ASN E 361 -8.26 -17.63 -26.14
N ARG E 362 -8.29 -16.44 -25.53
CA ARG E 362 -8.94 -16.28 -24.24
C ARG E 362 -10.45 -16.12 -24.36
N SER E 363 -10.98 -15.96 -25.56
CA SER E 363 -12.42 -15.86 -25.73
C SER E 363 -13.07 -17.24 -25.60
N GLY E 364 -14.39 -17.23 -25.49
CA GLY E 364 -15.14 -18.47 -25.35
C GLY E 364 -16.47 -18.23 -24.68
N THR E 365 -17.31 -19.25 -24.74
CA THR E 365 -18.64 -19.21 -24.16
C THR E 365 -18.92 -20.53 -23.45
N ARG E 366 -19.46 -20.43 -22.23
CA ARG E 366 -19.81 -21.63 -21.47
C ARG E 366 -21.16 -22.16 -21.94
N LYS E 367 -21.29 -23.49 -21.93
CA LYS E 367 -22.51 -24.17 -22.39
C LYS E 367 -22.83 -23.77 -23.83
N GLU E 368 -21.80 -23.73 -24.67
CA GLU E 368 -21.98 -23.35 -26.08
C GLU E 368 -22.72 -24.41 -26.88
N GLU E 369 -22.81 -25.64 -26.36
CA GLU E 369 -23.52 -26.70 -27.08
C GLU E 369 -25.02 -26.46 -27.14
N LEU E 370 -25.55 -25.58 -26.28
CA LEU E 370 -26.97 -25.27 -26.28
C LEU E 370 -27.36 -24.26 -27.35
N LEU E 371 -26.40 -23.68 -28.05
CA LEU E 371 -26.67 -22.71 -29.10
C LEU E 371 -26.15 -23.14 -30.47
N THR E 372 -25.40 -24.24 -30.55
CA THR E 372 -24.85 -24.71 -31.80
C THR E 372 -25.13 -26.20 -31.95
N THR E 373 -25.12 -26.66 -33.20
CA THR E 373 -25.37 -28.07 -33.48
C THR E 373 -24.12 -28.89 -33.16
N GLN E 374 -24.24 -30.21 -33.34
CA GLN E 374 -23.13 -31.11 -33.04
C GLN E 374 -21.98 -30.90 -34.01
N GLU E 375 -22.28 -30.89 -35.32
CA GLU E 375 -21.22 -30.71 -36.31
C GLU E 375 -20.60 -29.32 -36.22
N GLU E 376 -21.41 -28.30 -35.94
CA GLU E 376 -20.89 -26.95 -35.78
C GLU E 376 -19.97 -26.87 -34.57
N LEU E 377 -20.36 -27.49 -33.46
CA LEU E 377 -19.51 -27.50 -32.27
C LEU E 377 -18.21 -28.25 -32.53
N GLN E 378 -18.28 -29.37 -33.26
CA GLN E 378 -17.07 -30.11 -33.59
C GLN E 378 -16.14 -29.30 -34.48
N LYS E 379 -16.69 -28.60 -35.47
CA LYS E 379 -15.87 -27.75 -36.32
C LYS E 379 -15.25 -26.60 -35.55
N MET E 380 -16.00 -26.00 -34.62
CA MET E 380 -15.42 -24.94 -33.79
C MET E 380 -14.32 -25.48 -32.89
N TRP E 381 -14.50 -26.68 -32.35
CA TRP E 381 -13.45 -27.29 -31.53
C TRP E 381 -12.19 -27.55 -32.35
N ILE E 382 -12.36 -28.06 -33.57
CA ILE E 382 -11.21 -28.31 -34.43
C ILE E 382 -10.52 -27.00 -34.78
N LEU E 383 -11.29 -25.95 -35.08
CA LEU E 383 -10.70 -24.66 -35.41
C LEU E 383 -9.94 -24.09 -34.21
N ARG E 384 -10.47 -24.27 -33.00
CA ARG E 384 -9.77 -23.79 -31.82
C ARG E 384 -8.48 -24.58 -31.57
N LYS E 385 -8.54 -25.90 -31.79
CA LYS E 385 -7.34 -26.71 -31.60
C LYS E 385 -6.28 -26.42 -32.65
N ILE E 386 -6.68 -25.96 -33.84
CA ILE E 386 -5.71 -25.58 -34.86
C ILE E 386 -5.15 -24.19 -34.58
N ILE E 387 -5.99 -23.29 -34.08
CA ILE E 387 -5.57 -21.91 -33.85
C ILE E 387 -4.70 -21.79 -32.61
N HIS E 388 -4.97 -22.59 -31.58
CA HIS E 388 -4.28 -22.47 -30.29
C HIS E 388 -2.75 -22.50 -30.40
N PRO E 389 -2.12 -23.39 -31.17
CA PRO E 389 -0.64 -23.37 -31.21
C PRO E 389 -0.08 -22.09 -31.79
N MET E 390 -0.73 -21.51 -32.80
CA MET E 390 -0.22 -20.31 -33.44
C MET E 390 -0.33 -19.11 -32.51
N GLY E 391 0.50 -18.10 -32.76
CA GLY E 391 0.45 -16.88 -32.00
C GLY E 391 -0.79 -16.06 -32.30
N GLU E 392 -1.02 -15.05 -31.45
CA GLU E 392 -2.24 -14.24 -31.55
C GLU E 392 -2.30 -13.52 -32.90
N ILE E 393 -1.25 -12.77 -33.23
CA ILE E 393 -1.23 -12.02 -34.48
C ILE E 393 -1.26 -12.97 -35.68
N ASP E 394 -0.48 -14.06 -35.60
CA ASP E 394 -0.47 -15.03 -36.69
C ASP E 394 -1.83 -15.70 -36.85
N ALA E 395 -2.49 -16.06 -35.75
CA ALA E 395 -3.81 -16.68 -35.83
C ALA E 395 -4.83 -15.71 -36.41
N MET E 396 -4.76 -14.44 -36.01
CA MET E 396 -5.69 -13.45 -36.55
C MET E 396 -5.47 -13.25 -38.05
N GLU E 397 -4.21 -13.17 -38.48
CA GLU E 397 -3.93 -13.04 -39.91
C GLU E 397 -4.42 -14.25 -40.69
N PHE E 398 -4.20 -15.46 -40.15
CA PHE E 398 -4.68 -16.67 -40.79
C PHE E 398 -6.19 -16.67 -40.91
N LEU E 399 -6.89 -16.31 -39.82
CA LEU E 399 -8.34 -16.29 -39.85
C LEU E 399 -8.87 -15.27 -40.85
N ILE E 400 -8.26 -14.09 -40.89
CA ILE E 400 -8.70 -13.07 -41.84
C ILE E 400 -8.48 -13.53 -43.27
N ASN E 401 -7.30 -14.11 -43.56
CA ASN E 401 -7.00 -14.54 -44.91
C ASN E 401 -7.89 -15.71 -45.34
N LYS E 402 -8.32 -16.53 -44.39
CA LYS E 402 -9.18 -17.65 -44.72
C LYS E 402 -10.65 -17.24 -44.84
N LEU E 403 -11.07 -16.22 -44.09
CA LEU E 403 -12.45 -15.75 -44.20
C LEU E 403 -12.64 -14.81 -45.38
N ALA E 404 -11.57 -14.19 -45.86
CA ALA E 404 -11.68 -13.33 -47.03
C ALA E 404 -11.90 -14.13 -48.31
N MET E 405 -11.57 -15.42 -48.31
CA MET E 405 -11.72 -16.22 -49.52
C MET E 405 -13.18 -16.54 -49.82
N THR E 406 -14.00 -16.74 -48.78
CA THR E 406 -15.40 -17.11 -48.94
C THR E 406 -16.30 -16.10 -48.27
N LYS E 407 -17.61 -16.30 -48.42
CA LYS E 407 -18.60 -15.43 -47.82
C LYS E 407 -19.16 -15.99 -46.52
N THR E 408 -19.39 -17.30 -46.47
CA THR E 408 -19.96 -17.95 -45.30
C THR E 408 -18.90 -18.80 -44.61
N ASN E 409 -19.07 -18.97 -43.29
CA ASN E 409 -18.12 -19.76 -42.52
C ASN E 409 -18.29 -21.26 -42.78
N ASP E 410 -19.45 -21.67 -43.30
CA ASP E 410 -19.66 -23.08 -43.61
C ASP E 410 -18.70 -23.55 -44.70
N ASP E 411 -18.47 -22.71 -45.72
CA ASP E 411 -17.51 -23.07 -46.76
C ASP E 411 -16.09 -23.17 -46.19
N PHE E 412 -15.72 -22.27 -45.28
CA PHE E 412 -14.42 -22.35 -44.64
C PHE E 412 -14.27 -23.64 -43.84
N PHE E 413 -15.31 -24.00 -43.07
CA PHE E 413 -15.25 -25.24 -42.31
C PHE E 413 -15.17 -26.46 -43.21
N GLU E 414 -15.88 -26.43 -44.34
CA GLU E 414 -15.83 -27.54 -45.28
C GLU E 414 -14.48 -27.65 -45.96
N MET E 415 -13.83 -26.51 -46.22
CA MET E 415 -12.51 -26.53 -46.85
C MET E 415 -11.40 -26.88 -45.86
N MET E 416 -11.63 -26.66 -44.56
CA MET E 416 -10.62 -27.03 -43.57
C MET E 416 -10.43 -28.54 -43.50
N LYS E 417 -11.50 -29.30 -43.68
CA LYS E 417 -11.41 -30.76 -43.65
C LYS E 417 -10.77 -31.30 -44.92
N MET F 1 -53.75 -32.92 7.35
CA MET F 1 -53.54 -31.49 7.24
C MET F 1 -52.10 -31.12 7.56
N ASN F 2 -51.24 -31.13 6.55
CA ASN F 2 -49.83 -30.79 6.69
C ASN F 2 -49.51 -29.58 5.83
N LEU F 3 -48.56 -28.76 6.30
CA LEU F 3 -48.20 -27.55 5.59
C LEU F 3 -47.48 -27.86 4.28
N THR F 4 -46.52 -28.78 4.33
CA THR F 4 -45.76 -29.13 3.13
C THR F 4 -46.65 -29.77 2.07
N GLU F 5 -47.65 -30.53 2.49
CA GLU F 5 -48.56 -31.14 1.53
C GLU F 5 -49.35 -30.09 0.77
N LEU F 6 -49.81 -29.04 1.46
CA LEU F 6 -50.50 -27.95 0.78
C LEU F 6 -49.55 -27.09 -0.03
N LYS F 7 -48.29 -27.01 0.38
CA LYS F 7 -47.30 -26.27 -0.39
C LYS F 7 -46.93 -26.98 -1.69
N ASN F 8 -46.97 -28.31 -1.70
CA ASN F 8 -46.63 -29.05 -2.91
C ASN F 8 -47.78 -29.08 -3.90
N THR F 9 -49.00 -28.84 -3.45
CA THR F 9 -50.15 -28.84 -4.35
C THR F 9 -50.06 -27.66 -5.32
N PRO F 10 -50.58 -27.82 -6.54
CA PRO F 10 -50.55 -26.72 -7.50
C PRO F 10 -51.53 -25.62 -7.14
N VAL F 11 -51.45 -24.53 -7.91
CA VAL F 11 -52.28 -23.35 -7.62
C VAL F 11 -53.74 -23.62 -8.02
N SER F 12 -53.94 -24.32 -9.15
CA SER F 12 -55.30 -24.52 -9.65
C SER F 12 -56.13 -25.36 -8.70
N GLU F 13 -55.57 -26.46 -8.19
CA GLU F 13 -56.30 -27.30 -7.25
C GLU F 13 -56.59 -26.57 -5.94
N LEU F 14 -55.65 -25.74 -5.47
CA LEU F 14 -55.91 -24.97 -4.26
C LEU F 14 -57.01 -23.93 -4.47
N ILE F 15 -57.02 -23.28 -5.63
CA ILE F 15 -58.09 -22.34 -5.94
C ILE F 15 -59.43 -23.05 -6.00
N THR F 16 -59.45 -24.23 -6.63
CA THR F 16 -60.70 -25.00 -6.72
C THR F 16 -61.19 -25.41 -5.33
N LEU F 17 -60.27 -25.88 -4.48
CA LEU F 17 -60.65 -26.28 -3.12
C LEU F 17 -61.17 -25.09 -2.32
N GLY F 18 -60.51 -23.94 -2.44
CA GLY F 18 -60.97 -22.75 -1.75
C GLY F 18 -62.33 -22.27 -2.22
N GLU F 19 -62.58 -22.35 -3.53
CA GLU F 19 -63.89 -21.99 -4.04
C GLU F 19 -64.96 -22.97 -3.59
N ASN F 20 -64.62 -24.26 -3.47
CA ASN F 20 -65.58 -25.23 -2.94
C ASN F 20 -65.84 -25.01 -1.45
N MET F 21 -64.85 -24.52 -0.71
CA MET F 21 -65.06 -24.27 0.72
C MET F 21 -65.92 -23.04 0.95
N GLY F 22 -66.14 -22.23 -0.07
CA GLY F 22 -67.00 -21.06 0.07
C GLY F 22 -66.34 -19.89 0.75
N LEU F 23 -65.27 -19.35 0.16
CA LEU F 23 -64.55 -18.21 0.69
C LEU F 23 -64.49 -17.12 -0.37
N GLU F 24 -63.71 -16.08 -0.07
CA GLU F 24 -63.53 -14.99 -1.03
C GLU F 24 -62.80 -15.49 -2.27
N ASN F 25 -62.97 -14.76 -3.37
CA ASN F 25 -62.37 -15.12 -4.65
C ASN F 25 -60.86 -15.30 -4.52
N LEU F 26 -60.39 -16.51 -4.79
CA LEU F 26 -58.98 -16.86 -4.63
C LEU F 26 -58.19 -16.73 -5.91
N ALA F 27 -58.83 -16.41 -7.04
CA ALA F 27 -58.09 -16.24 -8.29
C ALA F 27 -57.14 -15.05 -8.20
N ARG F 28 -57.59 -13.94 -7.64
CA ARG F 28 -56.75 -12.77 -7.40
C ARG F 28 -56.15 -12.80 -6.00
N MET F 29 -55.52 -13.92 -5.65
CA MET F 29 -54.93 -14.08 -4.33
C MET F 29 -53.65 -14.88 -4.43
N ARG F 30 -52.73 -14.64 -3.49
CA ARG F 30 -51.48 -15.38 -3.46
C ARG F 30 -51.72 -16.80 -2.97
N LYS F 31 -50.84 -17.71 -3.38
CA LYS F 31 -50.95 -19.10 -2.98
C LYS F 31 -50.83 -19.26 -1.47
N GLN F 32 -49.92 -18.49 -0.85
CA GLN F 32 -49.77 -18.55 0.60
C GLN F 32 -51.03 -18.06 1.30
N ASP F 33 -51.65 -16.99 0.79
CA ASP F 33 -52.90 -16.51 1.37
C ASP F 33 -54.02 -17.53 1.17
N ILE F 34 -54.03 -18.21 0.02
CA ILE F 34 -55.01 -19.26 -0.22
C ILE F 34 -54.85 -20.38 0.80
N ILE F 35 -53.62 -20.82 1.03
CA ILE F 35 -53.37 -21.88 2.01
C ILE F 35 -53.77 -21.42 3.41
N PHE F 36 -53.48 -20.16 3.73
CA PHE F 36 -53.84 -19.63 5.04
C PHE F 36 -55.35 -19.62 5.24
N ALA F 37 -56.10 -19.17 4.22
CA ALA F 37 -57.55 -19.15 4.31
C ALA F 37 -58.13 -20.57 4.39
N ILE F 38 -57.54 -21.50 3.65
CA ILE F 38 -58.01 -22.89 3.70
C ILE F 38 -57.77 -23.47 5.10
N LEU F 39 -56.61 -23.18 5.69
CA LEU F 39 -56.33 -23.67 7.04
C LEU F 39 -57.28 -23.05 8.05
N LYS F 40 -57.57 -21.75 7.91
CA LYS F 40 -58.54 -21.11 8.80
C LYS F 40 -59.90 -21.76 8.69
N GLN F 41 -60.38 -21.96 7.46
CA GLN F 41 -61.71 -22.55 7.26
C GLN F 41 -61.76 -23.99 7.76
N HIS F 42 -60.66 -24.73 7.63
CA HIS F 42 -60.64 -26.11 8.10
C HIS F 42 -60.56 -26.19 9.61
N ALA F 43 -59.89 -25.22 10.26
CA ALA F 43 -59.84 -25.19 11.71
C ALA F 43 -61.12 -24.65 12.33
N LYS F 44 -61.90 -23.87 11.58
CA LYS F 44 -63.19 -23.42 12.11
C LYS F 44 -64.15 -24.60 12.29
N SER F 45 -63.94 -25.69 11.55
CA SER F 45 -64.78 -26.88 11.70
C SER F 45 -64.37 -27.72 12.90
N GLY F 46 -63.24 -27.44 13.54
CA GLY F 46 -62.80 -28.18 14.71
C GLY F 46 -61.67 -29.16 14.46
N GLU F 47 -61.27 -29.37 13.21
CA GLU F 47 -60.21 -30.31 12.92
C GLU F 47 -58.84 -29.74 13.31
N ASP F 48 -57.87 -30.62 13.43
CA ASP F 48 -56.52 -30.24 13.82
C ASP F 48 -55.66 -29.95 12.60
N ILE F 49 -54.65 -29.10 12.79
CA ILE F 49 -53.71 -28.74 11.73
C ILE F 49 -52.31 -29.05 12.22
N PHE F 50 -51.50 -29.61 11.32
CA PHE F 50 -50.13 -30.00 11.63
C PHE F 50 -49.16 -29.27 10.72
N GLY F 51 -47.97 -29.01 11.24
CA GLY F 51 -46.93 -28.34 10.49
C GLY F 51 -45.56 -28.82 10.92
N ASP F 52 -44.53 -28.30 10.25
CA ASP F 52 -43.16 -28.68 10.53
C ASP F 52 -42.24 -27.59 9.99
N GLY F 53 -40.97 -27.68 10.36
CA GLY F 53 -39.99 -26.72 9.92
C GLY F 53 -38.79 -26.70 10.85
N VAL F 54 -37.76 -25.97 10.42
CA VAL F 54 -36.53 -25.83 11.18
C VAL F 54 -36.67 -24.64 12.12
N LEU F 55 -36.27 -24.82 13.38
CA LEU F 55 -36.42 -23.79 14.39
C LEU F 55 -35.32 -22.74 14.26
N GLU F 56 -35.71 -21.47 14.38
CA GLU F 56 -34.79 -20.32 14.34
C GLU F 56 -35.09 -19.47 15.57
N ILE F 57 -34.35 -19.72 16.65
CA ILE F 57 -34.56 -18.96 17.88
C ILE F 57 -34.04 -17.55 17.71
N LEU F 58 -34.90 -16.57 18.01
CA LEU F 58 -34.51 -15.17 17.92
C LEU F 58 -33.72 -14.75 19.16
N GLN F 59 -33.21 -13.52 19.11
CA GLN F 59 -32.41 -13.01 20.22
C GLN F 59 -33.28 -12.71 21.45
N ASP F 60 -34.55 -12.37 21.23
CA ASP F 60 -35.43 -12.04 22.36
C ASP F 60 -35.77 -13.28 23.17
N GLY F 61 -35.97 -14.42 22.51
CA GLY F 61 -36.29 -15.64 23.21
C GLY F 61 -37.29 -16.52 22.48
N PHE F 62 -38.04 -15.94 21.56
CA PHE F 62 -39.02 -16.68 20.78
C PHE F 62 -38.36 -17.20 19.50
N GLY F 63 -39.14 -17.79 18.60
CA GLY F 63 -38.59 -18.31 17.37
C GLY F 63 -39.70 -18.68 16.39
N PHE F 64 -39.26 -19.07 15.20
CA PHE F 64 -40.16 -19.48 14.13
C PHE F 64 -39.67 -20.79 13.52
N LEU F 65 -40.53 -21.39 12.71
CA LEU F 65 -40.22 -22.63 12.01
C LEU F 65 -40.11 -22.30 10.52
N ARG F 66 -38.88 -22.07 10.07
CA ARG F 66 -38.64 -21.75 8.67
C ARG F 66 -38.91 -22.97 7.77
N SER F 67 -39.13 -22.69 6.49
CA SER F 67 -39.40 -23.73 5.51
C SER F 67 -38.21 -23.86 4.56
N ALA F 68 -37.99 -25.08 4.07
CA ALA F 68 -36.84 -25.34 3.21
C ALA F 68 -37.08 -24.92 1.76
N ASP F 69 -38.35 -24.90 1.31
CA ASP F 69 -38.64 -24.53 -0.06
C ASP F 69 -38.43 -23.04 -0.33
N SER F 70 -38.36 -22.22 0.72
CA SER F 70 -38.16 -20.79 0.58
C SER F 70 -36.77 -20.35 1.01
N SER F 71 -35.83 -21.29 1.13
CA SER F 71 -34.45 -21.01 1.51
C SER F 71 -34.38 -20.32 2.87
N TYR F 72 -35.26 -20.77 3.79
CA TYR F 72 -35.30 -20.27 5.16
C TYR F 72 -35.52 -18.76 5.20
N LEU F 73 -36.44 -18.29 4.35
CA LEU F 73 -36.80 -16.89 4.30
C LEU F 73 -38.01 -16.62 5.19
N ALA F 74 -38.04 -15.41 5.76
CA ALA F 74 -39.14 -15.02 6.65
C ALA F 74 -40.46 -15.00 5.90
N GLY F 75 -41.35 -15.92 6.24
CA GLY F 75 -42.64 -16.01 5.59
C GLY F 75 -43.79 -15.75 6.54
N PRO F 76 -44.95 -15.40 5.98
CA PRO F 76 -46.12 -15.17 6.84
C PRO F 76 -46.65 -16.45 7.48
N ASP F 77 -46.37 -17.61 6.90
CA ASP F 77 -46.87 -18.88 7.40
C ASP F 77 -45.90 -19.55 8.38
N ASP F 78 -45.01 -18.77 8.99
CA ASP F 78 -44.10 -19.33 9.98
C ASP F 78 -44.84 -19.63 11.28
N ILE F 79 -44.47 -20.74 11.92
CA ILE F 79 -45.11 -21.19 13.15
C ILE F 79 -44.40 -20.56 14.33
N TYR F 80 -45.12 -19.79 15.12
CA TYR F 80 -44.54 -19.16 16.30
C TYR F 80 -44.26 -20.21 17.39
N VAL F 81 -43.10 -20.11 18.01
CA VAL F 81 -42.68 -21.02 19.08
C VAL F 81 -42.44 -20.16 20.32
N SER F 82 -43.27 -20.37 21.34
CA SER F 82 -43.14 -19.60 22.56
C SER F 82 -41.86 -19.97 23.30
N PRO F 83 -41.26 -19.02 24.03
CA PRO F 83 -40.04 -19.35 24.79
C PRO F 83 -40.29 -20.32 25.93
N SER F 84 -41.54 -20.42 26.40
CA SER F 84 -41.87 -21.36 27.46
C SER F 84 -41.62 -22.79 27.01
N GLN F 85 -42.10 -23.15 25.81
CA GLN F 85 -41.85 -24.49 25.29
C GLN F 85 -40.37 -24.71 25.01
N ILE F 86 -39.67 -23.65 24.58
CA ILE F 86 -38.24 -23.77 24.33
C ILE F 86 -37.50 -24.11 25.62
N ARG F 87 -37.91 -23.47 26.71
CA ARG F 87 -37.32 -23.65 28.06
C ARG F 87 -37.76 -25.00 28.64
N ARG F 88 -38.92 -25.52 28.20
CA ARG F 88 -39.48 -26.80 28.71
C ARG F 88 -38.85 -28.01 28.00
N PHE F 89 -38.49 -27.87 26.72
CA PHE F 89 -37.92 -28.97 25.95
C PHE F 89 -36.47 -28.73 25.57
N ASN F 90 -35.86 -27.64 26.03
CA ASN F 90 -34.46 -27.32 25.74
C ASN F 90 -34.21 -27.30 24.23
N LEU F 91 -35.05 -26.56 23.52
CA LEU F 91 -34.91 -26.44 22.08
C LEU F 91 -33.83 -25.44 21.71
N ARG F 92 -33.16 -25.70 20.59
CA ARG F 92 -32.12 -24.82 20.09
C ARG F 92 -32.30 -24.61 18.59
N THR F 93 -31.57 -23.65 18.04
CA THR F 93 -31.66 -23.35 16.62
C THR F 93 -31.19 -24.54 15.79
N GLY F 94 -32.07 -25.05 14.93
CA GLY F 94 -31.78 -26.18 14.08
C GLY F 94 -32.61 -27.41 14.36
N ASP F 95 -33.25 -27.48 15.52
CA ASP F 95 -34.06 -28.65 15.88
C ASP F 95 -35.30 -28.71 15.00
N THR F 96 -35.47 -29.83 14.30
CA THR F 96 -36.67 -30.03 13.49
C THR F 96 -37.84 -30.38 14.39
N ILE F 97 -38.89 -29.55 14.33
CA ILE F 97 -40.06 -29.70 15.18
C ILE F 97 -41.27 -29.94 14.29
N SER F 98 -42.05 -30.96 14.65
CA SER F 98 -43.27 -31.31 13.92
C SER F 98 -44.37 -31.58 14.94
N GLY F 99 -45.39 -30.72 14.96
CA GLY F 99 -46.47 -30.87 15.92
C GLY F 99 -47.72 -30.15 15.45
N LYS F 100 -48.76 -30.26 16.28
CA LYS F 100 -50.03 -29.63 15.97
C LYS F 100 -49.91 -28.12 16.05
N ILE F 101 -50.56 -27.42 15.11
CA ILE F 101 -50.55 -25.96 15.07
C ILE F 101 -51.99 -25.48 14.98
N ARG F 102 -52.16 -24.18 15.24
CA ARG F 102 -53.48 -23.54 15.20
C ARG F 102 -53.35 -22.20 14.50
N PRO F 103 -54.38 -21.78 13.77
CA PRO F 103 -54.35 -20.48 13.10
C PRO F 103 -54.29 -19.35 14.12
N PRO F 104 -53.76 -18.19 13.74
CA PRO F 104 -53.66 -17.09 14.70
C PRO F 104 -55.03 -16.49 15.02
N LYS F 105 -55.23 -16.19 16.29
CA LYS F 105 -56.49 -15.61 16.76
C LYS F 105 -56.48 -14.11 16.49
N GLU F 106 -57.46 -13.40 17.06
CA GLU F 106 -57.53 -11.95 16.89
C GLU F 106 -56.37 -11.28 17.60
N GLY F 107 -55.55 -10.54 16.86
CA GLY F 107 -54.37 -9.90 17.41
C GLY F 107 -53.08 -10.67 17.22
N GLU F 108 -53.13 -11.81 16.54
CA GLU F 108 -51.94 -12.61 16.27
C GLU F 108 -51.69 -12.67 14.77
N ARG F 109 -50.46 -12.97 14.39
CA ARG F 109 -50.06 -12.98 12.99
C ARG F 109 -49.41 -14.28 12.54
N TYR F 110 -49.17 -15.23 13.45
CA TYR F 110 -48.48 -16.47 13.11
C TYR F 110 -49.12 -17.63 13.85
N PHE F 111 -48.93 -18.83 13.31
CA PHE F 111 -49.47 -20.03 13.92
C PHE F 111 -48.75 -20.34 15.22
N ALA F 112 -49.49 -20.87 16.18
CA ALA F 112 -48.95 -21.23 17.48
C ALA F 112 -48.77 -22.74 17.57
N LEU F 113 -47.82 -23.16 18.41
CA LEU F 113 -47.51 -24.57 18.61
C LEU F 113 -48.12 -25.02 19.94
N LEU F 114 -48.96 -26.05 19.87
CA LEU F 114 -49.60 -26.59 21.06
C LEU F 114 -48.85 -27.77 21.65
N LYS F 115 -48.64 -28.82 20.85
CA LYS F 115 -47.97 -30.03 21.30
C LYS F 115 -47.00 -30.49 20.23
N VAL F 116 -45.76 -30.77 20.63
CA VAL F 116 -44.72 -31.24 19.73
C VAL F 116 -44.80 -32.76 19.67
N ASN F 117 -44.81 -33.30 18.45
CA ASN F 117 -44.96 -34.74 18.27
C ASN F 117 -43.63 -35.43 17.97
N GLU F 118 -42.77 -34.81 17.15
CA GLU F 118 -41.52 -35.43 16.74
C GLU F 118 -40.43 -34.36 16.71
N VAL F 119 -39.27 -34.70 17.28
CA VAL F 119 -38.13 -33.79 17.35
C VAL F 119 -36.98 -34.43 16.60
N ASN F 120 -36.46 -33.70 15.60
CA ASN F 120 -35.32 -34.16 14.79
C ASN F 120 -35.60 -35.52 14.16
N PHE F 121 -36.83 -35.71 13.71
CA PHE F 121 -37.27 -36.97 13.09
C PHE F 121 -37.04 -38.15 14.04
N ASP F 122 -37.29 -37.91 15.33
CA ASP F 122 -37.10 -38.93 16.35
C ASP F 122 -37.97 -38.59 17.54
N LYS F 123 -38.02 -39.51 18.50
CA LYS F 123 -38.83 -39.30 19.69
C LYS F 123 -38.18 -38.23 20.57
N PRO F 124 -38.99 -37.41 21.25
CA PRO F 124 -38.41 -36.41 22.17
C PRO F 124 -37.65 -37.04 23.33
N GLU F 125 -37.99 -38.28 23.70
CA GLU F 125 -37.27 -38.93 24.79
C GLU F 125 -35.83 -39.26 24.40
N ASN F 126 -35.56 -39.40 23.10
CA ASN F 126 -34.18 -39.60 22.64
C ASN F 126 -33.45 -38.29 22.40
N ALA F 127 -34.17 -37.19 22.23
CA ALA F 127 -33.56 -35.88 22.00
C ALA F 127 -33.28 -35.14 23.30
N ARG F 128 -34.05 -35.42 24.35
CA ARG F 128 -33.83 -34.76 25.63
C ARG F 128 -32.47 -35.13 26.21
N ASN F 129 -32.00 -36.35 25.96
CA ASN F 129 -30.70 -36.81 26.41
C ASN F 129 -29.80 -36.97 25.20
N LYS F 130 -28.88 -36.04 25.02
CA LYS F 130 -27.99 -36.05 23.86
C LYS F 130 -26.71 -35.30 24.20
N ILE F 131 -25.66 -35.62 23.45
CA ILE F 131 -24.35 -34.98 23.61
C ILE F 131 -24.23 -33.85 22.61
N LEU F 132 -23.76 -32.70 23.06
CA LEU F 132 -23.62 -31.54 22.18
C LEU F 132 -22.55 -31.80 21.12
N PHE F 133 -22.63 -31.03 20.03
CA PHE F 133 -21.67 -31.18 18.95
C PHE F 133 -20.29 -30.70 19.35
N GLU F 134 -20.21 -29.74 20.27
CA GLU F 134 -18.92 -29.21 20.70
C GLU F 134 -18.15 -30.18 21.57
N ASN F 135 -18.78 -31.27 22.04
CA ASN F 135 -18.12 -32.24 22.90
C ASN F 135 -17.73 -33.52 22.16
N LEU F 136 -18.15 -33.69 20.92
CA LEU F 136 -17.81 -34.90 20.17
C LEU F 136 -16.32 -34.92 19.83
N THR F 137 -15.72 -36.10 19.94
CA THR F 137 -14.30 -36.25 19.68
C THR F 137 -14.02 -36.28 18.19
N PRO F 138 -13.25 -35.34 17.64
CA PRO F 138 -12.96 -35.36 16.20
C PRO F 138 -12.02 -36.51 15.85
N LEU F 139 -12.06 -36.88 14.57
CA LEU F 139 -11.19 -37.92 14.04
C LEU F 139 -10.94 -37.66 12.57
N HIS F 140 -9.98 -38.39 12.00
CA HIS F 140 -9.68 -38.29 10.59
C HIS F 140 -10.69 -39.07 9.77
N ALA F 141 -10.65 -38.87 8.45
CA ALA F 141 -11.55 -39.59 7.55
C ALA F 141 -11.21 -41.08 7.57
N ASN F 142 -12.17 -41.89 8.02
CA ASN F 142 -12.00 -43.33 8.10
C ASN F 142 -12.76 -44.06 6.98
N SER F 143 -14.06 -43.79 6.85
CA SER F 143 -14.85 -44.44 5.82
C SER F 143 -14.55 -43.82 4.45
N ARG F 144 -14.47 -44.69 3.43
CA ARG F 144 -14.17 -44.24 2.08
C ARG F 144 -15.47 -43.91 1.34
N LEU F 145 -15.57 -42.68 0.84
CA LEU F 145 -16.71 -42.25 0.03
C LEU F 145 -16.26 -42.24 -1.43
N ARG F 146 -16.35 -43.41 -2.06
CA ARG F 146 -15.92 -43.54 -3.44
C ARG F 146 -16.85 -42.79 -4.37
N MET F 147 -16.28 -42.02 -5.30
CA MET F 147 -17.04 -41.19 -6.22
C MET F 147 -17.20 -41.81 -7.60
N GLU F 148 -16.55 -42.95 -7.86
CA GLU F 148 -16.62 -43.59 -9.16
C GLU F 148 -18.01 -44.18 -9.40
N ARG F 149 -18.59 -43.87 -10.56
CA ARG F 149 -19.90 -44.41 -10.90
C ARG F 149 -19.84 -45.92 -11.09
N GLY F 150 -19.00 -46.37 -12.01
CA GLY F 150 -18.90 -47.79 -12.32
C GLY F 150 -19.76 -48.24 -13.48
N ASN F 151 -20.60 -47.37 -14.03
CA ASN F 151 -21.47 -47.72 -15.15
C ASN F 151 -20.79 -47.58 -16.50
N GLY F 152 -19.52 -47.17 -16.53
CA GLY F 152 -18.81 -47.01 -17.79
C GLY F 152 -19.26 -45.85 -18.64
N SER F 153 -19.87 -44.84 -18.03
CA SER F 153 -20.33 -43.67 -18.76
C SER F 153 -19.16 -42.75 -19.09
N THR F 154 -19.36 -41.92 -20.11
CA THR F 154 -18.32 -40.98 -20.52
C THR F 154 -18.11 -39.88 -19.48
N GLU F 155 -19.15 -39.56 -18.70
CA GLU F 155 -19.02 -38.56 -17.66
C GLU F 155 -18.30 -39.09 -16.42
N ASP F 156 -18.12 -40.41 -16.32
CA ASP F 156 -17.42 -40.99 -15.18
C ASP F 156 -15.93 -40.68 -15.20
N LEU F 157 -15.40 -40.14 -16.29
CA LEU F 157 -13.98 -39.80 -16.34
C LEU F 157 -13.62 -38.76 -15.29
N THR F 158 -14.50 -37.78 -15.08
CA THR F 158 -14.24 -36.77 -14.06
C THR F 158 -14.16 -37.39 -12.67
N ALA F 159 -15.09 -38.29 -12.36
CA ALA F 159 -15.07 -38.94 -11.05
C ALA F 159 -13.84 -39.82 -10.90
N ARG F 160 -13.43 -40.50 -11.98
CA ARG F 160 -12.23 -41.33 -11.92
C ARG F 160 -10.98 -40.48 -11.67
N VAL F 161 -10.87 -39.34 -12.36
CA VAL F 161 -9.73 -38.46 -12.15
C VAL F 161 -9.75 -37.89 -10.74
N LEU F 162 -10.94 -37.58 -10.22
CA LEU F 162 -11.04 -37.07 -8.86
C LEU F 162 -10.61 -38.12 -7.84
N ASP F 163 -11.00 -39.38 -8.06
CA ASP F 163 -10.59 -40.45 -7.17
C ASP F 163 -9.09 -40.71 -7.25
N LEU F 164 -8.51 -40.62 -8.45
CA LEU F 164 -7.07 -40.80 -8.58
C LEU F 164 -6.28 -39.63 -8.03
N ALA F 165 -6.89 -38.45 -7.96
CA ALA F 165 -6.18 -37.27 -7.49
C ALA F 165 -6.36 -37.04 -6.00
N SER F 166 -7.61 -37.11 -5.53
CA SER F 166 -7.92 -36.80 -4.13
C SER F 166 -9.16 -37.58 -3.71
N PRO F 167 -8.99 -38.77 -3.13
CA PRO F 167 -10.14 -39.50 -2.61
C PRO F 167 -10.78 -38.74 -1.44
N ILE F 168 -12.10 -38.85 -1.34
CA ILE F 168 -12.88 -38.12 -0.35
C ILE F 168 -13.52 -39.12 0.60
N GLY F 169 -13.41 -38.85 1.91
CA GLY F 169 -14.00 -39.68 2.92
C GLY F 169 -14.97 -38.89 3.79
N ARG F 170 -15.57 -39.59 4.75
CA ARG F 170 -16.52 -38.94 5.64
C ARG F 170 -15.79 -38.01 6.60
N GLY F 171 -16.32 -36.81 6.77
CA GLY F 171 -15.70 -35.81 7.62
C GLY F 171 -14.59 -35.01 6.99
N GLN F 172 -14.40 -35.13 5.67
CA GLN F 172 -13.33 -34.42 5.00
C GLN F 172 -13.65 -32.93 4.92
N ARG F 173 -12.60 -32.11 4.99
CA ARG F 173 -12.70 -30.65 4.93
C ARG F 173 -11.73 -30.16 3.85
N GLY F 174 -12.22 -30.12 2.61
CA GLY F 174 -11.40 -29.78 1.47
C GLY F 174 -11.73 -28.41 0.87
N LEU F 175 -11.00 -28.10 -0.20
CA LEU F 175 -11.16 -26.84 -0.92
C LEU F 175 -11.00 -27.08 -2.41
N ILE F 176 -11.87 -26.47 -3.21
CA ILE F 176 -11.80 -26.56 -4.66
C ILE F 176 -11.32 -25.20 -5.14
N VAL F 177 -10.01 -25.07 -5.32
CA VAL F 177 -9.41 -23.81 -5.77
C VAL F 177 -9.39 -23.80 -7.29
N ALA F 178 -9.96 -22.74 -7.87
CA ALA F 178 -10.07 -22.64 -9.31
C ALA F 178 -10.33 -21.19 -9.70
N PRO F 179 -9.65 -20.68 -10.71
CA PRO F 179 -9.97 -19.34 -11.23
C PRO F 179 -11.33 -19.34 -11.91
N PRO F 180 -11.91 -18.18 -12.15
CA PRO F 180 -13.21 -18.13 -12.83
C PRO F 180 -13.11 -18.65 -14.26
N LYS F 181 -14.27 -19.05 -14.78
CA LYS F 181 -14.40 -19.61 -16.13
C LYS F 181 -13.52 -20.84 -16.31
N ALA F 182 -13.49 -21.72 -15.31
CA ALA F 182 -12.71 -22.95 -15.37
C ALA F 182 -13.56 -24.20 -15.52
N GLY F 183 -14.80 -24.18 -15.05
CA GLY F 183 -15.65 -25.35 -15.11
C GLY F 183 -16.09 -25.83 -13.74
N LYS F 184 -16.17 -24.89 -12.79
CA LYS F 184 -16.56 -25.26 -11.43
C LYS F 184 -18.00 -25.75 -11.38
N THR F 185 -18.86 -25.19 -12.23
CA THR F 185 -20.27 -25.58 -12.21
C THR F 185 -20.46 -27.03 -12.62
N MET F 186 -19.87 -27.42 -13.75
CA MET F 186 -19.99 -28.80 -14.22
C MET F 186 -19.34 -29.77 -13.24
N LEU F 187 -18.20 -29.37 -12.66
CA LEU F 187 -17.53 -30.23 -11.70
C LEU F 187 -18.38 -30.44 -10.46
N LEU F 188 -19.01 -29.37 -9.96
CA LEU F 188 -19.88 -29.51 -8.78
C LEU F 188 -21.10 -30.34 -9.10
N GLN F 189 -21.66 -30.16 -10.31
CA GLN F 189 -22.80 -30.99 -10.72
C GLN F 189 -22.43 -32.46 -10.77
N ASN F 190 -21.26 -32.77 -11.34
CA ASN F 190 -20.82 -34.16 -11.41
C ASN F 190 -20.57 -34.73 -10.02
N ILE F 191 -19.98 -33.94 -9.13
CA ILE F 191 -19.75 -34.41 -7.76
C ILE F 191 -21.07 -34.69 -7.07
N ALA F 192 -22.04 -33.79 -7.21
CA ALA F 192 -23.34 -33.99 -6.55
C ALA F 192 -24.05 -35.21 -7.12
N GLN F 193 -24.00 -35.41 -8.44
CA GLN F 193 -24.65 -36.56 -9.04
C GLN F 193 -23.98 -37.86 -8.60
N SER F 194 -22.65 -37.87 -8.53
CA SER F 194 -21.94 -39.07 -8.07
C SER F 194 -22.23 -39.37 -6.61
N ILE F 195 -22.37 -38.33 -5.78
CA ILE F 195 -22.71 -38.55 -4.38
C ILE F 195 -24.12 -39.10 -4.26
N ALA F 196 -25.07 -38.55 -5.03
CA ALA F 196 -26.44 -39.02 -4.97
C ALA F 196 -26.59 -40.43 -5.53
N TYR F 197 -25.72 -40.82 -6.46
CA TYR F 197 -25.81 -42.14 -7.07
C TYR F 197 -25.12 -43.22 -6.23
N ASN F 198 -23.89 -42.94 -5.78
CA ASN F 198 -23.13 -43.94 -5.04
C ASN F 198 -23.58 -44.06 -3.59
N HIS F 199 -23.80 -42.93 -2.93
CA HIS F 199 -24.17 -42.89 -1.51
C HIS F 199 -25.48 -42.15 -1.35
N PRO F 200 -26.62 -42.80 -1.65
CA PRO F 200 -27.92 -42.14 -1.49
C PRO F 200 -28.36 -41.99 -0.05
N ASP F 201 -27.72 -42.68 0.89
CA ASP F 201 -28.11 -42.61 2.29
C ASP F 201 -27.65 -41.33 2.98
N CYS F 202 -26.61 -40.68 2.45
CA CYS F 202 -26.10 -39.47 3.07
C CYS F 202 -27.00 -38.28 2.77
N VAL F 203 -27.05 -37.34 3.70
CA VAL F 203 -27.86 -36.13 3.55
C VAL F 203 -27.04 -35.11 2.78
N LEU F 204 -27.44 -34.84 1.53
CA LEU F 204 -26.74 -33.91 0.67
C LEU F 204 -27.39 -32.54 0.75
N MET F 205 -26.57 -31.51 0.99
CA MET F 205 -27.05 -30.14 1.08
C MET F 205 -26.12 -29.26 0.26
N VAL F 206 -26.68 -28.57 -0.73
CA VAL F 206 -25.91 -27.70 -1.64
C VAL F 206 -26.25 -26.26 -1.28
N LEU F 207 -25.23 -25.51 -0.86
CA LEU F 207 -25.39 -24.11 -0.49
C LEU F 207 -24.80 -23.23 -1.58
N LEU F 208 -25.62 -22.35 -2.15
CA LEU F 208 -25.20 -21.43 -3.21
C LEU F 208 -25.55 -20.01 -2.78
N ILE F 209 -24.55 -19.28 -2.31
CA ILE F 209 -24.74 -17.91 -1.80
C ILE F 209 -24.23 -16.93 -2.86
N ASP F 210 -25.04 -15.91 -3.14
CA ASP F 210 -24.67 -14.82 -4.06
C ASP F 210 -24.38 -15.37 -5.46
N GLU F 211 -25.35 -16.08 -6.03
CA GLU F 211 -25.23 -16.64 -7.37
C GLU F 211 -26.43 -16.19 -8.20
N ARG F 212 -26.41 -16.56 -9.48
CA ARG F 212 -27.47 -16.13 -10.38
C ARG F 212 -28.71 -17.00 -10.20
N PRO F 213 -29.91 -16.43 -10.37
CA PRO F 213 -31.13 -17.24 -10.20
C PRO F 213 -31.23 -18.38 -11.21
N GLU F 214 -30.75 -18.17 -12.44
CA GLU F 214 -30.76 -19.26 -13.42
C GLU F 214 -29.92 -20.44 -12.96
N GLU F 215 -28.72 -20.21 -12.45
CA GLU F 215 -27.91 -21.30 -11.91
C GLU F 215 -28.58 -21.95 -10.70
N VAL F 216 -29.28 -21.17 -9.88
CA VAL F 216 -29.98 -21.73 -8.72
C VAL F 216 -31.06 -22.69 -9.17
N THR F 217 -31.92 -22.25 -10.10
CA THR F 217 -33.03 -23.10 -10.54
C THR F 217 -32.51 -24.26 -11.38
N GLU F 218 -31.31 -24.11 -11.97
CA GLU F 218 -30.70 -25.24 -12.67
C GLU F 218 -30.23 -26.30 -11.69
N MET F 219 -29.50 -25.89 -10.65
CA MET F 219 -29.02 -26.83 -9.65
C MET F 219 -30.17 -27.47 -8.90
N GLN F 220 -31.26 -26.74 -8.68
CA GLN F 220 -32.38 -27.28 -7.93
C GLN F 220 -33.09 -28.39 -8.71
N ARG F 221 -33.10 -28.30 -10.04
CA ARG F 221 -33.76 -29.28 -10.89
C ARG F 221 -32.81 -30.31 -11.47
N LEU F 222 -31.56 -30.36 -10.99
CA LEU F 222 -30.57 -31.28 -11.51
C LEU F 222 -30.08 -32.30 -10.48
N VAL F 223 -29.82 -31.88 -9.25
CA VAL F 223 -29.29 -32.75 -8.22
C VAL F 223 -30.46 -33.41 -7.47
N LYS F 224 -30.19 -34.58 -6.92
CA LYS F 224 -31.20 -35.32 -6.15
C LYS F 224 -30.95 -35.09 -4.66
N GLY F 225 -31.36 -33.92 -4.20
CA GLY F 225 -31.18 -33.57 -2.80
C GLY F 225 -31.79 -32.23 -2.48
N GLU F 226 -31.37 -31.68 -1.34
CA GLU F 226 -31.85 -30.39 -0.87
C GLU F 226 -30.94 -29.27 -1.40
N VAL F 227 -31.57 -28.20 -1.86
CA VAL F 227 -30.84 -27.06 -2.41
C VAL F 227 -31.31 -25.80 -1.69
N VAL F 228 -30.44 -25.21 -0.88
CA VAL F 228 -30.70 -23.95 -0.21
C VAL F 228 -29.76 -22.90 -0.78
N ALA F 229 -30.32 -21.90 -1.45
CA ALA F 229 -29.53 -20.89 -2.15
C ALA F 229 -30.04 -19.50 -1.81
N SER F 230 -29.21 -18.50 -2.12
CA SER F 230 -29.53 -17.10 -1.88
C SER F 230 -28.87 -16.28 -3.00
N THR F 231 -29.70 -15.78 -3.91
CA THR F 231 -29.19 -15.04 -5.06
C THR F 231 -28.57 -13.71 -4.61
N PHE F 232 -27.88 -13.07 -5.55
CA PHE F 232 -27.21 -11.80 -5.27
C PHE F 232 -28.19 -10.66 -5.01
N ASP F 233 -29.46 -10.82 -5.39
CA ASP F 233 -30.45 -9.78 -5.14
C ASP F 233 -30.76 -9.61 -3.66
N GLU F 234 -30.28 -10.50 -2.81
CA GLU F 234 -30.52 -10.41 -1.38
C GLU F 234 -29.33 -9.82 -0.67
N PRO F 235 -29.54 -9.09 0.42
CA PRO F 235 -28.41 -8.50 1.16
C PRO F 235 -27.57 -9.57 1.84
N ALA F 236 -26.40 -9.13 2.34
CA ALA F 236 -25.48 -10.05 3.00
C ALA F 236 -26.06 -10.58 4.31
N SER F 237 -27.02 -9.85 4.90
CA SER F 237 -27.65 -10.32 6.13
C SER F 237 -28.38 -11.63 5.91
N ARG F 238 -29.10 -11.75 4.79
CA ARG F 238 -29.78 -13.01 4.49
C ARG F 238 -28.77 -14.12 4.21
N HIS F 239 -27.63 -13.76 3.60
CA HIS F 239 -26.58 -14.74 3.38
C HIS F 239 -26.08 -15.30 4.70
N VAL F 240 -25.78 -14.41 5.66
CA VAL F 240 -25.30 -14.84 6.97
C VAL F 240 -26.36 -15.69 7.67
N GLN F 241 -27.63 -15.28 7.57
CA GLN F 241 -28.70 -16.02 8.23
C GLN F 241 -28.84 -17.42 7.64
N VAL F 242 -28.77 -17.53 6.32
CA VAL F 242 -28.88 -18.82 5.66
C VAL F 242 -27.70 -19.72 6.04
N ALA F 243 -26.49 -19.15 6.05
CA ALA F 243 -25.33 -19.94 6.44
C ALA F 243 -25.45 -20.45 7.87
N GLU F 244 -25.91 -19.58 8.79
CA GLU F 244 -26.07 -19.99 10.18
C GLU F 244 -27.14 -21.09 10.31
N MET F 245 -28.27 -20.93 9.62
CA MET F 245 -29.31 -21.95 9.70
C MET F 245 -28.82 -23.27 9.14
N VAL F 246 -28.10 -23.24 8.02
CA VAL F 246 -27.60 -24.48 7.42
C VAL F 246 -26.61 -25.16 8.34
N ILE F 247 -25.67 -24.41 8.91
CA ILE F 247 -24.67 -25.04 9.77
C ILE F 247 -25.29 -25.55 11.06
N GLU F 248 -26.31 -24.85 11.58
CA GLU F 248 -26.97 -25.33 12.79
C GLU F 248 -27.76 -26.60 12.51
N LYS F 249 -28.46 -26.66 11.37
CA LYS F 249 -29.16 -27.88 11.01
C LYS F 249 -28.18 -29.03 10.81
N ALA F 250 -27.02 -28.75 10.20
CA ALA F 250 -26.02 -29.80 10.01
C ALA F 250 -25.51 -30.31 11.35
N LYS F 251 -25.26 -29.40 12.29
CA LYS F 251 -24.81 -29.82 13.61
C LYS F 251 -25.86 -30.65 14.34
N ARG F 252 -27.13 -30.21 14.25
CA ARG F 252 -28.20 -30.95 14.91
C ARG F 252 -28.38 -32.34 14.29
N LEU F 253 -28.16 -32.46 12.97
CA LEU F 253 -28.24 -33.77 12.33
C LEU F 253 -27.08 -34.66 12.73
N VAL F 254 -25.87 -34.10 12.78
CA VAL F 254 -24.70 -34.88 13.18
C VAL F 254 -24.84 -35.34 14.63
N GLU F 255 -25.48 -34.53 15.47
CA GLU F 255 -25.71 -34.93 16.86
C GLU F 255 -26.56 -36.18 16.96
N HIS F 256 -27.37 -36.50 15.94
CA HIS F 256 -28.15 -37.72 15.89
C HIS F 256 -27.50 -38.80 15.05
N LYS F 257 -26.18 -38.76 14.91
CA LYS F 257 -25.41 -39.77 14.16
C LYS F 257 -25.85 -39.85 12.71
N LYS F 258 -25.91 -38.70 12.05
CA LYS F 258 -26.25 -38.62 10.63
C LYS F 258 -25.04 -38.16 9.82
N ASP F 259 -24.99 -38.60 8.56
CA ASP F 259 -23.91 -38.25 7.65
C ASP F 259 -24.35 -37.08 6.80
N VAL F 260 -23.89 -35.88 7.15
CA VAL F 260 -24.24 -34.66 6.45
C VAL F 260 -23.13 -34.31 5.47
N ILE F 261 -23.52 -33.89 4.26
CA ILE F 261 -22.58 -33.47 3.23
C ILE F 261 -23.00 -32.09 2.75
N ILE F 262 -22.10 -31.13 2.85
CA ILE F 262 -22.36 -29.74 2.47
C ILE F 262 -21.42 -29.39 1.32
N LEU F 263 -22.00 -29.07 0.16
CA LEU F 263 -21.23 -28.67 -1.02
C LEU F 263 -21.33 -27.16 -1.15
N LEU F 264 -20.38 -26.46 -0.54
CA LEU F 264 -20.35 -24.99 -0.58
C LEU F 264 -19.67 -24.53 -1.86
N ASP F 265 -20.23 -23.51 -2.50
CA ASP F 265 -19.68 -22.94 -3.72
C ASP F 265 -19.39 -21.46 -3.60
N SER F 266 -19.46 -20.91 -2.40
CA SER F 266 -19.35 -19.46 -2.21
C SER F 266 -18.59 -19.07 -0.96
N ILE F 267 -17.57 -19.83 -0.56
CA ILE F 267 -16.78 -19.53 0.64
C ILE F 267 -16.24 -18.11 0.53
N THR F 268 -15.77 -17.72 -0.66
CA THR F 268 -15.29 -16.36 -0.88
C THR F 268 -16.43 -15.35 -0.75
N ARG F 269 -17.59 -15.67 -1.35
CA ARG F 269 -18.74 -14.79 -1.24
C ARG F 269 -19.24 -14.72 0.21
N LEU F 270 -19.16 -15.84 0.94
CA LEU F 270 -19.56 -15.83 2.34
C LEU F 270 -18.62 -14.97 3.16
N ALA F 271 -17.32 -15.04 2.90
CA ALA F 271 -16.37 -14.19 3.60
C ALA F 271 -16.59 -12.72 3.26
N ARG F 272 -16.92 -12.42 2.00
CA ARG F 272 -17.24 -11.05 1.64
C ARG F 272 -18.49 -10.56 2.37
N ALA F 273 -19.51 -11.41 2.48
CA ALA F 273 -20.72 -11.03 3.20
C ALA F 273 -20.43 -10.77 4.66
N TYR F 274 -19.60 -11.62 5.28
CA TYR F 274 -19.26 -11.42 6.68
C TYR F 274 -18.43 -10.16 6.89
N ASN F 275 -17.54 -9.86 5.94
CA ASN F 275 -16.78 -8.62 6.01
C ASN F 275 -17.65 -7.39 5.77
N THR F 276 -18.76 -7.56 5.06
CA THR F 276 -19.68 -6.44 4.85
C THR F 276 -20.58 -6.21 6.04
N VAL F 277 -21.02 -7.28 6.72
CA VAL F 277 -21.96 -7.14 7.83
C VAL F 277 -21.27 -6.82 9.15
N VAL F 278 -19.94 -6.91 9.22
CA VAL F 278 -19.23 -6.63 10.46
C VAL F 278 -19.09 -5.12 10.64
N PRO F 279 -19.35 -4.58 11.82
CA PRO F 279 -19.18 -3.14 12.02
C PRO F 279 -17.73 -2.71 11.86
N ALA F 280 -17.53 -1.51 11.33
CA ALA F 280 -16.19 -0.99 11.13
C ALA F 280 -15.52 -0.70 12.46
N SER F 281 -14.26 -1.10 12.58
CA SER F 281 -13.48 -0.91 13.81
C SER F 281 -12.32 0.05 13.62
N GLY F 282 -12.27 0.76 12.48
CA GLY F 282 -11.20 1.70 12.23
C GLY F 282 -9.85 1.08 11.91
N LYS F 283 -9.80 -0.24 11.70
CA LYS F 283 -8.56 -0.92 11.38
C LYS F 283 -8.82 -1.84 10.19
N VAL F 284 -8.17 -1.55 9.05
CA VAL F 284 -8.34 -2.31 7.83
C VAL F 284 -6.99 -2.91 7.45
N LEU F 285 -7.00 -4.21 7.16
CA LEU F 285 -5.79 -4.90 6.77
C LEU F 285 -5.54 -4.75 5.26
N THR F 286 -4.50 -5.43 4.80
CA THR F 286 -4.15 -5.38 3.38
C THR F 286 -5.23 -6.05 2.53
N GLY F 287 -5.74 -5.31 1.55
CA GLY F 287 -6.76 -5.82 0.66
C GLY F 287 -8.18 -5.46 1.01
N GLY F 288 -8.39 -4.80 2.16
CA GLY F 288 -9.73 -4.44 2.56
C GLY F 288 -10.45 -5.49 3.40
N VAL F 289 -9.71 -6.25 4.20
CA VAL F 289 -10.27 -7.30 5.04
C VAL F 289 -10.20 -6.85 6.50
N ASP F 290 -11.32 -6.97 7.21
CA ASP F 290 -11.34 -6.61 8.62
C ASP F 290 -10.64 -7.69 9.45
N ALA F 291 -10.12 -7.29 10.60
CA ALA F 291 -9.38 -8.22 11.46
C ALA F 291 -10.28 -9.29 12.03
N ASN F 292 -11.55 -8.97 12.29
CA ASN F 292 -12.50 -9.91 12.89
C ASN F 292 -13.56 -10.36 11.89
N ALA F 293 -13.31 -10.21 10.59
CA ALA F 293 -14.30 -10.61 9.60
C ALA F 293 -14.16 -12.07 9.20
N LEU F 294 -12.95 -12.61 9.22
CA LEU F 294 -12.71 -13.98 8.80
C LEU F 294 -12.95 -15.00 9.90
N HIS F 295 -13.31 -14.55 11.11
CA HIS F 295 -13.51 -15.49 12.21
C HIS F 295 -14.75 -16.36 12.00
N ARG F 296 -15.85 -15.74 11.59
CA ARG F 296 -17.07 -16.49 11.34
C ARG F 296 -16.93 -17.48 10.18
N PRO F 297 -16.38 -17.12 9.02
CA PRO F 297 -16.12 -18.16 8.00
C PRO F 297 -15.12 -19.19 8.46
N LYS F 298 -14.13 -18.80 9.28
CA LYS F 298 -13.19 -19.77 9.83
C LYS F 298 -13.92 -20.83 10.64
N ARG F 299 -14.82 -20.42 11.53
CA ARG F 299 -15.59 -21.38 12.31
C ARG F 299 -16.53 -22.19 11.44
N PHE F 300 -17.18 -21.56 10.45
CA PHE F 300 -18.07 -22.28 9.56
C PHE F 300 -17.32 -23.38 8.81
N PHE F 301 -16.08 -23.10 8.42
CA PHE F 301 -15.27 -24.10 7.71
C PHE F 301 -14.82 -25.19 8.68
N GLY F 302 -14.31 -24.79 9.85
CA GLY F 302 -13.82 -25.75 10.83
C GLY F 302 -14.89 -26.59 11.49
N ALA F 303 -16.17 -26.25 11.29
CA ALA F 303 -17.24 -27.06 11.85
C ALA F 303 -17.20 -28.49 11.33
N ALA F 304 -16.73 -28.67 10.11
CA ALA F 304 -16.62 -30.00 9.52
C ALA F 304 -15.64 -30.86 10.30
N ARG F 305 -16.08 -32.06 10.67
CA ARG F 305 -15.27 -32.98 11.45
C ARG F 305 -15.91 -34.36 11.39
N ASN F 306 -15.11 -35.39 11.66
CA ASN F 306 -15.58 -36.76 11.73
C ASN F 306 -15.77 -37.15 13.19
N VAL F 307 -16.94 -37.70 13.51
CA VAL F 307 -17.31 -38.05 14.88
C VAL F 307 -17.08 -39.55 15.08
N GLU F 308 -16.44 -39.89 16.20
CA GLU F 308 -16.20 -41.30 16.51
C GLU F 308 -17.46 -41.98 17.03
N GLU F 309 -18.30 -41.28 17.78
CA GLU F 309 -19.52 -41.89 18.32
C GLU F 309 -20.52 -42.20 17.20
N GLY F 310 -20.48 -41.44 16.11
CA GLY F 310 -21.40 -41.68 15.01
C GLY F 310 -21.65 -40.45 14.17
N GLY F 311 -21.80 -40.64 12.86
CA GLY F 311 -22.04 -39.54 11.95
C GLY F 311 -20.77 -38.84 11.54
N SER F 312 -20.92 -37.89 10.62
CA SER F 312 -19.81 -37.12 10.09
C SER F 312 -20.37 -35.86 9.43
N LEU F 313 -19.48 -34.91 9.17
CA LEU F 313 -19.83 -33.65 8.53
C LEU F 313 -18.77 -33.31 7.50
N THR F 314 -19.15 -33.34 6.23
CA THR F 314 -18.23 -33.04 5.12
C THR F 314 -18.60 -31.71 4.50
N ILE F 315 -17.60 -30.84 4.34
CA ILE F 315 -17.78 -29.52 3.76
C ILE F 315 -16.76 -29.35 2.65
N ILE F 316 -17.24 -29.23 1.41
CA ILE F 316 -16.39 -29.03 0.25
C ILE F 316 -16.69 -27.64 -0.29
N ALA F 317 -15.80 -26.69 -0.02
CA ALA F 317 -15.96 -25.31 -0.45
C ALA F 317 -15.09 -25.03 -1.65
N THR F 318 -15.60 -24.21 -2.57
CA THR F 318 -14.89 -23.82 -3.77
C THR F 318 -14.42 -22.38 -3.62
N ALA F 319 -13.10 -22.18 -3.54
CA ALA F 319 -12.53 -20.85 -3.38
C ALA F 319 -12.24 -20.22 -4.73
N LEU F 320 -12.32 -18.90 -4.78
CA LEU F 320 -12.08 -18.14 -6.00
C LEU F 320 -10.73 -17.44 -5.93
N ILE F 321 -9.96 -17.57 -7.01
CA ILE F 321 -8.64 -16.94 -7.12
C ILE F 321 -8.57 -16.25 -8.48
N ASP F 322 -7.61 -15.33 -8.59
CA ASP F 322 -7.34 -14.60 -9.84
C ASP F 322 -8.59 -13.86 -10.32
N THR F 323 -9.34 -13.32 -9.36
CA THR F 323 -10.57 -12.58 -9.67
C THR F 323 -10.32 -11.08 -9.83
N GLY F 324 -9.07 -10.63 -9.75
CA GLY F 324 -8.75 -9.23 -9.87
C GLY F 324 -8.89 -8.42 -8.59
N SER F 325 -9.41 -9.02 -7.53
CA SER F 325 -9.59 -8.33 -6.25
C SER F 325 -8.60 -8.91 -5.25
N LYS F 326 -7.86 -8.01 -4.58
CA LYS F 326 -6.86 -8.46 -3.60
C LYS F 326 -7.53 -9.05 -2.36
N MET F 327 -8.76 -8.65 -2.08
CA MET F 327 -9.47 -9.19 -0.91
C MET F 327 -9.68 -10.69 -1.05
N ASP F 328 -10.13 -11.14 -2.22
CA ASP F 328 -10.30 -12.57 -2.46
C ASP F 328 -8.97 -13.31 -2.39
N GLU F 329 -7.89 -12.69 -2.87
CA GLU F 329 -6.57 -13.31 -2.77
C GLU F 329 -6.15 -13.49 -1.31
N VAL F 330 -6.38 -12.46 -0.48
CA VAL F 330 -6.05 -12.58 0.94
C VAL F 330 -6.90 -13.65 1.60
N ILE F 331 -8.18 -13.72 1.25
CA ILE F 331 -9.07 -14.73 1.83
C ILE F 331 -8.58 -16.13 1.45
N TYR F 332 -8.19 -16.31 0.19
CA TYR F 332 -7.70 -17.60 -0.26
C TYR F 332 -6.40 -17.97 0.43
N GLU F 333 -5.51 -16.97 0.55
CA GLU F 333 -4.21 -17.21 1.22
C GLU F 333 -4.44 -17.63 2.66
N GLU F 334 -5.43 -17.02 3.32
CA GLU F 334 -5.70 -17.33 4.73
C GLU F 334 -6.34 -18.70 4.88
N PHE F 335 -7.27 -19.04 4.00
CA PHE F 335 -7.97 -20.32 4.09
C PHE F 335 -7.15 -21.48 3.52
N LYS F 336 -6.03 -21.20 2.85
CA LYS F 336 -5.24 -22.27 2.26
C LYS F 336 -4.62 -23.15 3.35
N GLY F 337 -4.03 -22.55 4.37
CA GLY F 337 -3.42 -23.30 5.45
C GLY F 337 -4.38 -23.89 6.47
N THR F 338 -5.67 -23.90 6.17
CA THR F 338 -6.69 -24.40 7.10
C THR F 338 -7.19 -25.78 6.77
N GLY F 339 -7.61 -26.02 5.52
CA GLY F 339 -8.13 -27.31 5.13
C GLY F 339 -7.04 -28.35 4.96
N ASN F 340 -7.48 -29.56 4.59
CA ASN F 340 -6.55 -30.67 4.37
C ASN F 340 -6.72 -31.32 3.01
N MET F 341 -7.28 -30.60 2.03
CA MET F 341 -7.45 -31.14 0.68
C MET F 341 -7.58 -29.96 -0.28
N GLU F 342 -6.73 -29.93 -1.30
CA GLU F 342 -6.77 -28.87 -2.31
C GLU F 342 -6.84 -29.52 -3.69
N LEU F 343 -7.89 -29.18 -4.44
CA LEU F 343 -8.08 -29.68 -5.81
C LEU F 343 -8.00 -28.47 -6.73
N HIS F 344 -6.81 -28.19 -7.25
CA HIS F 344 -6.58 -27.02 -8.09
C HIS F 344 -7.00 -27.30 -9.52
N LEU F 345 -7.56 -26.27 -10.17
CA LEU F 345 -7.93 -26.34 -11.58
C LEU F 345 -7.14 -25.29 -12.35
N SER F 346 -6.67 -25.67 -13.53
CA SER F 346 -5.80 -24.80 -14.34
C SER F 346 -6.63 -24.11 -15.41
N ARG F 347 -6.47 -22.78 -15.50
CA ARG F 347 -7.17 -22.03 -16.54
C ARG F 347 -6.56 -22.30 -17.91
N LYS F 348 -5.26 -22.54 -17.96
CA LYS F 348 -4.60 -22.82 -19.24
C LYS F 348 -5.14 -24.09 -19.87
N ILE F 349 -5.44 -25.10 -19.06
CA ILE F 349 -6.01 -26.33 -19.58
C ILE F 349 -7.47 -26.13 -19.97
N ALA F 350 -8.19 -25.27 -19.24
CA ALA F 350 -9.59 -25.02 -19.58
C ALA F 350 -9.71 -24.25 -20.89
N GLU F 351 -8.74 -23.37 -21.18
CA GLU F 351 -8.75 -22.63 -22.43
C GLU F 351 -8.55 -23.54 -23.64
N LYS F 352 -7.89 -24.68 -23.46
CA LYS F 352 -7.70 -25.65 -24.53
C LYS F 352 -8.91 -26.59 -24.70
N ARG F 353 -10.00 -26.33 -23.97
CA ARG F 353 -11.21 -27.14 -24.03
C ARG F 353 -10.92 -28.60 -23.70
N VAL F 354 -10.08 -28.82 -22.70
CA VAL F 354 -9.73 -30.16 -22.23
C VAL F 354 -10.42 -30.33 -20.88
N PHE F 355 -11.57 -31.00 -20.90
CA PHE F 355 -12.35 -31.22 -19.68
C PHE F 355 -12.17 -32.65 -19.19
N PRO F 356 -11.93 -32.87 -17.89
CA PRO F 356 -11.81 -31.80 -16.89
C PRO F 356 -10.42 -31.17 -16.86
N ALA F 357 -10.35 -29.89 -16.49
CA ALA F 357 -9.08 -29.17 -16.39
C ALA F 357 -8.65 -29.17 -14.93
N ILE F 358 -8.07 -30.29 -14.50
CA ILE F 358 -7.65 -30.49 -13.11
C ILE F 358 -6.13 -30.47 -13.05
N ASP F 359 -5.60 -29.71 -12.09
CA ASP F 359 -4.15 -29.67 -11.86
C ASP F 359 -3.79 -30.87 -10.98
N TYR F 360 -3.37 -31.96 -11.62
CA TYR F 360 -3.07 -33.19 -10.89
C TYR F 360 -1.83 -33.04 -10.03
N ASN F 361 -0.91 -32.15 -10.42
CA ASN F 361 0.35 -32.03 -9.69
C ASN F 361 0.12 -31.43 -8.30
N ARG F 362 -0.59 -30.31 -8.22
CA ARG F 362 -0.79 -29.65 -6.94
C ARG F 362 -1.90 -30.28 -6.11
N SER F 363 -2.68 -31.19 -6.69
CA SER F 363 -3.73 -31.85 -5.93
C SER F 363 -3.13 -32.91 -5.00
N GLY F 364 -3.96 -33.40 -4.10
CA GLY F 364 -3.52 -34.41 -3.15
C GLY F 364 -4.38 -34.39 -1.90
N THR F 365 -4.21 -35.43 -1.10
CA THR F 365 -4.94 -35.60 0.15
C THR F 365 -4.00 -36.09 1.24
N ARG F 366 -4.07 -35.46 2.41
CA ARG F 366 -3.26 -35.87 3.55
C ARG F 366 -3.87 -37.09 4.23
N LYS F 367 -3.00 -37.98 4.72
CA LYS F 367 -3.42 -39.22 5.36
C LYS F 367 -4.30 -40.06 4.42
N GLU F 368 -3.88 -40.12 3.15
CA GLU F 368 -4.63 -40.87 2.16
C GLU F 368 -4.57 -42.37 2.38
N GLU F 369 -3.62 -42.85 3.17
CA GLU F 369 -3.50 -44.29 3.43
C GLU F 369 -4.66 -44.82 4.28
N LEU F 370 -5.41 -43.94 4.95
CA LEU F 370 -6.54 -44.35 5.75
C LEU F 370 -7.81 -44.59 4.92
N LEU F 371 -7.78 -44.26 3.63
CA LEU F 371 -8.92 -44.45 2.76
C LEU F 371 -8.64 -45.38 1.59
N THR F 372 -7.40 -45.80 1.40
CA THR F 372 -7.03 -46.68 0.30
C THR F 372 -6.19 -47.83 0.83
N THR F 373 -6.19 -48.93 0.08
CA THR F 373 -5.40 -50.10 0.46
C THR F 373 -3.93 -49.87 0.15
N GLN F 374 -3.11 -50.87 0.51
CA GLN F 374 -1.67 -50.76 0.30
C GLN F 374 -1.32 -50.78 -1.19
N GLU F 375 -1.88 -51.74 -1.94
CA GLU F 375 -1.59 -51.82 -3.37
C GLU F 375 -2.16 -50.62 -4.11
N GLU F 376 -3.34 -50.15 -3.71
CA GLU F 376 -3.92 -48.98 -4.35
C GLU F 376 -3.07 -47.74 -4.09
N LEU F 377 -2.58 -47.58 -2.86
CA LEU F 377 -1.71 -46.44 -2.55
C LEU F 377 -0.40 -46.53 -3.32
N GLN F 378 0.16 -47.74 -3.46
CA GLN F 378 1.39 -47.90 -4.22
C GLN F 378 1.17 -47.56 -5.70
N LYS F 379 0.05 -48.00 -6.26
CA LYS F 379 -0.26 -47.67 -7.65
C LYS F 379 -0.48 -46.18 -7.84
N MET F 380 -1.14 -45.52 -6.89
CA MET F 380 -1.31 -44.07 -6.99
C MET F 380 0.02 -43.35 -6.88
N TRP F 381 0.92 -43.83 -6.02
CA TRP F 381 2.24 -43.23 -5.91
C TRP F 381 3.03 -43.40 -7.19
N ILE F 382 2.97 -44.58 -7.81
CA ILE F 382 3.66 -44.80 -9.08
C ILE F 382 3.08 -43.91 -10.18
N LEU F 383 1.75 -43.77 -10.21
CA LEU F 383 1.12 -42.92 -11.21
C LEU F 383 1.52 -41.46 -11.01
N ARG F 384 1.62 -41.01 -9.76
CA ARG F 384 2.05 -39.65 -9.51
C ARG F 384 3.51 -39.43 -9.90
N LYS F 385 4.37 -40.42 -9.62
CA LYS F 385 5.77 -40.30 -9.99
C LYS F 385 5.97 -40.34 -11.50
N ILE F 386 5.06 -41.01 -12.23
CA ILE F 386 5.16 -41.01 -13.68
C ILE F 386 4.58 -39.71 -14.26
N ILE F 387 3.53 -39.18 -13.66
CA ILE F 387 2.87 -37.98 -14.19
C ILE F 387 3.68 -36.72 -13.89
N HIS F 388 4.36 -36.68 -12.74
CA HIS F 388 5.06 -35.47 -12.30
C HIS F 388 6.04 -34.90 -13.32
N PRO F 389 6.88 -35.69 -13.99
CA PRO F 389 7.81 -35.07 -14.96
C PRO F 389 7.10 -34.41 -16.13
N MET F 390 6.00 -34.97 -16.61
CA MET F 390 5.31 -34.41 -17.75
C MET F 390 4.61 -33.11 -17.39
N GLY F 391 4.37 -32.29 -18.41
CA GLY F 391 3.66 -31.03 -18.21
C GLY F 391 2.19 -31.25 -17.88
N GLU F 392 1.55 -30.18 -17.43
CA GLU F 392 0.16 -30.26 -17.00
C GLU F 392 -0.76 -30.70 -18.13
N ILE F 393 -0.69 -30.00 -19.27
CA ILE F 393 -1.55 -30.33 -20.40
C ILE F 393 -1.21 -31.72 -20.94
N ASP F 394 0.08 -32.02 -21.04
CA ASP F 394 0.51 -33.33 -21.53
C ASP F 394 0.06 -34.44 -20.59
N ALA F 395 0.18 -34.22 -19.27
CA ALA F 395 -0.25 -35.24 -18.31
C ALA F 395 -1.75 -35.44 -18.37
N MET F 396 -2.52 -34.36 -18.53
CA MET F 396 -3.97 -34.48 -18.64
C MET F 396 -4.37 -35.24 -19.90
N GLU F 397 -3.72 -34.94 -21.02
CA GLU F 397 -4.01 -35.65 -22.26
C GLU F 397 -3.66 -37.13 -22.13
N PHE F 398 -2.52 -37.43 -21.52
CA PHE F 398 -2.13 -38.82 -21.30
C PHE F 398 -3.14 -39.55 -20.43
N LEU F 399 -3.56 -38.91 -19.32
CA LEU F 399 -4.52 -39.54 -18.42
C LEU F 399 -5.85 -39.77 -19.11
N ILE F 400 -6.31 -38.81 -19.91
CA ILE F 400 -7.58 -38.97 -20.61
C ILE F 400 -7.48 -40.10 -21.64
N ASN F 401 -6.39 -40.13 -22.40
CA ASN F 401 -6.25 -41.17 -23.43
C ASN F 401 -6.09 -42.54 -22.82
N LYS F 402 -5.54 -42.63 -21.60
CA LYS F 402 -5.38 -43.93 -20.96
C LYS F 402 -6.64 -44.36 -20.24
N LEU F 403 -7.45 -43.42 -19.75
CA LEU F 403 -8.71 -43.80 -19.10
C LEU F 403 -9.82 -44.05 -20.11
N ALA F 404 -9.70 -43.51 -21.32
CA ALA F 404 -10.69 -43.79 -22.36
C ALA F 404 -10.62 -45.21 -22.88
N MET F 405 -9.47 -45.88 -22.68
CA MET F 405 -9.32 -47.23 -23.21
C MET F 405 -10.10 -48.26 -22.41
N THR F 406 -10.22 -48.05 -21.10
CA THR F 406 -10.90 -49.00 -20.21
C THR F 406 -12.03 -48.30 -19.47
N LYS F 407 -12.77 -49.10 -18.69
CA LYS F 407 -13.88 -48.58 -17.90
C LYS F 407 -13.50 -48.34 -16.45
N THR F 408 -12.69 -49.22 -15.86
CA THR F 408 -12.29 -49.11 -14.47
C THR F 408 -10.81 -48.75 -14.39
N ASN F 409 -10.45 -48.06 -13.29
CA ASN F 409 -9.06 -47.65 -13.10
C ASN F 409 -8.17 -48.83 -12.72
N ASP F 410 -8.76 -49.92 -12.24
CA ASP F 410 -7.98 -51.11 -11.89
C ASP F 410 -7.30 -51.69 -13.13
N ASP F 411 -8.02 -51.74 -14.25
CA ASP F 411 -7.42 -52.22 -15.49
C ASP F 411 -6.29 -51.31 -15.95
N PHE F 412 -6.45 -49.99 -15.81
CA PHE F 412 -5.37 -49.07 -16.15
C PHE F 412 -4.15 -49.30 -15.28
N PHE F 413 -4.35 -49.46 -13.97
CA PHE F 413 -3.23 -49.72 -13.07
C PHE F 413 -2.55 -51.04 -13.40
N GLU F 414 -3.33 -52.06 -13.77
CA GLU F 414 -2.73 -53.35 -14.12
C GLU F 414 -1.98 -53.27 -15.43
N MET F 415 -2.43 -52.45 -16.38
CA MET F 415 -1.74 -52.30 -17.65
C MET F 415 -0.51 -51.41 -17.53
N MET F 416 -0.47 -50.53 -16.53
CA MET F 416 0.71 -49.68 -16.35
C MET F 416 1.93 -50.49 -15.96
N LYS F 417 1.74 -51.55 -15.18
CA LYS F 417 2.84 -52.41 -14.76
C LYS F 417 3.31 -53.30 -15.91
N MET G 1 35.59 50.45 14.71
CA MET G 1 34.75 49.62 15.56
C MET G 1 33.72 48.85 14.74
N ASN G 2 34.10 47.67 14.25
CA ASN G 2 33.22 46.84 13.45
C ASN G 2 33.00 45.50 14.17
N LEU G 3 31.81 44.93 13.98
CA LEU G 3 31.47 43.68 14.66
C LEU G 3 32.27 42.53 14.11
N THR G 4 32.38 42.42 12.78
CA THR G 4 33.11 41.31 12.17
C THR G 4 34.59 41.37 12.51
N GLU G 5 35.14 42.57 12.64
CA GLU G 5 36.56 42.70 13.02
C GLU G 5 36.81 42.13 14.41
N LEU G 6 35.91 42.39 15.35
CA LEU G 6 36.05 41.84 16.68
C LEU G 6 35.74 40.35 16.70
N LYS G 7 34.88 39.88 15.80
CA LYS G 7 34.59 38.46 15.70
C LYS G 7 35.77 37.67 15.13
N ASN G 8 36.56 38.29 14.24
CA ASN G 8 37.71 37.59 13.66
C ASN G 8 38.90 37.56 14.61
N THR G 9 38.95 38.46 15.60
CA THR G 9 40.06 38.48 16.53
C THR G 9 40.02 37.23 17.41
N PRO G 10 41.19 36.75 17.84
CA PRO G 10 41.24 35.57 18.70
C PRO G 10 40.74 35.87 20.11
N VAL G 11 40.64 34.82 20.91
CA VAL G 11 40.11 34.94 22.26
C VAL G 11 41.13 35.60 23.17
N SER G 12 42.41 35.26 23.00
CA SER G 12 43.45 35.76 23.90
C SER G 12 43.59 37.27 23.79
N GLU G 13 43.62 37.80 22.57
CA GLU G 13 43.75 39.24 22.39
C GLU G 13 42.53 39.98 22.92
N LEU G 14 41.34 39.41 22.75
CA LEU G 14 40.13 40.04 23.28
C LEU G 14 40.14 40.05 24.81
N ILE G 15 40.60 38.96 25.43
CA ILE G 15 40.71 38.91 26.88
C ILE G 15 41.72 39.96 27.36
N THR G 16 42.85 40.07 26.67
CA THR G 16 43.87 41.05 27.04
C THR G 16 43.32 42.48 26.92
N LEU G 17 42.61 42.76 25.84
CA LEU G 17 42.03 44.09 25.63
C LEU G 17 41.00 44.40 26.71
N GLY G 18 40.15 43.43 27.04
CA GLY G 18 39.16 43.63 28.09
C GLY G 18 39.79 43.85 29.45
N GLU G 19 40.87 43.12 29.76
CA GLU G 19 41.56 43.35 31.03
C GLU G 19 42.24 44.71 31.06
N ASN G 20 42.75 45.17 29.91
CA ASN G 20 43.33 46.51 29.86
C ASN G 20 42.26 47.59 30.00
N MET G 21 41.05 47.33 29.52
CA MET G 21 39.98 48.33 29.64
C MET G 21 39.47 48.42 31.07
N GLY G 22 39.81 47.47 31.92
CA GLY G 22 39.40 47.52 33.32
C GLY G 22 37.97 47.10 33.54
N LEU G 23 37.64 45.84 33.24
CA LEU G 23 36.31 45.29 33.42
C LEU G 23 36.41 44.03 34.28
N GLU G 24 35.28 43.32 34.39
CA GLU G 24 35.25 42.07 35.13
C GLU G 24 36.13 41.02 34.44
N ASN G 25 36.56 40.03 35.22
CA ASN G 25 37.42 38.97 34.72
C ASN G 25 36.80 38.29 33.49
N LEU G 26 37.51 38.39 32.36
CA LEU G 26 37.02 37.86 31.09
C LEU G 26 37.52 36.46 30.78
N ALA G 27 38.40 35.90 31.61
CA ALA G 27 38.88 34.55 31.38
C ALA G 27 37.74 33.53 31.49
N ARG G 28 36.90 33.68 32.51
CA ARG G 28 35.71 32.84 32.66
C ARG G 28 34.49 33.49 32.03
N MET G 29 34.61 33.88 30.76
CA MET G 29 33.53 34.54 30.05
C MET G 29 33.54 34.10 28.59
N ARG G 30 32.35 34.13 27.98
CA ARG G 30 32.23 33.78 26.57
C ARG G 30 32.80 34.89 25.70
N LYS G 31 33.26 34.51 24.50
CA LYS G 31 33.82 35.49 23.58
C LYS G 31 32.79 36.54 23.17
N GLN G 32 31.54 36.11 22.97
CA GLN G 32 30.49 37.06 22.62
C GLN G 32 30.23 38.04 23.76
N ASP G 33 30.23 37.54 25.00
CA ASP G 33 30.07 38.43 26.14
C ASP G 33 31.24 39.38 26.28
N ILE G 34 32.46 38.90 25.97
CA ILE G 34 33.63 39.76 25.99
C ILE G 34 33.49 40.89 24.98
N ILE G 35 33.07 40.55 23.76
CA ILE G 35 32.88 41.55 22.73
C ILE G 35 31.80 42.55 23.13
N PHE G 36 30.72 42.04 23.75
CA PHE G 36 29.63 42.91 24.18
C PHE G 36 30.12 43.89 25.24
N ALA G 37 30.89 43.41 26.22
CA ALA G 37 31.41 44.28 27.27
C ALA G 37 32.39 45.29 26.71
N ILE G 38 33.23 44.88 25.74
CA ILE G 38 34.16 45.81 25.12
C ILE G 38 33.41 46.89 24.37
N LEU G 39 32.35 46.52 23.64
CA LEU G 39 31.57 47.51 22.93
C LEU G 39 30.89 48.47 23.90
N LYS G 40 30.36 47.96 25.01
CA LYS G 40 29.76 48.83 26.02
C LYS G 40 30.77 49.82 26.57
N GLN G 41 31.95 49.32 26.94
CA GLN G 41 32.98 50.20 27.52
C GLN G 41 33.47 51.22 26.51
N HIS G 42 33.53 50.84 25.23
CA HIS G 42 33.99 51.78 24.21
C HIS G 42 32.92 52.82 23.89
N ALA G 43 31.65 52.45 23.98
CA ALA G 43 30.58 53.40 23.76
C ALA G 43 30.35 54.33 24.96
N LYS G 44 30.75 53.89 26.16
CA LYS G 44 30.66 54.78 27.32
C LYS G 44 31.60 55.97 27.18
N SER G 45 32.67 55.84 26.38
CA SER G 45 33.58 56.95 26.14
C SER G 45 33.05 57.94 25.11
N GLY G 46 31.97 57.61 24.41
CA GLY G 46 31.38 58.51 23.43
C GLY G 46 31.66 58.14 21.98
N GLU G 47 32.49 57.14 21.72
CA GLU G 47 32.80 56.77 20.36
C GLU G 47 31.64 56.01 19.72
N ASP G 48 31.66 55.96 18.39
CA ASP G 48 30.61 55.28 17.65
C ASP G 48 30.96 53.83 17.39
N ILE G 49 29.92 53.01 17.23
CA ILE G 49 30.07 51.59 16.95
C ILE G 49 29.33 51.26 15.65
N PHE G 50 29.95 50.44 14.82
CA PHE G 50 29.40 50.07 13.53
C PHE G 50 29.22 48.56 13.47
N GLY G 51 28.21 48.13 12.71
CA GLY G 51 27.92 46.73 12.54
C GLY G 51 27.33 46.47 11.16
N ASP G 52 27.09 45.18 10.88
CA ASP G 52 26.54 44.77 9.59
C ASP G 52 25.92 43.40 9.75
N GLY G 53 25.18 42.98 8.73
CA GLY G 53 24.54 41.69 8.74
C GLY G 53 23.38 41.65 7.76
N VAL G 54 22.84 40.45 7.59
CA VAL G 54 21.71 40.21 6.70
C VAL G 54 20.42 40.41 7.49
N LEU G 55 19.48 41.14 6.90
CA LEU G 55 18.22 41.45 7.57
C LEU G 55 17.27 40.27 7.52
N GLU G 56 16.61 40.00 8.66
CA GLU G 56 15.60 38.95 8.79
C GLU G 56 14.36 39.57 9.42
N ILE G 57 13.43 40.02 8.57
CA ILE G 57 12.23 40.66 9.06
C ILE G 57 11.31 39.61 9.68
N LEU G 58 10.90 39.85 10.93
CA LEU G 58 10.00 38.93 11.61
C LEU G 58 8.56 39.16 11.18
N GLN G 59 7.67 38.29 11.64
CA GLN G 59 6.27 38.39 11.27
C GLN G 59 5.58 39.58 11.94
N ASP G 60 6.07 40.00 13.11
CA ASP G 60 5.44 41.11 13.80
C ASP G 60 5.72 42.44 13.09
N GLY G 61 6.92 42.60 12.55
CA GLY G 61 7.26 43.81 11.84
C GLY G 61 8.69 44.27 12.05
N PHE G 62 9.32 43.79 13.12
CA PHE G 62 10.70 44.14 13.42
C PHE G 62 11.63 43.11 12.77
N GLY G 63 12.93 43.20 13.05
CA GLY G 63 13.87 42.28 12.47
C GLY G 63 15.22 42.39 13.13
N PHE G 64 16.12 41.49 12.72
CA PHE G 64 17.48 41.44 13.24
C PHE G 64 18.46 41.33 12.09
N LEU G 65 19.73 41.53 12.40
CA LEU G 65 20.83 41.42 11.43
C LEU G 65 21.63 40.17 11.77
N ARG G 66 21.31 39.07 11.11
CA ARG G 66 22.02 37.82 11.34
C ARG G 66 23.46 37.90 10.83
N SER G 67 24.31 37.02 11.35
CA SER G 67 25.70 36.95 10.97
C SER G 67 25.96 35.68 10.15
N ALA G 68 26.92 35.77 9.23
CA ALA G 68 27.21 34.64 8.35
C ALA G 68 28.08 33.59 9.01
N ASP G 69 28.91 33.98 9.99
CA ASP G 69 29.80 33.02 10.63
C ASP G 69 29.05 32.06 11.55
N SER G 70 27.81 32.37 11.90
CA SER G 70 27.00 31.52 12.77
C SER G 70 25.88 30.83 12.01
N SER G 71 25.95 30.81 10.68
CA SER G 71 24.94 30.17 9.84
C SER G 71 23.55 30.77 10.08
N TYR G 72 23.52 32.10 10.26
CA TYR G 72 22.27 32.84 10.45
C TYR G 72 21.48 32.32 11.64
N LEU G 73 22.19 32.03 12.73
CA LEU G 73 21.57 31.56 13.96
C LEU G 73 21.27 32.74 14.88
N ALA G 74 20.20 32.61 15.65
CA ALA G 74 19.80 33.66 16.58
C ALA G 74 20.86 33.89 17.65
N GLY G 75 21.51 35.04 17.61
CA GLY G 75 22.56 35.35 18.56
C GLY G 75 22.22 36.54 19.43
N PRO G 76 22.89 36.65 20.58
CA PRO G 76 22.63 37.81 21.46
C PRO G 76 23.13 39.12 20.88
N ASP G 77 24.09 39.08 19.95
CA ASP G 77 24.67 40.29 19.37
C ASP G 77 23.96 40.71 18.09
N ASP G 78 22.70 40.30 17.90
CA ASP G 78 21.95 40.71 16.73
C ASP G 78 21.52 42.17 16.87
N ILE G 79 21.55 42.90 15.77
CA ILE G 79 21.20 44.31 15.75
C ILE G 79 19.70 44.45 15.50
N TYR G 80 19.00 45.06 16.44
CA TYR G 80 17.56 45.26 16.29
C TYR G 80 17.29 46.33 15.24
N VAL G 81 16.31 46.07 14.38
CA VAL G 81 15.90 46.98 13.32
C VAL G 81 14.43 47.32 13.55
N SER G 82 14.17 48.58 13.86
CA SER G 82 12.80 49.02 14.14
C SER G 82 11.97 48.96 12.86
N PRO G 83 10.66 48.71 12.98
CA PRO G 83 9.82 48.70 11.77
C PRO G 83 9.67 50.06 11.13
N SER G 84 9.90 51.13 11.90
CA SER G 84 9.82 52.48 11.35
C SER G 84 10.86 52.68 10.24
N GLN G 85 12.11 52.27 10.52
CA GLN G 85 13.15 52.37 9.50
C GLN G 85 12.87 51.45 8.32
N ILE G 86 12.28 50.29 8.59
CA ILE G 86 11.93 49.36 7.52
C ILE G 86 10.91 49.99 6.59
N ARG G 87 9.94 50.68 7.17
CA ARG G 87 8.84 51.37 6.43
C ARG G 87 9.39 52.62 5.74
N ARG G 88 10.47 53.21 6.27
CA ARG G 88 11.08 54.45 5.74
C ARG G 88 12.01 54.16 4.57
N PHE G 89 12.69 53.00 4.58
CA PHE G 89 13.63 52.64 3.53
C PHE G 89 13.17 51.45 2.68
N ASN G 90 11.96 50.93 2.94
CA ASN G 90 11.41 49.81 2.20
C ASN G 90 12.35 48.61 2.23
N LEU G 91 12.78 48.25 3.44
CA LEU G 91 13.69 47.13 3.62
C LEU G 91 12.92 45.81 3.59
N ARG G 92 13.59 44.77 3.09
CA ARG G 92 13.01 43.44 3.01
C ARG G 92 14.03 42.42 3.48
N THR G 93 13.57 41.19 3.70
CA THR G 93 14.44 40.13 4.16
C THR G 93 15.51 39.82 3.12
N GLY G 94 16.77 39.95 3.53
CA GLY G 94 17.91 39.70 2.65
C GLY G 94 18.75 40.93 2.36
N ASP G 95 18.24 42.12 2.63
CA ASP G 95 18.99 43.35 2.36
C ASP G 95 20.16 43.46 3.32
N THR G 96 21.36 43.58 2.78
CA THR G 96 22.55 43.78 3.61
C THR G 96 22.59 45.22 4.09
N ILE G 97 22.58 45.40 5.41
CA ILE G 97 22.56 46.72 6.03
C ILE G 97 23.83 46.90 6.85
N SER G 98 24.48 48.04 6.67
CA SER G 98 25.69 48.38 7.41
C SER G 98 25.58 49.82 7.87
N GLY G 99 25.49 50.03 9.18
CA GLY G 99 25.34 51.36 9.72
C GLY G 99 25.78 51.42 11.17
N LYS G 100 25.69 52.63 11.72
CA LYS G 100 26.07 52.84 13.11
C LYS G 100 25.09 52.15 14.05
N ILE G 101 25.62 51.55 15.12
CA ILE G 101 24.82 50.85 16.12
C ILE G 101 25.20 51.39 17.49
N ARG G 102 24.34 51.09 18.48
CA ARG G 102 24.54 51.50 19.85
C ARG G 102 24.21 50.34 20.78
N PRO G 103 24.91 50.24 21.91
CA PRO G 103 24.62 49.17 22.87
C PRO G 103 23.22 49.33 23.45
N PRO G 104 22.61 48.25 23.91
CA PRO G 104 21.26 48.35 24.48
C PRO G 104 21.26 49.08 25.81
N LYS G 105 20.26 49.95 25.99
CA LYS G 105 20.12 50.71 27.22
C LYS G 105 19.45 49.84 28.29
N GLU G 106 19.04 50.46 29.39
CA GLU G 106 18.36 49.73 30.45
C GLU G 106 16.99 49.28 29.97
N GLY G 107 16.76 47.96 30.01
CA GLY G 107 15.53 47.40 29.52
C GLY G 107 15.56 46.89 28.10
N GLU G 108 16.71 46.95 27.44
CA GLU G 108 16.88 46.46 26.08
C GLU G 108 17.87 45.30 26.08
N ARG G 109 17.80 44.48 25.03
CA ARG G 109 18.64 43.29 24.93
C ARG G 109 19.43 43.21 23.63
N TYR G 110 19.23 44.13 22.69
CA TYR G 110 19.90 44.06 21.40
C TYR G 110 20.31 45.46 20.96
N PHE G 111 21.30 45.51 20.07
CA PHE G 111 21.79 46.78 19.55
C PHE G 111 20.75 47.42 18.65
N ALA G 112 20.67 48.74 18.69
CA ALA G 112 19.74 49.50 17.88
C ALA G 112 20.46 50.15 16.70
N LEU G 113 19.71 50.37 15.62
CA LEU G 113 20.25 50.98 14.41
C LEU G 113 19.83 52.43 14.34
N LEU G 114 20.81 53.33 14.26
CA LEU G 114 20.54 54.76 14.19
C LEU G 114 20.50 55.28 12.75
N LYS G 115 21.57 55.07 12.00
CA LYS G 115 21.68 55.56 10.64
C LYS G 115 22.30 54.49 9.76
N VAL G 116 21.65 54.19 8.64
CA VAL G 116 22.14 53.19 7.70
C VAL G 116 23.08 53.87 6.71
N ASN G 117 24.27 53.28 6.53
CA ASN G 117 25.28 53.88 5.67
C ASN G 117 25.35 53.24 4.29
N GLU G 118 25.21 51.91 4.21
CA GLU G 118 25.34 51.19 2.95
C GLU G 118 24.31 50.08 2.89
N VAL G 119 23.61 49.98 1.77
CA VAL G 119 22.57 48.98 1.55
C VAL G 119 23.00 48.09 0.39
N ASN G 120 23.07 46.79 0.65
CA ASN G 120 23.44 45.79 -0.36
C ASN G 120 24.78 46.12 -1.01
N PHE G 121 25.72 46.59 -0.19
CA PHE G 121 27.06 46.97 -0.66
C PHE G 121 26.97 48.04 -1.74
N ASP G 122 26.03 48.96 -1.60
CA ASP G 122 25.81 50.02 -2.56
C ASP G 122 25.12 51.18 -1.87
N LYS G 123 25.00 52.29 -2.59
CA LYS G 123 24.36 53.47 -2.03
C LYS G 123 22.86 53.25 -1.89
N PRO G 124 22.24 53.80 -0.84
CA PRO G 124 20.78 53.65 -0.70
C PRO G 124 20.00 54.31 -1.83
N GLU G 125 20.59 55.32 -2.50
CA GLU G 125 19.90 55.96 -3.61
C GLU G 125 19.78 55.03 -4.81
N ASN G 126 20.65 54.04 -4.92
CA ASN G 126 20.54 53.04 -5.97
C ASN G 126 19.65 51.87 -5.58
N ALA G 127 19.44 51.66 -4.28
CA ALA G 127 18.60 50.57 -3.79
C ALA G 127 17.14 50.98 -3.66
N ARG G 128 16.87 52.27 -3.45
CA ARG G 128 15.49 52.73 -3.33
C ARG G 128 14.73 52.52 -4.63
N ASN G 129 15.43 52.64 -5.77
CA ASN G 129 14.82 52.43 -7.09
C ASN G 129 15.42 51.16 -7.66
N LYS G 130 14.63 50.09 -7.66
CA LYS G 130 15.09 48.79 -8.15
C LYS G 130 13.89 47.97 -8.61
N ILE G 131 14.17 47.00 -9.47
CA ILE G 131 13.14 46.10 -9.99
C ILE G 131 13.16 44.81 -9.17
N LEU G 132 11.99 44.35 -8.78
CA LEU G 132 11.88 43.14 -7.97
C LEU G 132 12.33 41.92 -8.76
N PHE G 133 12.70 40.87 -8.03
CA PHE G 133 13.17 39.64 -8.67
C PHE G 133 12.04 38.92 -9.39
N GLU G 134 10.81 39.08 -8.91
CA GLU G 134 9.66 38.43 -9.54
C GLU G 134 9.28 39.03 -10.88
N ASN G 135 9.83 40.19 -11.23
CA ASN G 135 9.52 40.86 -12.48
C ASN G 135 10.60 40.70 -13.54
N LEU G 136 11.76 40.15 -13.18
CA LEU G 136 12.84 39.99 -14.15
C LEU G 136 12.48 38.93 -15.19
N THR G 137 12.83 39.19 -16.44
CA THR G 137 12.51 38.28 -17.52
C THR G 137 13.48 37.11 -17.53
N PRO G 138 13.00 35.87 -17.37
CA PRO G 138 13.92 34.72 -17.41
C PRO G 138 14.45 34.47 -18.81
N LEU G 139 15.57 33.76 -18.87
CA LEU G 139 16.19 33.38 -20.13
C LEU G 139 16.98 32.10 -19.92
N HIS G 140 17.40 31.50 -21.02
CA HIS G 140 18.23 30.30 -20.96
C HIS G 140 19.68 30.66 -20.69
N ALA G 141 20.47 29.63 -20.38
CA ALA G 141 21.89 29.84 -20.11
C ALA G 141 22.59 30.33 -21.38
N ASN G 142 23.14 31.54 -21.31
CA ASN G 142 23.84 32.15 -22.43
C ASN G 142 25.35 32.14 -22.22
N SER G 143 25.83 32.65 -21.10
CA SER G 143 27.27 32.68 -20.83
C SER G 143 27.76 31.29 -20.44
N ARG G 144 28.94 30.93 -20.93
CA ARG G 144 29.51 29.63 -20.66
C ARG G 144 30.38 29.69 -19.41
N LEU G 145 30.07 28.84 -18.43
CA LEU G 145 30.87 28.73 -17.21
C LEU G 145 31.71 27.46 -17.32
N ARG G 146 32.87 27.60 -17.97
CA ARG G 146 33.74 26.45 -18.18
C ARG G 146 34.35 26.00 -16.87
N MET G 147 34.33 24.70 -16.63
CA MET G 147 34.82 24.11 -15.39
C MET G 147 36.22 23.53 -15.51
N GLU G 148 36.79 23.50 -16.71
CA GLU G 148 38.11 22.92 -16.92
C GLU G 148 39.18 23.80 -16.30
N ARG G 149 40.07 23.19 -15.52
CA ARG G 149 41.16 23.93 -14.89
C ARG G 149 42.14 24.45 -15.94
N GLY G 150 42.71 23.54 -16.74
CA GLY G 150 43.69 23.89 -17.72
C GLY G 150 45.13 23.79 -17.26
N ASN G 151 45.36 23.49 -15.99
CA ASN G 151 46.71 23.36 -15.45
C ASN G 151 47.31 21.97 -15.65
N GLY G 152 46.57 21.05 -16.28
CA GLY G 152 47.09 19.72 -16.51
C GLY G 152 47.20 18.86 -15.27
N SER G 153 46.44 19.18 -14.23
CA SER G 153 46.47 18.39 -13.00
C SER G 153 45.70 17.09 -13.16
N THR G 154 46.03 16.11 -12.31
CA THR G 154 45.35 14.84 -12.36
C THR G 154 43.90 14.95 -11.90
N GLU G 155 43.59 15.93 -11.05
CA GLU G 155 42.22 16.12 -10.59
C GLU G 155 41.36 16.81 -11.64
N ASP G 156 41.97 17.37 -12.68
CA ASP G 156 41.21 18.03 -13.75
C ASP G 156 40.43 17.05 -14.60
N LEU G 157 40.67 15.74 -14.45
CA LEU G 157 39.94 14.75 -15.24
C LEU G 157 38.44 14.80 -14.93
N THR G 158 38.09 15.01 -13.66
CA THR G 158 36.68 15.11 -13.29
C THR G 158 36.02 16.31 -13.97
N ALA G 159 36.70 17.46 -13.95
CA ALA G 159 36.14 18.66 -14.59
C ALA G 159 36.04 18.45 -16.10
N ARG G 160 37.01 17.77 -16.71
CA ARG G 160 36.96 17.52 -18.14
C ARG G 160 35.78 16.61 -18.49
N VAL G 161 35.58 15.56 -17.69
CA VAL G 161 34.45 14.66 -17.94
C VAL G 161 33.12 15.39 -17.73
N LEU G 162 33.07 16.28 -16.74
CA LEU G 162 31.85 17.05 -16.50
C LEU G 162 31.55 17.98 -17.67
N ASP G 163 32.61 18.61 -18.22
CA ASP G 163 32.41 19.50 -19.37
C ASP G 163 32.00 18.71 -20.61
N LEU G 164 32.56 17.50 -20.79
CA LEU G 164 32.17 16.69 -21.94
C LEU G 164 30.78 16.09 -21.78
N ALA G 165 30.30 15.95 -20.54
CA ALA G 165 29.00 15.34 -20.32
C ALA G 165 27.88 16.39 -20.22
N SER G 166 28.10 17.45 -19.45
CA SER G 166 27.07 18.46 -19.21
C SER G 166 27.73 19.79 -18.90
N PRO G 167 27.93 20.62 -19.92
CA PRO G 167 28.45 21.97 -19.66
C PRO G 167 27.45 22.79 -18.85
N ILE G 168 27.98 23.65 -17.99
CA ILE G 168 27.19 24.45 -17.07
C ILE G 168 27.35 25.92 -17.43
N GLY G 169 26.23 26.63 -17.50
CA GLY G 169 26.23 28.05 -17.78
C GLY G 169 25.56 28.84 -16.66
N ARG G 170 25.54 30.16 -16.84
CA ARG G 170 24.91 31.03 -15.84
C ARG G 170 23.40 30.86 -15.87
N GLY G 171 22.81 30.72 -14.68
CA GLY G 171 21.39 30.53 -14.56
C GLY G 171 20.92 29.10 -14.72
N GLN G 172 21.84 28.13 -14.76
CA GLN G 172 21.47 26.74 -14.94
C GLN G 172 20.79 26.20 -13.69
N ARG G 173 19.85 25.28 -13.89
CA ARG G 173 19.10 24.64 -12.81
C ARG G 173 19.18 23.13 -13.03
N GLY G 174 20.23 22.52 -12.47
CA GLY G 174 20.52 21.12 -12.67
C GLY G 174 20.28 20.27 -11.42
N LEU G 175 20.57 18.98 -11.59
CA LEU G 175 20.41 18.00 -10.52
C LEU G 175 21.54 16.98 -10.59
N ILE G 176 22.11 16.65 -9.44
CA ILE G 176 23.16 15.64 -9.35
C ILE G 176 22.53 14.43 -8.69
N VAL G 177 22.03 13.51 -9.51
CA VAL G 177 21.38 12.30 -9.04
C VAL G 177 22.45 11.22 -8.82
N ALA G 178 22.49 10.67 -7.61
CA ALA G 178 23.50 9.68 -7.27
C ALA G 178 23.05 8.91 -6.03
N PRO G 179 23.19 7.59 -6.03
CA PRO G 179 22.92 6.81 -4.82
C PRO G 179 23.97 7.11 -3.76
N PRO G 180 23.71 6.74 -2.50
CA PRO G 180 24.70 6.97 -1.45
C PRO G 180 25.97 6.17 -1.67
N LYS G 181 27.05 6.64 -1.05
CA LYS G 181 28.37 6.03 -1.15
C LYS G 181 28.84 5.96 -2.61
N ALA G 182 28.63 7.05 -3.36
CA ALA G 182 29.06 7.11 -4.76
C ALA G 182 30.22 8.05 -4.99
N GLY G 183 30.39 9.06 -4.15
CA GLY G 183 31.46 10.03 -4.33
C GLY G 183 30.94 11.44 -4.52
N LYS G 184 29.77 11.73 -3.96
CA LYS G 184 29.16 13.05 -4.11
C LYS G 184 30.01 14.12 -3.43
N THR G 185 30.65 13.77 -2.30
CA THR G 185 31.44 14.75 -1.56
C THR G 185 32.64 15.21 -2.37
N MET G 186 33.42 14.28 -2.91
CA MET G 186 34.59 14.65 -3.70
C MET G 186 34.18 15.40 -4.96
N LEU G 187 33.08 14.98 -5.58
CA LEU G 187 32.62 15.65 -6.78
C LEU G 187 32.21 17.09 -6.49
N LEU G 188 31.50 17.31 -5.38
CA LEU G 188 31.10 18.66 -5.00
C LEU G 188 32.32 19.51 -4.65
N GLN G 189 33.30 18.91 -3.96
CA GLN G 189 34.53 19.64 -3.65
C GLN G 189 35.25 20.06 -4.93
N ASN G 190 35.36 19.15 -5.90
CA ASN G 190 36.01 19.47 -7.16
C ASN G 190 35.27 20.56 -7.91
N ILE G 191 33.93 20.49 -7.92
CA ILE G 191 33.13 21.51 -8.59
C ILE G 191 33.35 22.87 -7.94
N ALA G 192 33.34 22.91 -6.60
CA ALA G 192 33.52 24.18 -5.90
C ALA G 192 34.91 24.74 -6.15
N GLN G 193 35.94 23.89 -6.13
CA GLN G 193 37.30 24.36 -6.38
C GLN G 193 37.45 24.87 -7.81
N SER G 194 36.86 24.17 -8.79
CA SER G 194 36.94 24.63 -10.17
C SER G 194 36.19 25.95 -10.36
N ILE G 195 35.06 26.13 -9.67
CA ILE G 195 34.34 27.39 -9.77
C ILE G 195 35.16 28.52 -9.15
N ALA G 196 35.77 28.27 -7.99
CA ALA G 196 36.56 29.30 -7.33
C ALA G 196 37.83 29.62 -8.12
N TYR G 197 38.36 28.67 -8.87
CA TYR G 197 39.59 28.89 -9.63
C TYR G 197 39.32 29.57 -10.97
N ASN G 198 38.33 29.07 -11.73
CA ASN G 198 38.08 29.60 -13.07
C ASN G 198 37.29 30.90 -13.02
N HIS G 199 36.28 30.98 -12.17
CA HIS G 199 35.40 32.16 -12.09
C HIS G 199 35.40 32.67 -10.65
N PRO G 200 36.45 33.39 -10.25
CA PRO G 200 36.49 33.93 -8.88
C PRO G 200 35.57 35.13 -8.66
N ASP G 201 35.03 35.72 -9.73
CA ASP G 201 34.17 36.88 -9.60
C ASP G 201 32.76 36.52 -9.14
N CYS G 202 32.34 35.28 -9.36
CA CYS G 202 30.99 34.88 -8.99
C CYS G 202 30.89 34.63 -7.49
N VAL G 203 29.70 34.89 -6.94
CA VAL G 203 29.46 34.70 -5.51
C VAL G 203 29.08 33.23 -5.29
N LEU G 204 29.97 32.48 -4.66
CA LEU G 204 29.76 31.05 -4.40
C LEU G 204 29.18 30.87 -3.01
N MET G 205 28.09 30.11 -2.92
CA MET G 205 27.43 29.82 -1.65
C MET G 205 27.13 28.33 -1.61
N VAL G 206 27.67 27.65 -0.60
CA VAL G 206 27.50 26.21 -0.43
C VAL G 206 26.55 26.00 0.74
N LEU G 207 25.41 25.37 0.48
CA LEU G 207 24.41 25.08 1.50
C LEU G 207 24.42 23.60 1.82
N LEU G 208 24.67 23.27 3.10
CA LEU G 208 24.72 21.89 3.57
C LEU G 208 23.75 21.75 4.72
N ILE G 209 22.58 21.17 4.45
CA ILE G 209 21.52 21.01 5.44
C ILE G 209 21.48 19.56 5.90
N ASP G 210 21.43 19.35 7.22
CA ASP G 210 21.31 18.02 7.82
C ASP G 210 22.49 17.13 7.43
N GLU G 211 23.70 17.60 7.71
CA GLU G 211 24.92 16.86 7.44
C GLU G 211 25.75 16.76 8.72
N ARG G 212 26.86 16.03 8.62
CA ARG G 212 27.69 15.80 9.80
C ARG G 212 28.57 17.02 10.07
N PRO G 213 28.85 17.32 11.35
CA PRO G 213 29.71 18.49 11.64
C PRO G 213 31.11 18.36 11.08
N GLU G 214 31.67 17.15 11.03
CA GLU G 214 32.98 16.96 10.43
C GLU G 214 33.01 17.34 8.96
N GLU G 215 32.00 16.92 8.19
CA GLU G 215 31.92 17.33 6.80
C GLU G 215 31.71 18.83 6.67
N VAL G 216 30.97 19.44 7.58
CA VAL G 216 30.75 20.89 7.54
C VAL G 216 32.07 21.62 7.73
N THR G 217 32.83 21.26 8.76
CA THR G 217 34.08 21.96 9.03
C THR G 217 35.14 21.61 7.99
N GLU G 218 34.98 20.47 7.31
CA GLU G 218 35.86 20.14 6.21
C GLU G 218 35.58 21.04 5.01
N MET G 219 34.31 21.16 4.63
CA MET G 219 33.95 22.01 3.50
C MET G 219 34.26 23.47 3.78
N GLN G 220 34.12 23.90 5.03
CA GLN G 220 34.37 25.30 5.36
C GLN G 220 35.85 25.65 5.21
N ARG G 221 36.75 24.69 5.46
CA ARG G 221 38.18 24.92 5.39
C ARG G 221 38.79 24.45 4.07
N LEU G 222 37.96 24.11 3.08
CA LEU G 222 38.45 23.60 1.80
C LEU G 222 38.11 24.49 0.63
N VAL G 223 36.89 25.00 0.57
CA VAL G 223 36.44 25.83 -0.56
C VAL G 223 36.76 27.28 -0.28
N LYS G 224 36.94 28.05 -1.34
CA LYS G 224 37.22 29.48 -1.23
C LYS G 224 35.95 30.28 -1.47
N GLY G 225 35.12 30.30 -0.43
CA GLY G 225 33.86 31.01 -0.51
C GLY G 225 33.11 30.98 0.80
N GLU G 226 31.82 31.27 0.72
CA GLU G 226 30.94 31.29 1.88
C GLU G 226 30.30 29.91 2.07
N VAL G 227 30.26 29.45 3.32
CA VAL G 227 29.70 28.15 3.65
C VAL G 227 28.66 28.35 4.75
N VAL G 228 27.40 28.15 4.41
CA VAL G 228 26.30 28.20 5.37
C VAL G 228 25.72 26.80 5.49
N ALA G 229 25.84 26.20 6.68
CA ALA G 229 25.44 24.82 6.88
C ALA G 229 24.61 24.71 8.16
N SER G 230 23.92 23.57 8.28
CA SER G 230 23.07 23.29 9.45
C SER G 230 23.12 21.78 9.68
N THR G 231 23.82 21.39 10.75
CA THR G 231 24.00 19.97 11.05
C THR G 231 22.67 19.33 11.44
N PHE G 232 22.68 18.00 11.52
CA PHE G 232 21.48 17.25 11.87
C PHE G 232 21.05 17.46 13.31
N ASP G 233 21.93 17.99 14.17
CA ASP G 233 21.56 18.24 15.56
C ASP G 233 20.54 19.37 15.70
N GLU G 234 20.26 20.10 14.62
CA GLU G 234 19.29 21.19 14.67
C GLU G 234 17.95 20.72 14.11
N PRO G 235 16.85 21.29 14.61
CA PRO G 235 15.53 20.89 14.11
C PRO G 235 15.31 21.37 12.68
N ALA G 236 14.23 20.86 12.09
CA ALA G 236 13.91 21.21 10.70
C ALA G 236 13.52 22.68 10.57
N SER G 237 13.08 23.30 11.68
CA SER G 237 12.73 24.72 11.64
C SER G 237 13.95 25.58 11.29
N ARG G 238 15.10 25.27 11.88
CA ARG G 238 16.32 26.00 11.54
C ARG G 238 16.73 25.73 10.11
N HIS G 239 16.50 24.51 9.62
CA HIS G 239 16.79 24.21 8.22
C HIS G 239 15.95 25.09 7.29
N VAL G 240 14.65 25.20 7.56
CA VAL G 240 13.77 26.03 6.74
C VAL G 240 14.20 27.49 6.83
N GLN G 241 14.55 27.95 8.03
CA GLN G 241 14.95 29.34 8.21
C GLN G 241 16.23 29.64 7.42
N VAL G 242 17.21 28.74 7.49
CA VAL G 242 18.46 28.93 6.77
C VAL G 242 18.21 28.93 5.26
N ALA G 243 17.39 28.00 4.77
CA ALA G 243 17.08 27.97 3.35
C ALA G 243 16.41 29.26 2.90
N GLU G 244 15.45 29.76 3.69
CA GLU G 244 14.77 31.00 3.33
C GLU G 244 15.73 32.18 3.33
N MET G 245 16.60 32.27 4.35
CA MET G 245 17.56 33.37 4.39
C MET G 245 18.51 33.31 3.20
N VAL G 246 19.00 32.11 2.86
CA VAL G 246 19.93 31.98 1.75
C VAL G 246 19.26 32.36 0.43
N ILE G 247 18.04 31.90 0.20
CA ILE G 247 17.38 32.20 -1.07
C ILE G 247 17.02 33.68 -1.15
N GLU G 248 16.66 34.29 -0.01
CA GLU G 248 16.35 35.72 -0.03
C GLU G 248 17.60 36.55 -0.29
N LYS G 249 18.73 36.17 0.32
CA LYS G 249 19.98 36.87 0.04
C LYS G 249 20.38 36.70 -1.42
N ALA G 250 20.18 35.51 -1.97
CA ALA G 250 20.49 35.28 -3.39
C ALA G 250 19.63 36.15 -4.29
N LYS G 251 18.33 36.25 -3.98
CA LYS G 251 17.44 37.10 -4.77
C LYS G 251 17.86 38.56 -4.66
N ARG G 252 18.19 39.02 -3.46
CA ARG G 252 18.59 40.41 -3.29
C ARG G 252 19.90 40.71 -4.02
N LEU G 253 20.81 39.73 -4.08
CA LEU G 253 22.05 39.93 -4.82
C LEU G 253 21.79 39.94 -6.32
N VAL G 254 20.94 39.04 -6.81
CA VAL G 254 20.61 39.02 -8.24
C VAL G 254 19.92 40.31 -8.66
N GLU G 255 19.12 40.89 -7.76
CA GLU G 255 18.46 42.16 -8.06
C GLU G 255 19.46 43.27 -8.32
N HIS G 256 20.69 43.15 -7.82
CA HIS G 256 21.75 44.13 -8.08
C HIS G 256 22.71 43.65 -9.18
N LYS G 257 22.23 42.79 -10.08
CA LYS G 257 23.02 42.31 -11.21
C LYS G 257 24.28 41.58 -10.75
N LYS G 258 24.11 40.64 -9.83
CA LYS G 258 25.21 39.82 -9.35
C LYS G 258 25.02 38.37 -9.78
N ASP G 259 26.14 37.66 -9.95
CA ASP G 259 26.14 36.26 -10.37
C ASP G 259 26.26 35.39 -9.11
N VAL G 260 25.13 34.84 -8.68
CA VAL G 260 25.07 33.99 -7.49
C VAL G 260 25.10 32.54 -7.91
N ILE G 261 25.88 31.73 -7.19
CA ILE G 261 25.99 30.30 -7.43
C ILE G 261 25.71 29.58 -6.12
N ILE G 262 24.71 28.71 -6.12
CA ILE G 262 24.29 27.97 -4.94
C ILE G 262 24.52 26.48 -5.21
N LEU G 263 25.39 25.86 -4.42
CA LEU G 263 25.68 24.42 -4.54
C LEU G 263 24.95 23.71 -3.41
N LEU G 264 23.73 23.28 -3.70
CA LEU G 264 22.91 22.58 -2.71
C LEU G 264 23.26 21.10 -2.71
N ASP G 265 23.36 20.52 -1.52
CA ASP G 265 23.68 19.10 -1.35
C ASP G 265 22.62 18.35 -0.56
N SER G 266 21.48 18.97 -0.30
CA SER G 266 20.48 18.40 0.58
C SER G 266 19.05 18.66 0.13
N ILE G 267 18.78 18.70 -1.18
CA ILE G 267 17.44 18.95 -1.68
C ILE G 267 16.47 17.93 -1.11
N THR G 268 16.90 16.67 -1.01
CA THR G 268 16.09 15.64 -0.39
C THR G 268 15.88 15.91 1.09
N ARG G 269 16.95 16.29 1.79
CA ARG G 269 16.85 16.63 3.21
C ARG G 269 15.99 17.87 3.41
N LEU G 270 16.09 18.83 2.50
CA LEU G 270 15.25 20.02 2.60
C LEU G 270 13.78 19.69 2.40
N ALA G 271 13.49 18.80 1.45
CA ALA G 271 12.11 18.36 1.25
C ALA G 271 11.60 17.60 2.47
N ARG G 272 12.45 16.77 3.08
CA ARG G 272 12.05 16.08 4.31
C ARG G 272 11.76 17.07 5.43
N ALA G 273 12.60 18.10 5.56
CA ALA G 273 12.37 19.11 6.59
C ALA G 273 11.06 19.85 6.36
N TYR G 274 10.77 20.19 5.09
CA TYR G 274 9.52 20.89 4.80
C TYR G 274 8.32 19.98 5.03
N ASN G 275 8.45 18.69 4.74
CA ASN G 275 7.37 17.75 5.02
C ASN G 275 7.20 17.53 6.52
N THR G 276 8.25 17.74 7.31
CA THR G 276 8.14 17.60 8.75
C THR G 276 7.54 18.83 9.40
N VAL G 277 7.85 20.03 8.88
CA VAL G 277 7.37 21.27 9.50
C VAL G 277 5.96 21.66 9.05
N VAL G 278 5.41 20.99 8.03
CA VAL G 278 4.09 21.32 7.53
C VAL G 278 3.04 20.68 8.44
N PRO G 279 1.99 21.40 8.83
CA PRO G 279 0.96 20.80 9.66
C PRO G 279 0.22 19.69 8.94
N ALA G 280 -0.16 18.65 9.70
CA ALA G 280 -0.87 17.52 9.12
C ALA G 280 -2.26 17.94 8.65
N SER G 281 -2.63 17.50 7.45
CA SER G 281 -3.93 17.83 6.86
C SER G 281 -4.82 16.60 6.73
N GLY G 282 -4.45 15.48 7.32
CA GLY G 282 -5.25 14.27 7.23
C GLY G 282 -5.22 13.58 5.89
N LYS G 283 -4.33 13.99 4.97
CA LYS G 283 -4.23 13.37 3.67
C LYS G 283 -2.75 13.11 3.39
N VAL G 284 -2.39 11.83 3.27
CA VAL G 284 -1.01 11.41 3.05
C VAL G 284 -0.95 10.67 1.73
N LEU G 285 0.01 11.06 0.88
CA LEU G 285 0.18 10.42 -0.41
C LEU G 285 1.05 9.16 -0.28
N THR G 286 1.35 8.56 -1.43
CA THR G 286 2.18 7.35 -1.44
C THR G 286 3.60 7.68 -1.01
N GLY G 287 4.08 6.96 -0.01
CA GLY G 287 5.43 7.14 0.49
C GLY G 287 5.55 8.03 1.71
N GLY G 288 4.46 8.65 2.16
CA GLY G 288 4.51 9.52 3.31
C GLY G 288 4.81 10.96 2.99
N VAL G 289 4.38 11.45 1.83
CA VAL G 289 4.61 12.83 1.41
C VAL G 289 3.31 13.59 1.46
N ASP G 290 3.33 14.77 2.07
CA ASP G 290 2.14 15.60 2.14
C ASP G 290 1.87 16.25 0.79
N ALA G 291 0.60 16.59 0.54
CA ALA G 291 0.23 17.18 -0.74
C ALA G 291 0.81 18.57 -0.92
N ASN G 292 0.98 19.32 0.18
CA ASN G 292 1.48 20.68 0.13
C ASN G 292 2.88 20.80 0.73
N ALA G 293 3.61 19.69 0.82
CA ALA G 293 4.95 19.73 1.40
C ALA G 293 6.02 20.04 0.37
N LEU G 294 5.81 19.62 -0.88
CA LEU G 294 6.79 19.81 -1.94
C LEU G 294 6.70 21.18 -2.61
N HIS G 295 5.73 22.01 -2.23
CA HIS G 295 5.57 23.31 -2.87
C HIS G 295 6.73 24.24 -2.54
N ARG G 296 7.12 24.30 -1.27
CA ARG G 296 8.24 25.16 -0.87
C ARG G 296 9.56 24.73 -1.50
N PRO G 297 9.95 23.44 -1.49
CA PRO G 297 11.16 23.06 -2.24
C PRO G 297 11.02 23.28 -3.72
N LYS G 298 9.81 23.12 -4.27
CA LYS G 298 9.59 23.41 -5.68
C LYS G 298 9.92 24.85 -6.01
N ARG G 299 9.43 25.79 -5.19
CA ARG G 299 9.74 27.20 -5.42
C ARG G 299 11.21 27.50 -5.18
N PHE G 300 11.81 26.89 -4.15
CA PHE G 300 13.23 27.11 -3.89
C PHE G 300 14.08 26.65 -5.07
N PHE G 301 13.69 25.55 -5.71
CA PHE G 301 14.42 25.06 -6.87
C PHE G 301 14.18 25.96 -8.08
N GLY G 302 12.92 26.32 -8.33
CA GLY G 302 12.58 27.15 -9.47
C GLY G 302 13.01 28.59 -9.36
N ALA G 303 13.49 29.01 -8.19
CA ALA G 303 14.00 30.38 -8.06
C ALA G 303 15.17 30.63 -8.98
N ALA G 304 15.96 29.60 -9.29
CA ALA G 304 17.09 29.73 -10.19
C ALA G 304 16.63 30.11 -11.58
N ARG G 305 17.23 31.16 -12.14
CA ARG G 305 16.88 31.64 -13.47
C ARG G 305 17.96 32.60 -13.94
N ASN G 306 18.03 32.80 -15.24
CA ASN G 306 18.96 33.73 -15.86
C ASN G 306 18.23 35.03 -16.19
N VAL G 307 18.81 36.15 -15.78
CA VAL G 307 18.20 37.46 -15.94
C VAL G 307 18.81 38.15 -17.16
N GLU G 308 17.95 38.73 -18.00
CA GLU G 308 18.44 39.44 -19.18
C GLU G 308 18.99 40.81 -18.82
N GLU G 309 18.39 41.49 -17.84
CA GLU G 309 18.87 42.81 -17.46
C GLU G 309 20.24 42.76 -16.81
N GLY G 310 20.58 41.63 -16.16
CA GLY G 310 21.87 41.50 -15.51
C GLY G 310 21.86 40.49 -14.38
N GLY G 311 22.96 39.76 -14.22
CA GLY G 311 23.07 38.78 -13.16
C GLY G 311 22.43 37.45 -13.54
N SER G 312 22.60 36.48 -12.65
CA SER G 312 22.08 35.14 -12.85
C SER G 312 22.05 34.42 -11.50
N LEU G 313 21.33 33.32 -11.46
CA LEU G 313 21.20 32.50 -10.25
C LEU G 313 21.30 31.03 -10.64
N THR G 314 22.37 30.38 -10.22
CA THR G 314 22.61 28.98 -10.52
C THR G 314 22.44 28.14 -9.25
N ILE G 315 21.63 27.08 -9.35
CA ILE G 315 21.37 26.18 -8.24
C ILE G 315 21.64 24.76 -8.70
N ILE G 316 22.64 24.12 -8.10
CA ILE G 316 23.00 22.74 -8.42
C ILE G 316 22.71 21.91 -7.18
N ALA G 317 21.61 21.17 -7.21
CA ALA G 317 21.18 20.35 -6.08
C ALA G 317 21.50 18.89 -6.35
N THR G 318 21.90 18.17 -5.30
CA THR G 318 22.24 16.76 -5.39
C THR G 318 21.11 15.96 -4.75
N ALA G 319 20.40 15.18 -5.56
CA ALA G 319 19.29 14.38 -5.09
C ALA G 319 19.77 12.99 -4.68
N LEU G 320 19.07 12.41 -3.72
CA LEU G 320 19.40 11.08 -3.20
C LEU G 320 18.40 10.05 -3.70
N ILE G 321 18.91 8.93 -4.19
CA ILE G 321 18.09 7.83 -4.69
C ILE G 321 18.62 6.53 -4.09
N ASP G 322 17.78 5.49 -4.13
CA ASP G 322 18.14 4.16 -3.65
C ASP G 322 18.56 4.19 -2.19
N THR G 323 17.90 5.04 -1.41
CA THR G 323 18.19 5.18 0.02
C THR G 323 17.34 4.26 0.89
N GLY G 324 16.52 3.41 0.29
CA GLY G 324 15.65 2.51 1.04
C GLY G 324 14.35 3.11 1.51
N SER G 325 14.14 4.42 1.34
CA SER G 325 12.92 5.09 1.75
C SER G 325 12.13 5.48 0.51
N LYS G 326 10.84 5.13 0.50
CA LYS G 326 10.00 5.44 -0.64
C LYS G 326 9.73 6.94 -0.74
N MET G 327 9.82 7.67 0.37
CA MET G 327 9.59 9.10 0.35
C MET G 327 10.63 9.81 -0.51
N ASP G 328 11.91 9.45 -0.34
CA ASP G 328 12.95 10.02 -1.16
C ASP G 328 12.79 9.66 -2.62
N GLU G 329 12.33 8.44 -2.91
CA GLU G 329 12.07 8.04 -4.28
C GLU G 329 10.97 8.89 -4.90
N VAL G 330 10.00 9.29 -4.08
CA VAL G 330 8.97 10.24 -4.61
C VAL G 330 9.54 11.66 -4.47
N ILE G 331 10.22 11.96 -3.36
CA ILE G 331 10.75 13.33 -3.09
C ILE G 331 11.88 13.66 -4.06
N TYR G 332 12.96 12.86 -4.08
CA TYR G 332 14.04 13.09 -5.07
C TYR G 332 13.38 13.19 -6.44
N GLU G 333 12.49 12.25 -6.76
CA GLU G 333 11.76 12.34 -8.05
C GLU G 333 10.69 13.40 -7.88
N GLU G 334 9.65 13.41 -8.71
CA GLU G 334 8.71 14.56 -8.67
C GLU G 334 9.59 15.75 -9.04
N PHE G 335 10.87 15.70 -8.63
CA PHE G 335 11.81 16.73 -9.03
C PHE G 335 12.54 16.41 -10.33
N LYS G 336 12.40 15.18 -10.85
CA LYS G 336 13.10 14.81 -12.07
C LYS G 336 12.59 15.61 -13.27
N GLY G 337 11.27 15.72 -13.40
CA GLY G 337 10.68 16.46 -14.51
C GLY G 337 10.69 17.96 -14.36
N THR G 338 11.45 18.50 -13.41
CA THR G 338 11.49 19.94 -13.14
C THR G 338 12.73 20.62 -13.69
N GLY G 339 13.92 20.09 -13.38
CA GLY G 339 15.15 20.70 -13.84
C GLY G 339 15.42 20.43 -15.30
N ASN G 340 16.56 20.97 -15.76
CA ASN G 340 16.96 20.80 -17.15
C ASN G 340 18.38 20.24 -17.28
N MET G 341 18.89 19.55 -16.27
CA MET G 341 20.22 18.96 -16.32
C MET G 341 20.28 17.84 -15.29
N GLU G 342 20.63 16.64 -15.73
CA GLU G 342 20.76 15.48 -14.86
C GLU G 342 22.14 14.86 -15.05
N LEU G 343 22.91 14.78 -13.96
CA LEU G 343 24.23 14.16 -13.97
C LEU G 343 24.16 12.94 -13.07
N HIS G 344 23.89 11.78 -13.68
CA HIS G 344 23.71 10.55 -12.93
C HIS G 344 25.06 9.90 -12.62
N LEU G 345 25.16 9.32 -11.44
CA LEU G 345 26.34 8.58 -11.02
C LEU G 345 25.96 7.13 -10.76
N SER G 346 26.82 6.21 -11.20
CA SER G 346 26.55 4.78 -11.11
C SER G 346 27.24 4.19 -9.89
N ARG G 347 26.47 3.44 -9.09
CA ARG G 347 27.07 2.77 -7.94
C ARG G 347 27.95 1.60 -8.36
N LYS G 348 27.59 0.94 -9.46
CA LYS G 348 28.38 -0.19 -9.94
C LYS G 348 29.77 0.25 -10.35
N ILE G 349 29.90 1.43 -10.93
CA ILE G 349 31.21 1.95 -11.29
C ILE G 349 31.97 2.41 -10.05
N ALA G 350 31.27 2.93 -9.05
CA ALA G 350 31.94 3.37 -7.83
C ALA G 350 32.46 2.18 -7.03
N GLU G 351 31.77 1.04 -7.09
CA GLU G 351 32.24 -0.15 -6.40
C GLU G 351 33.54 -0.69 -7.00
N LYS G 352 33.79 -0.42 -8.28
CA LYS G 352 35.04 -0.84 -8.93
C LYS G 352 36.17 0.14 -8.68
N ARG G 353 35.96 1.15 -7.83
CA ARG G 353 36.97 2.15 -7.51
C ARG G 353 37.46 2.88 -8.76
N VAL G 354 36.53 3.20 -9.65
CA VAL G 354 36.82 3.93 -10.87
C VAL G 354 36.25 5.33 -10.70
N PHE G 355 37.11 6.28 -10.32
CA PHE G 355 36.70 7.65 -10.08
C PHE G 355 37.11 8.53 -11.25
N PRO G 356 36.21 9.39 -11.75
CA PRO G 356 34.83 9.54 -11.25
C PRO G 356 33.88 8.50 -11.82
N ALA G 357 32.85 8.13 -11.04
CA ALA G 357 31.85 7.17 -11.47
C ALA G 357 30.63 7.93 -11.99
N ILE G 358 30.73 8.40 -13.22
CA ILE G 358 29.70 9.23 -13.85
C ILE G 358 29.01 8.41 -14.93
N ASP G 359 27.68 8.43 -14.93
CA ASP G 359 26.90 7.77 -15.97
C ASP G 359 26.82 8.69 -17.16
N TYR G 360 27.72 8.51 -18.13
CA TYR G 360 27.78 9.41 -19.27
C TYR G 360 26.57 9.24 -20.18
N ASN G 361 25.98 8.05 -20.18
CA ASN G 361 24.86 7.78 -21.09
C ASN G 361 23.63 8.61 -20.73
N ARG G 362 23.22 8.56 -19.46
CA ARG G 362 22.02 9.26 -19.04
C ARG G 362 22.25 10.75 -18.78
N SER G 363 23.50 11.20 -18.77
CA SER G 363 23.78 12.61 -18.57
C SER G 363 23.48 13.38 -19.85
N GLY G 364 23.46 14.70 -19.73
CA GLY G 364 23.18 15.57 -20.85
C GLY G 364 22.65 16.91 -20.40
N THR G 365 22.61 17.84 -21.34
CA THR G 365 22.12 19.19 -21.10
C THR G 365 21.24 19.63 -22.27
N ARG G 366 20.08 20.21 -21.94
CA ARG G 366 19.18 20.72 -22.97
C ARG G 366 19.65 22.08 -23.45
N LYS G 367 19.45 22.33 -24.74
CA LYS G 367 19.88 23.58 -25.38
C LYS G 367 21.38 23.79 -25.20
N GLU G 368 22.15 22.71 -25.37
CA GLU G 368 23.61 22.79 -25.20
C GLU G 368 24.28 23.58 -26.31
N GLU G 369 23.60 23.81 -27.43
CA GLU G 369 24.19 24.57 -28.53
C GLU G 369 24.37 26.04 -28.18
N LEU G 370 23.70 26.53 -27.13
CA LEU G 370 23.84 27.92 -26.71
C LEU G 370 25.08 28.16 -25.85
N LEU G 371 25.79 27.10 -25.47
CA LEU G 371 26.99 27.23 -24.66
C LEU G 371 28.23 26.68 -25.34
N THR G 372 28.10 26.04 -26.50
CA THR G 372 29.24 25.47 -27.21
C THR G 372 29.18 25.89 -28.67
N THR G 373 30.33 25.85 -29.32
CA THR G 373 30.40 26.20 -30.73
C THR G 373 29.89 25.06 -31.60
N GLN G 374 29.87 25.29 -32.91
CA GLN G 374 29.37 24.28 -33.84
C GLN G 374 30.29 23.07 -33.88
N GLU G 375 31.59 23.30 -34.05
CA GLU G 375 32.53 22.17 -34.12
C GLU G 375 32.61 21.44 -32.79
N GLU G 376 32.54 22.18 -31.67
CA GLU G 376 32.55 21.53 -30.36
C GLU G 376 31.32 20.67 -30.16
N LEU G 377 30.14 21.18 -30.58
CA LEU G 377 28.92 20.40 -30.46
C LEU G 377 28.97 19.15 -31.36
N GLN G 378 29.54 19.29 -32.56
CA GLN G 378 29.66 18.14 -33.45
C GLN G 378 30.61 17.09 -32.86
N LYS G 379 31.72 17.53 -32.28
CA LYS G 379 32.65 16.59 -31.66
C LYS G 379 32.01 15.91 -30.45
N MET G 380 31.23 16.64 -29.64
CA MET G 380 30.54 16.02 -28.52
C MET G 380 29.50 15.02 -29.00
N TRP G 381 28.80 15.33 -30.08
CA TRP G 381 27.82 14.39 -30.64
C TRP G 381 28.51 13.13 -31.14
N ILE G 382 29.65 13.27 -31.82
CA ILE G 382 30.39 12.11 -32.29
C ILE G 382 30.89 11.27 -31.11
N LEU G 383 31.39 11.93 -30.07
CA LEU G 383 31.87 11.21 -28.89
C LEU G 383 30.72 10.46 -28.21
N ARG G 384 29.54 11.07 -28.14
CA ARG G 384 28.40 10.39 -27.55
C ARG G 384 27.96 9.19 -28.40
N LYS G 385 27.98 9.35 -29.73
CA LYS G 385 27.58 8.25 -30.60
C LYS G 385 28.60 7.11 -30.56
N ILE G 386 29.86 7.42 -30.27
CA ILE G 386 30.86 6.37 -30.13
C ILE G 386 30.77 5.70 -28.77
N ILE G 387 30.47 6.47 -27.72
CA ILE G 387 30.42 5.93 -26.37
C ILE G 387 29.15 5.12 -26.13
N HIS G 388 28.03 5.52 -26.73
CA HIS G 388 26.74 4.89 -26.47
C HIS G 388 26.74 3.36 -26.65
N PRO G 389 27.31 2.78 -27.70
CA PRO G 389 27.27 1.30 -27.80
C PRO G 389 28.00 0.60 -26.68
N MET G 390 29.12 1.14 -26.21
CA MET G 390 29.90 0.48 -25.18
C MET G 390 29.19 0.54 -23.84
N GLY G 391 29.52 -0.40 -22.96
CA GLY G 391 28.96 -0.42 -21.62
C GLY G 391 29.46 0.72 -20.76
N GLU G 392 28.79 0.91 -19.63
CA GLU G 392 29.10 2.03 -18.75
C GLU G 392 30.53 1.96 -18.24
N ILE G 393 30.91 0.83 -17.64
CA ILE G 393 32.25 0.68 -17.10
C ILE G 393 33.29 0.74 -18.22
N ASP G 394 33.01 0.06 -19.34
CA ASP G 394 33.93 0.08 -20.48
C ASP G 394 34.08 1.49 -21.04
N ALA G 395 32.97 2.23 -21.16
CA ALA G 395 33.05 3.59 -21.68
C ALA G 395 33.84 4.49 -20.73
N MET G 396 33.64 4.32 -19.43
CA MET G 396 34.37 5.13 -18.46
C MET G 396 35.87 4.81 -18.51
N GLU G 397 36.22 3.54 -18.61
CA GLU G 397 37.63 3.17 -18.73
C GLU G 397 38.24 3.73 -20.01
N PHE G 398 37.52 3.65 -21.12
CA PHE G 398 37.99 4.20 -22.38
C PHE G 398 38.21 5.71 -22.27
N LEU G 399 37.24 6.42 -21.69
CA LEU G 399 37.36 7.86 -21.55
C LEU G 399 38.54 8.24 -20.66
N ILE G 400 38.73 7.51 -19.55
CA ILE G 400 39.85 7.82 -18.66
C ILE G 400 41.18 7.56 -19.36
N ASN G 401 41.29 6.43 -20.07
CA ASN G 401 42.54 6.10 -20.74
C ASN G 401 42.84 7.06 -21.87
N LYS G 402 41.80 7.62 -22.49
CA LYS G 402 42.02 8.57 -23.59
C LYS G 402 42.29 9.98 -23.08
N LEU G 403 41.73 10.35 -21.93
CA LEU G 403 42.00 11.67 -21.37
C LEU G 403 43.32 11.70 -20.61
N ALA G 404 43.82 10.56 -20.16
CA ALA G 404 45.11 10.54 -19.49
C ALA G 404 46.27 10.76 -20.45
N MET G 405 46.06 10.56 -21.75
CA MET G 405 47.14 10.72 -22.72
C MET G 405 47.48 12.17 -22.96
N THR G 406 46.48 13.06 -22.92
CA THR G 406 46.67 14.47 -23.21
C THR G 406 46.22 15.32 -22.03
N LYS G 407 46.42 16.63 -22.14
CA LYS G 407 46.03 17.56 -21.10
C LYS G 407 44.70 18.25 -21.40
N THR G 408 44.46 18.60 -22.67
CA THR G 408 43.25 19.28 -23.07
C THR G 408 42.37 18.35 -23.89
N ASN G 409 41.06 18.60 -23.84
CA ASN G 409 40.12 17.77 -24.58
C ASN G 409 40.16 18.06 -26.07
N ASP G 410 40.69 19.22 -26.46
CA ASP G 410 40.79 19.54 -27.88
C ASP G 410 41.73 18.58 -28.60
N ASP G 411 42.84 18.22 -27.96
CA ASP G 411 43.74 17.24 -28.54
C ASP G 411 43.08 15.87 -28.67
N PHE G 412 42.30 15.47 -27.68
CA PHE G 412 41.56 14.21 -27.76
C PHE G 412 40.57 14.23 -28.92
N PHE G 413 39.83 15.33 -29.07
CA PHE G 413 38.87 15.43 -30.17
C PHE G 413 39.59 15.42 -31.52
N GLU G 414 40.75 16.07 -31.60
CA GLU G 414 41.50 16.07 -32.86
C GLU G 414 42.07 14.70 -33.18
N MET G 415 42.45 13.93 -32.15
CA MET G 415 42.98 12.59 -32.39
C MET G 415 41.88 11.57 -32.67
N MET G 416 40.65 11.85 -32.24
CA MET G 416 39.55 10.92 -32.52
C MET G 416 39.24 10.88 -34.00
N LYS G 417 39.38 12.00 -34.69
CA LYS G 417 39.11 12.06 -36.13
C LYS G 417 40.24 11.40 -36.92
#